data_3K28
#
_entry.id   3K28
#
_cell.length_a   149.809
_cell.length_b   113.688
_cell.length_c   113.955
_cell.angle_alpha   90.00
_cell.angle_beta   118.65
_cell.angle_gamma   90.00
#
_symmetry.space_group_name_H-M   'C 1 2 1'
#
loop_
_entity.id
_entity.type
_entity.pdbx_description
1 polymer 'Glutamate-1-semialdehyde 2,1-aminomutase 2'
2 non-polymer "PYRIDOXAL-5'-PHOSPHATE"
3 non-polymer 'CALCIUM ION'
4 non-polymer 'CHLORIDE ION'
5 water water
#
_entity_poly.entity_id   1
_entity_poly.type   'polypeptide(L)'
_entity_poly.pdbx_seq_one_letter_code
;(MSE)RKFDKSIAAFEEAQDL(MSE)PGGVNSPVRAFKSVG(MSE)NPLF(MSE)ERGKGSKVYDIDGNEYIDYVLSWGP
LIHGHANDRVVEALKAVAERGTSFGAPTEIENKLAKLVIERVPSIEIVR(MSE)VNSGTEAT(MSE)SALRLARGYTGRN
KILKFIGCYHGHGDSLLIKAGSGVATLGLPDSPGVPEGVAKNTITVAYNDLESVKYAFEQFGDDIACVIVEPVAGN
(MSE)GVVPPQPGFLEGLREVTEQNGALLIFDEV(MSE)TGFRVAYNCGQGYYGVTPDLTCLGKVIGGGLPVGAYGGKAE
I(MSE)RQVAPSGPIYQAGTLSGNPLA(MSE)AAGYETLVQLTPESYVEFERKAE(MSE)LEAGLRKAAEKHGIPHHINR
AGS(MSE)IGIFFTDEPVINYDAAKSSNLQFFAAYYRE(MSE)VEQGVFLPPSQFEGLFLSTVHSDADIEATIAAAEIA
(MSE)SKLKA
;
_entity_poly.pdbx_strand_id   A,B,C,D
#
# COMPACT_ATOMS: atom_id res chain seq x y z
N ARG A 2 -2.38 26.68 1.48
CA ARG A 2 -3.44 25.93 0.78
C ARG A 2 -4.08 24.89 1.68
N LYS A 3 -5.42 24.76 1.60
CA LYS A 3 -6.16 23.79 2.41
C LYS A 3 -6.63 22.64 1.53
N PHE A 4 -6.55 21.41 2.03
CA PHE A 4 -6.94 20.23 1.26
C PHE A 4 -8.01 19.42 1.99
N ASP A 5 -8.71 20.06 2.94
CA ASP A 5 -9.76 19.41 3.76
C ASP A 5 -10.76 18.57 2.95
N LYS A 6 -11.38 19.20 1.93
CA LYS A 6 -12.39 18.51 1.11
C LYS A 6 -11.81 17.30 0.37
N SER A 7 -10.58 17.44 -0.16
CA SER A 7 -9.90 16.31 -0.84
C SER A 7 -9.61 15.20 0.11
N ILE A 8 -9.18 15.53 1.33
CA ILE A 8 -8.89 14.53 2.38
C ILE A 8 -10.18 13.71 2.68
N ALA A 9 -11.33 14.40 2.89
CA ALA A 9 -12.59 13.72 3.17
C ALA A 9 -13.07 12.85 1.99
N ALA A 10 -12.93 13.34 0.76
CA ALA A 10 -13.32 12.56 -0.41
C ALA A 10 -12.44 11.33 -0.59
N PHE A 11 -11.16 11.43 -0.21
CA PHE A 11 -10.28 10.26 -0.30
C PHE A 11 -10.57 9.20 0.77
N GLU A 12 -11.08 9.60 1.93
CA GLU A 12 -11.50 8.68 2.99
C GLU A 12 -12.63 7.80 2.45
N GLU A 13 -13.58 8.42 1.72
CA GLU A 13 -14.68 7.74 1.04
C GLU A 13 -14.16 6.81 -0.05
N ALA A 14 -13.26 7.34 -0.91
CA ALA A 14 -12.69 6.58 -2.05
C ALA A 14 -12.01 5.33 -1.60
N GLN A 15 -11.26 5.38 -0.49
CA GLN A 15 -10.53 4.21 0.02
C GLN A 15 -11.38 3.01 0.41
N ASP A 16 -12.67 3.24 0.60
CA ASP A 16 -13.59 2.15 0.94
C ASP A 16 -14.30 1.64 -0.29
N LEU A 17 -13.94 2.14 -1.49
CA LEU A 17 -14.67 1.81 -2.71
C LEU A 17 -13.85 1.16 -3.82
N PRO A 19 -9.56 -0.09 -5.20
CA PRO A 19 -8.24 -0.50 -4.68
C PRO A 19 -7.34 0.71 -4.55
N GLY A 20 -6.86 0.95 -3.32
CA GLY A 20 -6.04 2.10 -3.00
C GLY A 20 -6.79 3.42 -3.14
N GLY A 21 -8.13 3.35 -3.21
CA GLY A 21 -8.97 4.52 -3.39
C GLY A 21 -8.91 5.18 -4.76
N VAL A 22 -8.42 4.51 -5.80
CA VAL A 22 -8.27 5.12 -7.15
C VAL A 22 -8.62 4.18 -8.27
N ASN A 23 -8.83 4.75 -9.49
CA ASN A 23 -9.09 3.99 -10.72
C ASN A 23 -7.82 3.79 -11.57
N SER A 24 -6.67 4.36 -11.12
CA SER A 24 -5.37 4.18 -11.80
C SER A 24 -4.30 4.50 -10.77
N PRO A 25 -3.25 3.70 -10.67
CA PRO A 25 -2.34 3.77 -9.54
C PRO A 25 -1.68 5.11 -9.27
N VAL A 26 -1.26 5.79 -10.29
CA VAL A 26 -0.59 7.06 -10.07
C VAL A 26 -1.47 8.14 -9.37
N ARG A 27 -2.79 8.02 -9.46
CA ARG A 27 -3.72 8.98 -8.86
C ARG A 27 -3.73 8.97 -7.34
N ALA A 28 -3.06 7.98 -6.69
CA ALA A 28 -3.02 7.94 -5.22
C ALA A 28 -1.91 8.85 -4.63
N PHE A 29 -1.04 9.46 -5.47
CA PHE A 29 0.02 10.41 -5.08
C PHE A 29 1.03 9.78 -4.12
N LYS A 30 1.20 8.45 -4.19
CA LYS A 30 2.11 7.76 -3.29
C LYS A 30 3.57 8.11 -3.49
N SER A 31 3.99 8.38 -4.74
CA SER A 31 5.39 8.75 -5.04
C SER A 31 5.84 10.04 -4.33
N VAL A 32 4.89 10.94 -4.02
CA VAL A 32 5.20 12.23 -3.39
C VAL A 32 4.75 12.31 -1.92
N GLY A 33 4.09 11.25 -1.44
CA GLY A 33 3.61 11.13 -0.07
C GLY A 33 2.67 12.26 0.34
N ASN A 35 -1.55 13.96 0.24
CA ASN A 35 -2.97 13.61 0.11
C ASN A 35 -3.36 13.88 -1.36
N PRO A 36 -4.01 12.93 -2.03
CA PRO A 36 -4.41 13.14 -3.44
C PRO A 36 -5.34 14.34 -3.63
N LEU A 37 -5.12 15.09 -4.68
CA LEU A 37 -5.95 16.25 -5.01
C LEU A 37 -7.16 15.79 -5.79
N PHE A 38 -8.38 16.15 -5.31
CA PHE A 38 -9.59 15.80 -6.05
C PHE A 38 -9.92 16.97 -6.94
N GLU A 40 -12.30 19.23 -9.53
CA GLU A 40 -13.70 19.61 -9.73
C GLU A 40 -13.94 20.05 -11.18
N ARG A 41 -13.08 20.92 -11.70
CA ARG A 41 -13.25 21.46 -13.04
C ARG A 41 -11.94 21.95 -13.61
N GLY A 42 -11.95 22.21 -14.91
CA GLY A 42 -10.79 22.77 -15.59
C GLY A 42 -11.22 23.73 -16.67
N LYS A 43 -10.33 24.66 -17.03
CA LYS A 43 -10.58 25.54 -18.17
C LYS A 43 -9.25 25.98 -18.70
N GLY A 44 -8.95 25.59 -19.94
CA GLY A 44 -7.68 25.88 -20.59
C GLY A 44 -6.56 25.18 -19.84
N SER A 45 -5.50 25.94 -19.51
CA SER A 45 -4.37 25.42 -18.76
C SER A 45 -4.62 25.45 -17.23
N LYS A 46 -5.86 25.77 -16.78
CA LYS A 46 -6.13 25.84 -15.34
C LYS A 46 -7.00 24.70 -14.85
N VAL A 47 -6.64 24.14 -13.69
CA VAL A 47 -7.42 23.04 -13.10
C VAL A 47 -7.72 23.43 -11.66
N TYR A 48 -8.92 23.05 -11.15
CA TYR A 48 -9.39 23.47 -9.84
C TYR A 48 -9.70 22.28 -8.97
N ASP A 49 -9.19 22.27 -7.74
CA ASP A 49 -9.52 21.15 -6.88
C ASP A 49 -10.86 21.42 -6.17
N ILE A 50 -11.36 20.44 -5.41
CA ILE A 50 -12.64 20.58 -4.70
C ILE A 50 -12.60 21.56 -3.52
N ASP A 51 -11.40 21.96 -3.06
CA ASP A 51 -11.22 22.98 -2.03
C ASP A 51 -11.16 24.40 -2.65
N GLY A 52 -11.35 24.49 -3.96
CA GLY A 52 -11.31 25.76 -4.67
C GLY A 52 -9.93 26.28 -5.03
N ASN A 53 -8.87 25.48 -4.83
CA ASN A 53 -7.50 25.89 -5.21
C ASN A 53 -7.32 25.83 -6.73
N GLU A 54 -6.58 26.78 -7.28
CA GLU A 54 -6.35 26.90 -8.68
C GLU A 54 -4.93 26.48 -8.99
N TYR A 55 -4.74 25.74 -10.08
CA TYR A 55 -3.39 25.29 -10.47
C TYR A 55 -3.17 25.45 -11.93
N ILE A 56 -1.91 25.74 -12.30
CA ILE A 56 -1.51 25.69 -13.69
C ILE A 56 -1.26 24.19 -13.92
N ASP A 57 -1.93 23.64 -14.93
CA ASP A 57 -1.90 22.21 -15.18
C ASP A 57 -0.82 21.76 -16.18
N TYR A 58 0.14 20.95 -15.72
CA TYR A 58 1.13 20.30 -16.58
C TYR A 58 0.92 18.78 -16.60
N VAL A 59 -0.24 18.31 -16.12
CA VAL A 59 -0.59 16.87 -16.16
C VAL A 59 -1.45 16.66 -17.39
N LEU A 60 -2.46 17.54 -17.59
CA LEU A 60 -3.36 17.46 -18.77
C LEU A 60 -3.87 16.02 -18.97
N SER A 61 -4.37 15.41 -17.86
CA SER A 61 -4.89 14.03 -17.82
C SER A 61 -3.84 12.99 -18.22
N TRP A 62 -2.53 13.32 -18.06
CA TRP A 62 -1.36 12.48 -18.41
C TRP A 62 -1.11 12.42 -19.90
N GLY A 63 -1.43 13.52 -20.60
CA GLY A 63 -1.16 13.63 -22.03
C GLY A 63 -2.34 13.98 -22.93
N PRO A 64 -3.57 13.45 -22.73
CA PRO A 64 -4.67 13.73 -23.68
C PRO A 64 -5.06 15.16 -24.01
N LEU A 65 -4.99 16.05 -23.03
CA LEU A 65 -5.49 17.40 -23.16
C LEU A 65 -4.56 18.39 -23.82
N ILE A 66 -4.27 18.15 -25.11
CA ILE A 66 -3.34 18.94 -25.92
C ILE A 66 -3.81 20.41 -26.07
N HIS A 67 -5.11 20.67 -25.94
CA HIS A 67 -5.70 22.02 -25.99
C HIS A 67 -6.25 22.41 -24.62
N GLY A 68 -5.79 21.75 -23.56
CA GLY A 68 -6.26 21.99 -22.20
C GLY A 68 -7.67 21.49 -21.96
N HIS A 69 -8.28 21.99 -20.88
CA HIS A 69 -9.60 21.58 -20.45
C HIS A 69 -10.70 22.33 -21.16
N ALA A 70 -11.76 21.58 -21.47
CA ALA A 70 -13.00 22.13 -22.03
C ALA A 70 -12.76 23.08 -23.23
N ASN A 71 -11.97 22.62 -24.22
CA ASN A 71 -11.73 23.43 -25.43
C ASN A 71 -13.11 23.68 -26.10
N ASP A 72 -13.46 24.95 -26.38
CA ASP A 72 -14.78 25.31 -26.94
C ASP A 72 -15.25 24.47 -28.13
N ARG A 73 -14.41 24.32 -29.14
CA ARG A 73 -14.71 23.54 -30.35
C ARG A 73 -14.99 22.06 -30.03
N VAL A 74 -14.20 21.46 -29.14
CA VAL A 74 -14.38 20.07 -28.72
C VAL A 74 -15.70 19.93 -27.94
N VAL A 75 -15.95 20.84 -26.99
CA VAL A 75 -17.16 20.83 -26.17
C VAL A 75 -18.42 20.92 -27.03
N GLU A 76 -18.46 21.87 -27.98
CA GLU A 76 -19.63 22.05 -28.84
C GLU A 76 -19.90 20.81 -29.70
N ALA A 77 -18.83 20.17 -30.21
CA ALA A 77 -18.96 18.95 -31.01
C ALA A 77 -19.49 17.79 -30.15
N LEU A 78 -19.04 17.67 -28.89
CA LEU A 78 -19.51 16.63 -27.97
C LEU A 78 -21.00 16.84 -27.69
N LYS A 79 -21.42 18.10 -27.40
CA LYS A 79 -22.82 18.42 -27.11
C LYS A 79 -23.70 18.11 -28.33
N ALA A 80 -23.27 18.45 -29.55
CA ALA A 80 -24.01 18.18 -30.79
C ALA A 80 -24.19 16.67 -31.05
N VAL A 81 -23.13 15.86 -30.86
CA VAL A 81 -23.21 14.39 -30.99
C VAL A 81 -24.11 13.79 -29.91
N ALA A 82 -23.91 14.19 -28.61
CA ALA A 82 -24.70 13.64 -27.52
C ALA A 82 -26.20 13.71 -27.82
N GLU A 83 -26.69 14.86 -28.36
CA GLU A 83 -28.13 15.05 -28.68
C GLU A 83 -28.64 14.09 -29.75
N ARG A 84 -27.72 13.56 -30.60
CA ARG A 84 -28.06 12.66 -31.73
C ARG A 84 -27.75 11.17 -31.48
N GLY A 85 -27.12 10.86 -30.37
CA GLY A 85 -26.77 9.49 -30.04
C GLY A 85 -25.26 9.32 -30.05
N THR A 86 -24.72 8.78 -28.95
CA THR A 86 -23.27 8.65 -28.77
C THR A 86 -22.66 7.38 -29.35
N SER A 87 -23.47 6.35 -29.64
CA SER A 87 -22.94 5.05 -30.09
C SER A 87 -24.05 4.30 -30.83
N PHE A 88 -23.74 3.64 -31.96
CA PHE A 88 -24.77 2.96 -32.74
C PHE A 88 -24.59 1.46 -32.94
N GLY A 89 -23.34 1.00 -32.91
CA GLY A 89 -23.07 -0.41 -33.15
C GLY A 89 -23.17 -0.76 -34.63
N ALA A 90 -23.12 0.26 -35.47
CA ALA A 90 -23.14 0.15 -36.93
C ALA A 90 -22.23 1.26 -37.45
N PRO A 91 -21.72 1.19 -38.70
CA PRO A 91 -20.82 2.24 -39.19
C PRO A 91 -21.41 3.64 -39.16
N THR A 92 -20.53 4.65 -39.03
CA THR A 92 -20.94 6.07 -39.06
C THR A 92 -19.97 6.79 -39.97
N GLU A 93 -20.40 7.89 -40.58
CA GLU A 93 -19.54 8.71 -41.44
C GLU A 93 -18.42 9.42 -40.67
N ILE A 94 -18.64 9.73 -39.39
CA ILE A 94 -17.62 10.42 -38.58
C ILE A 94 -16.36 9.55 -38.39
N GLU A 95 -16.55 8.23 -38.37
CA GLU A 95 -15.43 7.27 -38.27
C GLU A 95 -14.55 7.40 -39.50
N ASN A 96 -15.17 7.61 -40.69
CA ASN A 96 -14.43 7.80 -41.93
C ASN A 96 -13.62 9.07 -41.84
N LYS A 97 -14.26 10.14 -41.35
CA LYS A 97 -13.61 11.46 -41.26
C LYS A 97 -12.35 11.44 -40.37
N LEU A 98 -12.43 10.81 -39.18
CA LEU A 98 -11.24 10.71 -38.32
C LEU A 98 -10.19 9.77 -38.89
N ALA A 99 -10.62 8.62 -39.43
CA ALA A 99 -9.67 7.67 -40.01
C ALA A 99 -8.84 8.35 -41.11
N LYS A 100 -9.51 9.11 -42.03
CA LYS A 100 -8.83 9.87 -43.09
C LYS A 100 -7.76 10.84 -42.52
N LEU A 101 -8.12 11.60 -41.47
CA LEU A 101 -7.21 12.58 -40.86
C LEU A 101 -5.99 11.90 -40.24
N VAL A 102 -6.22 10.80 -39.51
CA VAL A 102 -5.14 10.03 -38.89
C VAL A 102 -4.17 9.48 -39.94
N ILE A 103 -4.70 8.92 -41.04
CA ILE A 103 -3.90 8.35 -42.13
C ILE A 103 -2.98 9.44 -42.75
N GLU A 104 -3.54 10.63 -42.94
CA GLU A 104 -2.81 11.79 -43.49
C GLU A 104 -1.77 12.33 -42.52
N ARG A 105 -2.08 12.35 -41.22
CA ARG A 105 -1.20 12.89 -40.18
C ARG A 105 -0.05 11.95 -39.77
N VAL A 106 -0.28 10.62 -39.78
CA VAL A 106 0.72 9.67 -39.29
C VAL A 106 1.36 8.98 -40.47
N PRO A 107 2.69 9.19 -40.70
CA PRO A 107 3.35 8.63 -41.90
C PRO A 107 3.14 7.15 -42.19
N SER A 108 3.44 6.28 -41.21
CA SER A 108 3.33 4.83 -41.40
C SER A 108 1.90 4.31 -41.61
N ILE A 109 0.88 5.08 -41.19
CA ILE A 109 -0.50 4.58 -41.23
C ILE A 109 -1.13 4.73 -42.61
N GLU A 110 -1.47 3.59 -43.21
CA GLU A 110 -2.20 3.55 -44.49
C GLU A 110 -3.63 3.08 -44.20
N ILE A 111 -3.79 2.13 -43.23
CA ILE A 111 -5.10 1.59 -42.81
C ILE A 111 -5.10 1.68 -41.29
N VAL A 112 -6.24 2.06 -40.70
CA VAL A 112 -6.28 2.27 -39.26
C VAL A 112 -7.47 1.55 -38.59
N ARG A 113 -7.34 1.21 -37.32
CA ARG A 113 -8.44 0.57 -36.59
C ARG A 113 -8.55 1.28 -35.25
N VAL A 115 -9.81 1.80 -31.37
CA VAL A 115 -10.03 0.99 -30.17
C VAL A 115 -10.38 1.98 -29.05
N ASN A 116 -10.49 1.53 -27.82
CA ASN A 116 -10.81 2.37 -26.69
C ASN A 116 -9.72 2.85 -25.73
N SER A 117 -8.50 2.44 -25.96
CA SER A 117 -7.39 2.83 -25.07
C SER A 117 -6.06 2.49 -25.71
N GLY A 118 -4.97 3.00 -25.13
CA GLY A 118 -3.63 2.65 -25.59
C GLY A 118 -3.32 1.19 -25.29
N THR A 119 -3.86 0.65 -24.17
CA THR A 119 -3.65 -0.77 -23.79
C THR A 119 -4.27 -1.67 -24.87
N GLU A 120 -5.47 -1.31 -25.34
CA GLU A 120 -6.13 -2.08 -26.41
C GLU A 120 -5.35 -1.99 -27.70
N ALA A 121 -4.77 -0.84 -27.98
CA ALA A 121 -3.99 -0.62 -29.22
C ALA A 121 -2.72 -1.46 -29.25
N THR A 122 -1.93 -1.46 -28.16
CA THR A 122 -0.65 -2.19 -28.14
C THR A 122 -0.86 -3.67 -28.09
N SER A 124 -3.32 -5.33 -29.33
CA SER A 124 -3.81 -5.68 -30.68
C SER A 124 -2.68 -5.69 -31.70
N ALA A 125 -1.76 -4.70 -31.62
CA ALA A 125 -0.61 -4.62 -32.54
C ALA A 125 0.32 -5.78 -32.33
N LEU A 126 0.52 -6.22 -31.05
CA LEU A 126 1.38 -7.39 -30.80
C LEU A 126 0.76 -8.63 -31.41
N ARG A 127 -0.56 -8.82 -31.24
CA ARG A 127 -1.26 -9.98 -31.79
C ARG A 127 -1.17 -9.98 -33.33
N LEU A 128 -1.35 -8.80 -33.94
CA LEU A 128 -1.23 -8.62 -35.39
C LEU A 128 0.21 -8.94 -35.86
N ALA A 129 1.23 -8.45 -35.15
CA ALA A 129 2.60 -8.72 -35.54
C ALA A 129 2.91 -10.23 -35.46
N ARG A 130 2.45 -10.89 -34.40
CA ARG A 130 2.66 -12.34 -34.23
C ARG A 130 1.94 -13.14 -35.31
N GLY A 131 0.69 -12.77 -35.60
CA GLY A 131 -0.10 -13.42 -36.64
C GLY A 131 0.44 -13.19 -38.04
N TYR A 132 0.85 -11.95 -38.36
CA TYR A 132 1.39 -11.59 -39.67
C TYR A 132 2.72 -12.29 -39.98
N THR A 133 3.60 -12.36 -39.00
CA THR A 133 4.91 -12.99 -39.19
C THR A 133 4.92 -14.50 -38.91
N GLY A 134 3.92 -15.00 -38.19
CA GLY A 134 3.90 -16.40 -37.75
C GLY A 134 4.97 -16.67 -36.70
N ARG A 135 5.31 -15.65 -35.88
CA ARG A 135 6.37 -15.78 -34.86
C ARG A 135 5.83 -15.52 -33.47
N ASN A 136 6.54 -15.98 -32.43
CA ASN A 136 6.09 -15.91 -31.06
C ASN A 136 6.61 -14.78 -30.21
N LYS A 137 7.86 -14.39 -30.38
CA LYS A 137 8.48 -13.45 -29.44
C LYS A 137 8.33 -11.99 -29.77
N ILE A 138 8.36 -11.15 -28.73
CA ILE A 138 8.29 -9.72 -28.90
C ILE A 138 9.44 -9.14 -28.11
N LEU A 139 10.03 -8.08 -28.62
CA LEU A 139 11.12 -7.44 -27.90
C LEU A 139 10.67 -6.06 -27.45
N LYS A 140 10.88 -5.73 -26.17
CA LYS A 140 10.56 -4.41 -25.65
C LYS A 140 11.73 -3.91 -24.82
N PHE A 141 11.63 -2.67 -24.34
CA PHE A 141 12.67 -2.03 -23.56
C PHE A 141 12.37 -1.91 -22.08
N ILE A 142 13.41 -2.05 -21.27
CA ILE A 142 13.33 -2.00 -19.80
C ILE A 142 12.91 -0.60 -19.40
N GLY A 143 11.96 -0.50 -18.48
CA GLY A 143 11.47 0.78 -17.97
C GLY A 143 10.40 1.40 -18.85
N CYS A 144 9.96 0.69 -19.90
CA CYS A 144 8.97 1.22 -20.80
C CYS A 144 7.62 0.55 -20.58
N TYR A 145 6.57 1.37 -20.57
CA TYR A 145 5.20 0.95 -20.34
C TYR A 145 4.42 1.10 -21.63
N HIS A 146 3.67 0.06 -21.99
CA HIS A 146 2.88 0.01 -23.23
C HIS A 146 1.42 -0.33 -22.93
N GLY A 147 1.04 -0.23 -21.69
CA GLY A 147 -0.32 -0.59 -21.29
C GLY A 147 -0.21 -1.92 -20.57
N HIS A 148 -1.33 -2.41 -20.06
CA HIS A 148 -1.31 -3.62 -19.23
C HIS A 148 -1.57 -4.99 -19.88
N GLY A 149 -1.41 -5.09 -21.21
CA GLY A 149 -1.47 -6.41 -21.87
C GLY A 149 -0.39 -7.29 -21.24
N ASP A 150 -0.68 -8.56 -20.87
CA ASP A 150 0.28 -9.45 -20.16
C ASP A 150 1.70 -9.51 -20.72
N SER A 151 1.83 -9.66 -22.06
CA SER A 151 3.13 -9.74 -22.76
C SER A 151 3.99 -8.49 -22.50
N LEU A 152 3.32 -7.37 -22.22
CA LEU A 152 3.97 -6.07 -22.04
C LEU A 152 4.26 -5.71 -20.61
N LEU A 153 3.74 -6.48 -19.65
CA LEU A 153 3.97 -6.22 -18.22
C LEU A 153 5.30 -6.78 -17.67
N ILE A 154 6.28 -6.98 -18.55
CA ILE A 154 7.61 -7.49 -18.19
C ILE A 154 8.57 -6.29 -18.17
N LYS A 155 9.21 -6.01 -17.01
CA LYS A 155 10.15 -4.88 -16.80
C LYS A 155 9.53 -3.56 -17.30
N ALA A 156 8.31 -3.26 -16.85
CA ALA A 156 7.56 -2.08 -17.31
C ALA A 156 7.83 -0.79 -16.52
N GLY A 157 8.84 -0.80 -15.66
CA GLY A 157 9.31 0.40 -14.95
C GLY A 157 8.48 0.90 -13.79
N SER A 158 8.72 2.20 -13.47
CA SER A 158 8.13 2.97 -12.37
C SER A 158 6.62 2.77 -12.19
N GLY A 159 6.26 2.23 -11.02
CA GLY A 159 4.88 1.93 -10.67
C GLY A 159 4.54 0.47 -10.86
N VAL A 160 5.01 -0.13 -11.97
CA VAL A 160 4.76 -1.53 -12.30
C VAL A 160 5.66 -2.47 -11.48
N PRO A 166 9.00 -7.73 -7.86
CA PRO A 166 9.30 -8.23 -9.22
C PRO A 166 8.35 -7.63 -10.28
N ASP A 167 8.25 -8.33 -11.45
CA ASP A 167 7.32 -7.95 -12.52
C ASP A 167 5.96 -8.39 -12.02
N SER A 168 4.89 -7.67 -12.40
CA SER A 168 3.54 -8.01 -11.93
C SER A 168 3.24 -9.52 -11.79
N PRO A 169 2.77 -9.96 -10.61
CA PRO A 169 2.29 -11.36 -10.50
C PRO A 169 1.01 -11.49 -11.38
N GLY A 170 0.53 -12.70 -11.58
CA GLY A 170 -0.63 -12.94 -12.44
C GLY A 170 -0.31 -13.13 -13.90
N VAL A 171 0.96 -12.98 -14.29
CA VAL A 171 1.40 -13.16 -15.67
C VAL A 171 2.12 -14.50 -15.73
N PRO A 172 1.56 -15.54 -16.41
CA PRO A 172 2.25 -16.86 -16.39
C PRO A 172 3.59 -16.86 -17.10
N GLU A 173 4.44 -17.86 -16.77
CA GLU A 173 5.72 -18.12 -17.44
C GLU A 173 5.51 -18.32 -18.95
N GLY A 174 4.37 -18.93 -19.33
CA GLY A 174 3.99 -19.16 -20.71
C GLY A 174 3.92 -17.87 -21.53
N VAL A 175 3.62 -16.76 -20.86
CA VAL A 175 3.63 -15.41 -21.46
C VAL A 175 5.05 -14.83 -21.36
N ALA A 176 5.61 -14.75 -20.12
CA ALA A 176 6.95 -14.14 -19.88
C ALA A 176 8.04 -14.66 -20.80
N LYS A 177 8.03 -15.98 -21.11
CA LYS A 177 9.05 -16.61 -21.96
C LYS A 177 9.11 -16.05 -23.36
N ASN A 178 7.99 -15.46 -23.87
CA ASN A 178 7.95 -14.91 -25.21
C ASN A 178 8.19 -13.37 -25.30
N THR A 179 8.62 -12.78 -24.20
CA THR A 179 8.99 -11.37 -24.16
C THR A 179 10.46 -11.27 -23.80
N ILE A 180 11.22 -10.62 -24.67
CA ILE A 180 12.63 -10.31 -24.49
C ILE A 180 12.68 -8.83 -24.07
N THR A 181 13.52 -8.51 -23.10
CA THR A 181 13.68 -7.14 -22.60
C THR A 181 15.13 -6.70 -22.70
N VAL A 182 15.35 -5.47 -23.19
CA VAL A 182 16.68 -4.88 -23.42
C VAL A 182 16.65 -3.45 -22.85
N ALA A 183 17.80 -2.87 -22.42
CA ALA A 183 17.80 -1.48 -21.95
C ALA A 183 17.45 -0.53 -23.11
N TYR A 184 16.60 0.47 -22.83
CA TYR A 184 16.26 1.49 -23.83
C TYR A 184 17.59 2.14 -24.21
N ASN A 185 17.74 2.51 -25.48
CA ASN A 185 18.95 3.13 -26.05
C ASN A 185 20.14 2.18 -26.21
N ASP A 186 19.94 0.87 -25.95
CA ASP A 186 21.02 -0.11 -26.06
C ASP A 186 20.85 -0.89 -27.35
N LEU A 187 21.28 -0.29 -28.47
CA LEU A 187 21.14 -0.92 -29.78
C LEU A 187 21.87 -2.25 -29.88
N GLU A 188 23.13 -2.32 -29.38
CA GLU A 188 23.91 -3.56 -29.48
C GLU A 188 23.23 -4.74 -28.82
N SER A 189 22.57 -4.52 -27.67
CA SER A 189 21.86 -5.61 -27.01
C SER A 189 20.65 -6.09 -27.78
N VAL A 190 20.01 -5.20 -28.60
CA VAL A 190 18.91 -5.61 -29.50
C VAL A 190 19.55 -6.56 -30.58
N LYS A 191 20.69 -6.12 -31.13
CA LYS A 191 21.41 -6.91 -32.16
C LYS A 191 21.78 -8.28 -31.60
N TYR A 192 22.25 -8.35 -30.35
CA TYR A 192 22.60 -9.64 -29.72
C TYR A 192 21.38 -10.50 -29.51
N ALA A 193 20.23 -9.91 -29.15
CA ALA A 193 18.99 -10.69 -29.00
C ALA A 193 18.60 -11.33 -30.34
N PHE A 194 18.79 -10.60 -31.46
CA PHE A 194 18.46 -11.13 -32.79
C PHE A 194 19.37 -12.32 -33.20
N GLU A 195 20.59 -12.36 -32.65
CA GLU A 195 21.58 -13.44 -32.89
C GLU A 195 21.07 -14.76 -32.34
N GLN A 196 20.29 -14.71 -31.25
CA GLN A 196 19.70 -15.88 -30.59
C GLN A 196 18.27 -16.19 -31.05
N PHE A 197 17.44 -15.18 -31.17
CA PHE A 197 16.01 -15.31 -31.43
C PHE A 197 15.51 -14.76 -32.77
N GLY A 198 16.39 -14.42 -33.68
CA GLY A 198 16.07 -13.52 -34.71
C GLY A 198 14.90 -13.98 -35.58
N ASP A 199 14.82 -15.23 -35.96
CA ASP A 199 13.72 -15.63 -36.80
C ASP A 199 12.40 -15.99 -36.08
N ASP A 200 12.37 -15.84 -34.77
CA ASP A 200 11.17 -16.05 -33.96
C ASP A 200 10.76 -14.73 -33.27
N ILE A 201 11.37 -13.61 -33.65
CA ILE A 201 10.96 -12.30 -33.12
C ILE A 201 9.92 -11.73 -34.09
N ALA A 202 8.69 -11.61 -33.62
CA ALA A 202 7.59 -11.06 -34.40
C ALA A 202 7.75 -9.55 -34.56
N CYS A 203 8.14 -8.87 -33.49
CA CYS A 203 8.23 -7.44 -33.48
C CYS A 203 9.14 -6.87 -32.41
N VAL A 204 9.63 -5.67 -32.64
CA VAL A 204 10.20 -4.82 -31.67
C VAL A 204 9.17 -3.67 -31.47
N ILE A 205 8.81 -3.44 -30.22
CA ILE A 205 7.97 -2.35 -29.86
C ILE A 205 8.75 -1.34 -29.06
N VAL A 206 8.66 -0.10 -29.50
CA VAL A 206 9.45 0.96 -28.87
C VAL A 206 8.66 2.30 -28.85
N GLU A 207 8.85 3.07 -27.80
CA GLU A 207 8.34 4.45 -27.71
C GLU A 207 9.44 5.30 -28.44
N PRO A 208 9.08 6.16 -29.44
CA PRO A 208 10.12 6.97 -30.13
C PRO A 208 10.85 7.91 -29.18
N VAL A 209 10.15 8.38 -28.14
CA VAL A 209 10.71 9.11 -27.01
C VAL A 209 10.15 8.36 -25.80
N ALA A 210 11.04 7.81 -24.92
CA ALA A 210 10.55 7.09 -23.72
C ALA A 210 9.93 8.12 -22.79
N GLY A 211 8.75 7.79 -22.24
CA GLY A 211 7.98 8.68 -21.37
C GLY A 211 7.61 8.17 -19.99
N ASN A 212 7.76 6.85 -19.71
CA ASN A 212 7.46 6.21 -18.40
C ASN A 212 8.67 6.17 -17.48
N GLY A 214 10.41 8.95 -17.10
CA GLY A 214 10.58 10.38 -17.34
C GLY A 214 10.81 10.47 -18.84
N VAL A 215 11.15 11.65 -19.34
CA VAL A 215 11.37 11.87 -20.79
C VAL A 215 12.78 11.47 -21.12
N VAL A 216 12.94 10.43 -21.94
CA VAL A 216 14.26 9.98 -22.36
C VAL A 216 14.27 9.88 -23.89
N PRO A 217 14.87 10.89 -24.59
CA PRO A 217 14.94 10.85 -26.05
C PRO A 217 15.82 9.69 -26.53
N PRO A 218 15.62 9.23 -27.78
CA PRO A 218 16.47 8.16 -28.31
C PRO A 218 17.87 8.69 -28.60
N GLN A 219 18.87 7.88 -28.39
CA GLN A 219 20.24 8.30 -28.68
C GLN A 219 20.47 8.24 -30.19
N PRO A 220 21.42 9.03 -30.74
CA PRO A 220 21.71 8.94 -32.19
C PRO A 220 21.91 7.50 -32.65
N GLY A 221 21.24 7.14 -33.74
CA GLY A 221 21.35 5.79 -34.32
C GLY A 221 20.49 4.71 -33.70
N PHE A 222 19.80 4.99 -32.57
CA PHE A 222 18.97 3.98 -31.92
C PHE A 222 17.76 3.55 -32.75
N LEU A 223 16.86 4.50 -33.07
CA LEU A 223 15.63 4.16 -33.82
C LEU A 223 15.95 3.66 -35.23
N GLU A 224 16.93 4.28 -35.91
CA GLU A 224 17.36 3.85 -37.24
C GLU A 224 17.90 2.44 -37.16
N GLY A 225 18.66 2.14 -36.09
CA GLY A 225 19.20 0.80 -35.83
C GLY A 225 18.11 -0.23 -35.63
N LEU A 226 17.00 0.13 -34.95
CA LEU A 226 15.86 -0.78 -34.75
C LEU A 226 15.17 -1.07 -36.07
N ARG A 227 15.03 -0.05 -36.93
CA ARG A 227 14.43 -0.22 -38.25
C ARG A 227 15.29 -1.22 -39.12
N GLU A 228 16.63 -1.09 -39.06
N GLU A 228 16.63 -1.10 -39.05
CA GLU A 228 17.59 -1.93 -39.79
CA GLU A 228 17.57 -1.94 -39.80
C GLU A 228 17.50 -3.38 -39.31
C GLU A 228 17.51 -3.40 -39.31
N VAL A 229 17.71 -3.64 -38.00
CA VAL A 229 17.67 -5.01 -37.41
C VAL A 229 16.34 -5.77 -37.66
N THR A 230 15.18 -5.07 -37.53
CA THR A 230 13.88 -5.71 -37.76
C THR A 230 13.72 -6.08 -39.23
N GLU A 231 13.96 -5.14 -40.14
CA GLU A 231 13.74 -5.43 -41.56
C GLU A 231 14.71 -6.50 -42.11
N GLN A 232 15.93 -6.55 -41.58
CA GLN A 232 16.94 -7.56 -41.97
C GLN A 232 16.58 -8.94 -41.42
N ASN A 233 15.81 -9.00 -40.32
CA ASN A 233 15.46 -10.28 -39.71
C ASN A 233 13.99 -10.72 -39.87
N GLY A 234 13.23 -9.93 -40.62
CA GLY A 234 11.81 -10.22 -40.88
C GLY A 234 10.86 -9.91 -39.74
N ALA A 235 11.31 -9.13 -38.71
CA ALA A 235 10.48 -8.70 -37.58
C ALA A 235 9.78 -7.38 -37.95
N LEU A 236 8.61 -7.10 -37.35
CA LEU A 236 7.99 -5.80 -37.62
C LEU A 236 8.59 -4.79 -36.62
N LEU A 237 8.56 -3.49 -36.95
CA LEU A 237 8.96 -2.47 -36.01
C LEU A 237 7.64 -1.80 -35.62
N ILE A 238 7.28 -1.80 -34.32
CA ILE A 238 6.06 -1.14 -33.85
C ILE A 238 6.44 0.09 -33.05
N PHE A 239 5.90 1.27 -33.39
CA PHE A 239 6.17 2.45 -32.56
C PHE A 239 4.97 2.60 -31.67
N ASP A 240 5.21 2.62 -30.36
CA ASP A 240 4.15 2.91 -29.44
C ASP A 240 4.15 4.44 -29.32
N GLU A 241 3.23 5.09 -30.02
CA GLU A 241 3.11 6.53 -30.01
C GLU A 241 1.88 6.95 -29.23
N VAL A 242 1.48 6.15 -28.24
CA VAL A 242 0.30 6.50 -27.41
C VAL A 242 0.59 7.86 -26.74
N THR A 244 3.60 9.88 -27.42
CA THR A 244 4.26 10.76 -28.39
C THR A 244 3.35 11.27 -29.51
N GLY A 245 2.41 10.45 -29.93
CA GLY A 245 1.52 10.74 -31.04
C GLY A 245 0.82 12.07 -30.91
N PHE A 246 0.93 12.92 -31.96
CA PHE A 246 0.34 14.28 -32.04
C PHE A 246 0.86 15.25 -30.97
N ARG A 247 1.92 14.85 -30.24
CA ARG A 247 2.45 15.64 -29.14
C ARG A 247 3.92 16.06 -29.34
N VAL A 248 4.82 15.11 -29.65
N VAL A 248 4.81 15.11 -29.67
CA VAL A 248 6.23 15.44 -29.85
CA VAL A 248 6.23 15.43 -29.86
C VAL A 248 6.44 16.31 -31.08
C VAL A 248 6.42 16.33 -31.07
N ALA A 249 5.61 16.10 -32.13
CA ALA A 249 5.67 16.80 -33.40
C ALA A 249 4.40 16.63 -34.18
N TYR A 250 4.21 17.49 -35.23
CA TYR A 250 3.04 17.46 -36.09
C TYR A 250 2.76 16.07 -36.69
N ASN A 251 3.79 15.44 -37.22
CA ASN A 251 3.73 14.12 -37.80
C ASN A 251 4.28 12.99 -36.90
N CYS A 252 4.21 13.25 -35.59
CA CYS A 252 4.49 12.30 -34.55
C CYS A 252 6.00 12.07 -34.41
N GLY A 253 6.38 11.19 -33.51
CA GLY A 253 7.79 10.88 -33.32
C GLY A 253 8.43 10.34 -34.57
N GLN A 254 7.70 9.47 -35.29
CA GLN A 254 8.20 8.86 -36.55
C GLN A 254 8.50 9.94 -37.59
N GLY A 255 7.64 10.95 -37.68
CA GLY A 255 7.81 12.10 -38.57
C GLY A 255 8.98 12.97 -38.11
N TYR A 256 9.06 13.23 -36.82
CA TYR A 256 10.11 14.03 -36.20
C TYR A 256 11.52 13.47 -36.41
N TYR A 257 11.69 12.16 -36.20
CA TYR A 257 13.00 11.50 -36.32
C TYR A 257 13.26 10.90 -37.70
N GLY A 258 12.24 10.87 -38.55
CA GLY A 258 12.36 10.33 -39.92
C GLY A 258 12.60 8.84 -39.97
N VAL A 259 12.00 8.09 -39.03
CA VAL A 259 12.10 6.62 -39.00
C VAL A 259 10.66 6.12 -39.14
N THR A 260 10.39 5.27 -40.13
CA THR A 260 9.05 4.77 -40.42
C THR A 260 8.82 3.36 -39.94
N PRO A 261 7.90 3.17 -38.96
CA PRO A 261 7.64 1.80 -38.45
C PRO A 261 6.66 1.06 -39.36
N ASP A 262 6.54 -0.23 -39.18
CA ASP A 262 5.51 -1.01 -39.81
C ASP A 262 4.08 -0.77 -39.28
N LEU A 263 4.00 -0.63 -37.98
CA LEU A 263 2.75 -0.37 -37.26
C LEU A 263 2.98 0.73 -36.24
N THR A 264 1.91 1.47 -35.92
CA THR A 264 1.97 2.52 -34.92
C THR A 264 0.75 2.32 -33.99
N CYS A 265 0.94 2.55 -32.68
CA CYS A 265 -0.15 2.53 -31.70
C CYS A 265 -0.37 3.93 -31.25
N LEU A 266 -1.62 4.32 -31.10
CA LEU A 266 -2.01 5.68 -30.72
C LEU A 266 -2.98 5.64 -29.58
N GLY A 267 -3.06 6.73 -28.87
CA GLY A 267 -3.94 6.91 -27.74
C GLY A 267 -3.88 8.34 -27.24
N LYS A 268 -4.40 8.53 -26.04
CA LYS A 268 -4.17 9.78 -25.36
C LYS A 268 -4.70 10.95 -26.22
N VAL A 269 -3.84 11.71 -26.86
CA VAL A 269 -4.27 12.87 -27.59
C VAL A 269 -5.36 12.55 -28.67
N ILE A 270 -5.29 11.38 -29.29
CA ILE A 270 -6.23 10.99 -30.35
C ILE A 270 -7.68 11.07 -29.87
N GLY A 271 -7.90 10.97 -28.55
CA GLY A 271 -9.23 11.01 -27.96
C GLY A 271 -9.62 12.37 -27.43
N GLY A 272 -8.62 13.25 -27.27
CA GLY A 272 -8.77 14.62 -26.77
C GLY A 272 -9.55 14.75 -25.46
N GLY A 273 -9.46 13.74 -24.61
CA GLY A 273 -10.16 13.78 -23.32
C GLY A 273 -11.20 12.69 -23.19
N LEU A 274 -11.42 11.94 -24.28
CA LEU A 274 -12.31 10.80 -24.28
C LEU A 274 -11.53 9.48 -24.46
N PRO A 275 -12.08 8.30 -24.05
CA PRO A 275 -11.32 7.04 -24.18
C PRO A 275 -11.24 6.59 -25.65
N VAL A 276 -10.07 6.82 -26.29
CA VAL A 276 -9.84 6.42 -27.68
C VAL A 276 -8.42 5.93 -27.81
N GLY A 277 -8.24 4.88 -28.59
CA GLY A 277 -6.92 4.39 -28.97
C GLY A 277 -7.00 4.02 -30.43
N ALA A 278 -5.86 3.69 -31.07
CA ALA A 278 -5.88 3.20 -32.45
C ALA A 278 -4.58 2.48 -32.77
N TYR A 279 -4.63 1.56 -33.72
CA TYR A 279 -3.42 0.96 -34.23
C TYR A 279 -3.57 0.96 -35.72
N GLY A 280 -2.48 1.26 -36.41
CA GLY A 280 -2.52 1.35 -37.86
C GLY A 280 -1.16 1.08 -38.44
N GLY A 281 -1.08 1.02 -39.75
CA GLY A 281 0.21 0.73 -40.37
C GLY A 281 0.06 0.34 -41.81
N LYS A 282 1.02 -0.44 -42.31
CA LYS A 282 1.04 -0.89 -43.72
C LYS A 282 -0.28 -1.61 -44.03
N ALA A 283 -0.88 -1.32 -45.20
CA ALA A 283 -2.17 -1.92 -45.63
C ALA A 283 -2.14 -3.44 -45.65
N GLU A 284 -1.03 -4.03 -46.14
CA GLU A 284 -0.97 -5.49 -46.25
C GLU A 284 -0.96 -6.17 -44.89
N ILE A 285 -0.47 -5.46 -43.85
CA ILE A 285 -0.46 -6.02 -42.49
C ILE A 285 -1.85 -5.83 -41.89
N ARG A 287 -4.69 -5.61 -43.27
CA ARG A 287 -5.69 -6.44 -43.98
C ARG A 287 -5.89 -7.80 -43.29
N GLN A 288 -4.92 -8.24 -42.46
CA GLN A 288 -5.05 -9.50 -41.73
C GLN A 288 -5.97 -9.40 -40.51
N VAL A 289 -6.39 -8.18 -40.12
CA VAL A 289 -7.29 -7.94 -38.97
C VAL A 289 -8.74 -8.24 -39.37
N ALA A 290 -9.48 -8.96 -38.50
CA ALA A 290 -10.89 -9.27 -38.74
C ALA A 290 -11.70 -7.95 -38.92
N PRO A 291 -12.67 -7.91 -39.87
CA PRO A 291 -13.23 -9.03 -40.66
C PRO A 291 -12.54 -9.32 -41.97
N SER A 292 -11.55 -8.51 -42.39
N SER A 292 -11.55 -8.51 -42.37
CA SER A 292 -10.86 -8.79 -43.65
CA SER A 292 -10.80 -8.69 -43.61
C SER A 292 -9.94 -10.01 -43.53
C SER A 292 -9.90 -9.94 -43.54
N GLY A 293 -9.36 -10.21 -42.35
CA GLY A 293 -8.45 -11.33 -42.11
C GLY A 293 -8.78 -12.12 -40.87
N PRO A 294 -7.95 -13.13 -40.52
CA PRO A 294 -8.27 -14.01 -39.39
C PRO A 294 -7.83 -13.57 -37.99
N ILE A 295 -7.06 -12.49 -37.86
CA ILE A 295 -6.60 -12.01 -36.54
C ILE A 295 -7.71 -11.23 -35.89
N TYR A 296 -8.28 -11.81 -34.82
CA TYR A 296 -9.44 -11.23 -34.18
C TYR A 296 -9.16 -10.08 -33.24
N GLN A 297 -9.84 -8.99 -33.51
CA GLN A 297 -9.96 -7.87 -32.58
C GLN A 297 -11.32 -7.13 -32.79
N ALA A 298 -11.97 -6.76 -31.73
CA ALA A 298 -13.29 -6.12 -31.77
C ALA A 298 -13.42 -5.18 -30.61
N GLY A 299 -14.31 -4.22 -30.68
CA GLY A 299 -14.76 -3.51 -29.50
C GLY A 299 -16.15 -2.92 -29.63
N THR A 300 -16.91 -3.04 -28.58
CA THR A 300 -18.25 -2.56 -28.64
C THR A 300 -18.35 -1.05 -28.85
N LEU A 301 -17.57 -0.26 -28.12
CA LEU A 301 -17.60 1.21 -28.20
C LEU A 301 -16.51 1.77 -29.12
N SER A 302 -15.74 0.90 -29.78
CA SER A 302 -14.69 1.39 -30.69
C SER A 302 -15.33 2.19 -31.82
N GLY A 303 -14.76 3.35 -32.13
CA GLY A 303 -15.28 4.18 -33.20
C GLY A 303 -16.60 4.85 -32.93
N ASN A 304 -17.04 4.91 -31.65
CA ASN A 304 -18.33 5.55 -31.37
C ASN A 304 -18.27 7.05 -31.79
N PRO A 305 -19.38 7.62 -32.30
CA PRO A 305 -19.32 9.02 -32.78
C PRO A 305 -18.88 10.06 -31.77
N LEU A 306 -19.22 9.91 -30.49
CA LEU A 306 -18.80 10.89 -29.49
C LEU A 306 -17.26 11.03 -29.43
N ALA A 307 -16.57 9.90 -29.35
CA ALA A 307 -15.11 9.81 -29.27
C ALA A 307 -14.46 10.24 -30.61
N ALA A 309 -15.74 12.47 -32.67
CA ALA A 309 -15.90 13.93 -32.72
C ALA A 309 -14.83 14.62 -31.87
N ALA A 310 -14.62 14.15 -30.63
CA ALA A 310 -13.59 14.71 -29.75
C ALA A 310 -12.21 14.60 -30.39
N GLY A 311 -11.91 13.42 -30.94
CA GLY A 311 -10.62 13.17 -31.60
C GLY A 311 -10.47 14.01 -32.85
N TYR A 312 -11.51 14.09 -33.70
CA TYR A 312 -11.42 14.93 -34.90
C TYR A 312 -11.22 16.41 -34.55
N GLU A 313 -12.07 16.95 -33.65
CA GLU A 313 -11.96 18.37 -33.28
C GLU A 313 -10.64 18.71 -32.63
N THR A 314 -10.05 17.73 -31.91
CA THR A 314 -8.73 17.90 -31.28
C THR A 314 -7.62 18.00 -32.35
N LEU A 315 -7.52 16.99 -33.21
CA LEU A 315 -6.45 16.89 -34.21
C LEU A 315 -6.52 17.96 -35.27
N VAL A 316 -7.74 18.36 -35.71
CA VAL A 316 -7.86 19.35 -36.78
C VAL A 316 -7.34 20.71 -36.33
N GLN A 317 -7.36 20.98 -35.01
CA GLN A 317 -6.88 22.25 -34.44
C GLN A 317 -5.36 22.30 -34.25
N LEU A 318 -4.70 21.16 -34.46
CA LEU A 318 -3.25 21.12 -34.37
C LEU A 318 -2.67 21.39 -35.74
N THR A 319 -1.76 22.37 -35.81
CA THR A 319 -1.14 22.75 -37.08
C THR A 319 0.36 22.65 -36.90
N PRO A 320 1.21 22.75 -37.96
CA PRO A 320 2.66 22.78 -37.72
C PRO A 320 3.07 23.90 -36.75
N GLU A 321 2.38 25.06 -36.77
CA GLU A 321 2.66 26.21 -35.89
C GLU A 321 2.46 25.88 -34.40
N SER A 322 1.50 25.00 -34.08
CA SER A 322 1.28 24.59 -32.66
C SER A 322 2.57 24.05 -32.04
N TYR A 323 3.36 23.28 -32.84
CA TYR A 323 4.57 22.59 -32.36
C TYR A 323 5.73 23.54 -32.28
N VAL A 324 5.78 24.55 -33.18
CA VAL A 324 6.81 25.60 -33.07
C VAL A 324 6.59 26.32 -31.71
N GLU A 325 5.31 26.62 -31.36
CA GLU A 325 4.99 27.24 -30.08
C GLU A 325 5.31 26.30 -28.89
N PHE A 326 4.99 24.99 -29.01
CA PHE A 326 5.35 24.03 -27.94
C PHE A 326 6.84 24.06 -27.70
N GLU A 327 7.65 24.00 -28.77
CA GLU A 327 9.11 23.98 -28.66
C GLU A 327 9.65 25.23 -28.02
N ARG A 328 9.06 26.41 -28.35
CA ARG A 328 9.46 27.70 -27.74
C ARG A 328 9.20 27.69 -26.21
N LYS A 329 8.02 27.17 -25.79
CA LYS A 329 7.67 27.13 -24.36
C LYS A 329 8.48 26.12 -23.61
N ALA A 330 8.75 24.97 -24.24
CA ALA A 330 9.58 23.91 -23.63
C ALA A 330 11.00 24.43 -23.45
N GLU A 331 11.53 25.19 -24.42
CA GLU A 331 12.87 25.77 -24.31
C GLU A 331 12.90 26.80 -23.16
N LEU A 333 10.92 26.79 -20.48
CA LEU A 333 10.81 26.05 -19.21
C LEU A 333 12.16 25.43 -18.86
N GLU A 334 12.84 24.84 -19.85
CA GLU A 334 14.15 24.23 -19.67
C GLU A 334 15.15 25.26 -19.11
N ALA A 335 15.23 26.45 -19.74
CA ALA A 335 16.13 27.52 -19.28
C ALA A 335 15.83 28.01 -17.88
N GLY A 336 14.54 28.16 -17.56
CA GLY A 336 14.11 28.62 -16.23
C GLY A 336 14.40 27.61 -15.12
N LEU A 337 14.13 26.32 -15.39
CA LEU A 337 14.41 25.24 -14.43
C LEU A 337 15.93 25.08 -14.25
N ARG A 338 16.70 25.23 -15.35
CA ARG A 338 18.17 25.12 -15.33
C ARG A 338 18.76 26.23 -14.48
N LYS A 339 18.27 27.46 -14.67
CA LYS A 339 18.72 28.61 -13.90
C LYS A 339 18.42 28.45 -12.40
N ALA A 340 17.20 28.01 -12.04
CA ALA A 340 16.80 27.78 -10.65
C ALA A 340 17.64 26.67 -10.01
N ALA A 341 17.84 25.56 -10.72
CA ALA A 341 18.65 24.46 -10.15
C ALA A 341 20.12 24.88 -9.98
N GLU A 342 20.68 25.63 -10.94
CA GLU A 342 22.07 26.11 -10.87
C GLU A 342 22.22 27.13 -9.75
N LYS A 343 21.26 28.06 -9.59
CA LYS A 343 21.28 29.06 -8.52
C LYS A 343 21.30 28.39 -7.13
N HIS A 344 20.55 27.30 -6.96
CA HIS A 344 20.46 26.63 -5.67
C HIS A 344 21.36 25.41 -5.45
N GLY A 345 22.27 25.14 -6.40
CA GLY A 345 23.18 24.01 -6.32
C GLY A 345 22.48 22.66 -6.28
N ILE A 346 21.38 22.51 -7.05
CA ILE A 346 20.61 21.25 -7.07
C ILE A 346 21.08 20.35 -8.21
N PRO A 347 21.35 19.04 -7.96
CA PRO A 347 21.70 18.16 -9.08
C PRO A 347 20.48 18.10 -10.02
N HIS A 348 20.71 18.20 -11.32
CA HIS A 348 19.63 18.24 -12.31
C HIS A 348 20.12 17.84 -13.68
N HIS A 349 19.20 17.30 -14.48
CA HIS A 349 19.42 16.93 -15.88
C HIS A 349 18.07 17.12 -16.53
N ILE A 350 18.04 17.91 -17.62
CA ILE A 350 16.78 18.22 -18.31
C ILE A 350 16.83 17.62 -19.68
N ASN A 351 15.82 16.81 -20.01
CA ASN A 351 15.77 16.22 -21.34
C ASN A 351 14.69 16.92 -22.10
N ARG A 352 14.95 17.13 -23.39
CA ARG A 352 13.98 17.75 -24.26
C ARG A 352 14.03 17.08 -25.63
N ALA A 353 12.85 16.73 -26.14
CA ALA A 353 12.68 16.10 -27.46
C ALA A 353 11.42 16.71 -28.05
N GLY A 354 11.59 17.55 -29.07
CA GLY A 354 10.46 18.26 -29.65
C GLY A 354 9.75 19.07 -28.58
N SER A 355 8.45 18.85 -28.40
CA SER A 355 7.68 19.56 -27.37
C SER A 355 7.88 18.99 -25.98
N ILE A 357 9.40 17.63 -22.43
CA ILE A 357 10.41 18.08 -21.47
C ILE A 357 10.25 17.40 -20.11
N GLY A 358 11.38 17.03 -19.52
CA GLY A 358 11.41 16.48 -18.16
C GLY A 358 12.66 16.90 -17.41
N ILE A 359 12.55 17.14 -16.10
CA ILE A 359 13.69 17.46 -15.22
C ILE A 359 13.88 16.30 -14.22
N PHE A 360 15.11 15.77 -14.12
CA PHE A 360 15.49 14.68 -13.22
C PHE A 360 16.41 15.28 -12.16
N PHE A 361 16.20 14.93 -10.89
CA PHE A 361 17.06 15.45 -9.82
C PHE A 361 18.32 14.58 -9.66
N THR A 362 19.15 14.59 -10.69
CA THR A 362 20.45 13.91 -10.76
C THR A 362 21.34 14.64 -11.75
N ASP A 363 22.65 14.62 -11.52
CA ASP A 363 23.59 15.20 -12.46
C ASP A 363 23.95 14.25 -13.58
N GLU A 364 23.60 12.97 -13.43
CA GLU A 364 23.91 11.92 -14.42
C GLU A 364 23.15 12.17 -15.74
N PRO A 365 23.79 11.98 -16.92
CA PRO A 365 23.06 12.17 -18.18
C PRO A 365 21.99 11.09 -18.28
N VAL A 366 20.72 11.50 -18.35
CA VAL A 366 19.65 10.51 -18.32
C VAL A 366 19.32 9.98 -19.73
N ILE A 367 19.90 8.81 -20.07
CA ILE A 367 19.85 8.11 -21.37
C ILE A 367 19.14 6.77 -21.34
N ASN A 368 18.86 6.26 -20.14
CA ASN A 368 18.16 4.99 -19.95
C ASN A 368 17.57 4.98 -18.56
N TYR A 369 16.78 3.93 -18.24
CA TYR A 369 16.10 3.74 -16.95
C TYR A 369 17.09 3.73 -15.78
N ASP A 370 18.26 3.08 -15.95
CA ASP A 370 19.30 2.99 -14.95
C ASP A 370 19.79 4.37 -14.53
N ALA A 371 20.07 5.26 -15.51
CA ALA A 371 20.46 6.64 -15.21
C ALA A 371 19.26 7.42 -14.56
N ALA A 372 18.02 7.16 -15.03
CA ALA A 372 16.83 7.84 -14.50
C ALA A 372 16.65 7.52 -13.01
N LYS A 373 16.93 6.26 -12.63
CA LYS A 373 16.84 5.74 -11.26
C LYS A 373 17.85 6.39 -10.28
N SER A 374 18.86 7.10 -10.79
CA SER A 374 19.80 7.83 -9.92
C SER A 374 19.17 9.15 -9.42
N SER A 375 17.93 9.48 -9.90
CA SER A 375 17.25 10.72 -9.45
C SER A 375 17.00 10.71 -7.95
N ASN A 376 17.22 11.86 -7.31
CA ASN A 376 16.98 11.99 -5.87
C ASN A 376 15.47 12.18 -5.66
N LEU A 377 14.81 11.11 -5.21
CA LEU A 377 13.35 11.13 -4.99
C LEU A 377 12.88 11.95 -3.79
N GLN A 378 13.78 12.20 -2.83
CA GLN A 378 13.47 13.05 -1.67
C GLN A 378 13.38 14.48 -2.19
N PHE A 379 14.31 14.88 -3.08
CA PHE A 379 14.32 16.23 -3.66
C PHE A 379 13.09 16.36 -4.53
N PHE A 380 12.75 15.30 -5.33
CA PHE A 380 11.57 15.38 -6.16
C PHE A 380 10.31 15.63 -5.33
N ALA A 381 10.08 14.82 -4.27
CA ALA A 381 8.89 14.97 -3.42
C ALA A 381 8.83 16.37 -2.75
N ALA A 382 9.98 16.90 -2.27
CA ALA A 382 10.04 18.24 -1.60
C ALA A 382 9.75 19.35 -2.65
N TYR A 383 10.35 19.23 -3.84
N TYR A 383 10.34 19.24 -3.86
CA TYR A 383 10.12 20.15 -4.95
CA TYR A 383 10.11 20.14 -4.99
C TYR A 383 8.62 20.12 -5.34
C TYR A 383 8.61 20.11 -5.36
N TYR A 384 8.04 18.90 -5.51
CA TYR A 384 6.63 18.71 -5.84
C TYR A 384 5.67 19.38 -4.84
N ARG A 385 5.89 19.13 -3.54
CA ARG A 385 5.08 19.67 -2.46
C ARG A 385 5.03 21.21 -2.57
N GLU A 386 6.18 21.82 -2.77
CA GLU A 386 6.22 23.28 -2.86
C GLU A 386 5.54 23.80 -4.16
N VAL A 388 2.97 22.45 -5.66
CA VAL A 388 1.53 22.41 -5.33
C VAL A 388 1.15 23.66 -4.52
N GLU A 389 1.98 23.97 -3.49
CA GLU A 389 1.71 25.14 -2.64
C GLU A 389 1.70 26.46 -3.44
N GLN A 390 2.52 26.53 -4.50
CA GLN A 390 2.64 27.70 -5.40
C GLN A 390 1.59 27.71 -6.52
N GLY A 391 0.74 26.69 -6.58
CA GLY A 391 -0.32 26.62 -7.58
C GLY A 391 0.09 26.04 -8.91
N VAL A 392 1.00 25.06 -8.88
CA VAL A 392 1.39 24.36 -10.10
C VAL A 392 1.05 22.90 -9.89
N PHE A 393 0.33 22.28 -10.85
CA PHE A 393 -0.02 20.86 -10.78
C PHE A 393 0.84 20.10 -11.76
N LEU A 394 1.96 19.58 -11.27
CA LEU A 394 2.86 18.75 -12.09
C LEU A 394 2.50 17.28 -11.94
N PRO A 395 2.95 16.37 -12.81
CA PRO A 395 2.70 14.95 -12.60
C PRO A 395 3.34 14.50 -11.27
N PRO A 396 2.58 13.86 -10.35
CA PRO A 396 3.17 13.45 -9.07
C PRO A 396 4.06 12.20 -9.21
N SER A 397 5.15 12.31 -9.98
CA SER A 397 6.12 11.24 -10.18
C SER A 397 7.35 11.81 -10.84
N GLN A 398 8.53 11.39 -10.36
CA GLN A 398 9.80 11.82 -10.95
C GLN A 398 9.87 11.23 -12.35
N PHE A 399 9.19 10.10 -12.55
CA PHE A 399 9.28 9.39 -13.82
C PHE A 399 8.24 9.75 -14.81
N GLU A 400 8.09 11.07 -15.02
CA GLU A 400 7.15 11.67 -15.97
C GLU A 400 7.69 13.04 -16.40
N GLY A 401 7.35 13.45 -17.62
CA GLY A 401 7.71 14.77 -18.12
C GLY A 401 6.60 15.77 -17.84
N LEU A 402 6.80 17.06 -18.17
CA LEU A 402 5.76 18.10 -18.00
C LEU A 402 4.95 18.12 -19.32
N PHE A 403 3.61 18.09 -19.25
CA PHE A 403 2.84 18.13 -20.51
C PHE A 403 2.39 19.56 -20.83
N LEU A 404 2.65 20.02 -22.05
CA LEU A 404 2.20 21.34 -22.49
C LEU A 404 0.93 21.24 -23.30
N SER A 405 0.16 22.35 -23.34
CA SER A 405 -1.04 22.47 -24.16
C SER A 405 -0.90 23.70 -25.09
N THR A 406 -1.70 23.73 -26.13
CA THR A 406 -1.79 24.86 -27.03
C THR A 406 -2.31 26.11 -26.28
N VAL A 407 -2.90 25.91 -25.11
CA VAL A 407 -3.35 27.00 -24.30
C VAL A 407 -2.50 27.47 -23.09
N HIS A 408 -1.31 26.94 -22.90
CA HIS A 408 -0.42 27.47 -21.90
C HIS A 408 0.02 28.86 -22.36
N SER A 409 -0.04 29.82 -21.48
CA SER A 409 0.35 31.17 -21.91
C SER A 409 1.79 31.48 -21.47
N ASP A 410 2.38 32.60 -21.97
CA ASP A 410 3.70 33.00 -21.48
C ASP A 410 3.60 33.39 -20.01
N ALA A 411 2.44 33.92 -19.55
CA ALA A 411 2.28 34.23 -18.14
C ALA A 411 2.32 32.93 -17.28
N ASP A 412 1.71 31.84 -17.77
CA ASP A 412 1.73 30.53 -17.11
C ASP A 412 3.19 30.05 -16.97
N ILE A 413 3.98 30.14 -18.05
CA ILE A 413 5.40 29.71 -18.07
C ILE A 413 6.20 30.50 -17.04
N GLU A 414 6.02 31.82 -17.04
CA GLU A 414 6.74 32.70 -16.10
C GLU A 414 6.39 32.40 -14.66
N ALA A 415 5.08 32.17 -14.37
CA ALA A 415 4.65 31.83 -13.01
C ALA A 415 5.22 30.47 -12.60
N THR A 416 5.35 29.55 -13.56
CA THR A 416 5.87 28.19 -13.30
C THR A 416 7.33 28.26 -12.91
N ILE A 417 8.13 29.01 -13.70
CA ILE A 417 9.55 29.22 -13.44
C ILE A 417 9.73 29.93 -12.07
N ALA A 418 8.88 30.93 -11.76
CA ALA A 418 8.98 31.68 -10.49
C ALA A 418 8.69 30.75 -9.29
N ALA A 419 7.74 29.80 -9.45
CA ALA A 419 7.38 28.77 -8.46
C ALA A 419 8.57 27.79 -8.31
N ALA A 420 9.18 27.36 -9.42
CA ALA A 420 10.32 26.42 -9.41
C ALA A 420 11.51 27.00 -8.67
N GLU A 421 11.74 28.33 -8.81
CA GLU A 421 12.84 29.01 -8.10
C GLU A 421 12.63 28.91 -6.58
N ILE A 422 11.40 29.19 -6.10
CA ILE A 422 11.03 29.04 -4.68
C ILE A 422 11.16 27.56 -4.29
N ALA A 423 10.58 26.66 -5.10
CA ALA A 423 10.64 25.24 -4.73
C ALA A 423 12.09 24.74 -4.64
N SER A 425 14.75 26.51 -3.87
CA SER A 425 15.39 27.23 -2.76
C SER A 425 15.21 26.53 -1.40
N LYS A 426 14.24 25.61 -1.30
CA LYS A 426 13.89 24.92 -0.05
C LYS A 426 14.37 23.48 0.02
N LEU A 427 15.03 22.99 -1.04
CA LEU A 427 15.53 21.60 -1.12
C LEU A 427 16.72 21.30 -0.19
N LYS A 428 17.66 22.23 -0.08
CA LYS A 428 18.86 22.03 0.75
C LYS A 428 18.83 22.83 2.05
N ARG B 2 -37.12 0.50 -49.66
CA ARG B 2 -35.96 1.14 -49.02
C ARG B 2 -34.70 1.22 -49.88
N LYS B 3 -34.03 2.37 -49.83
CA LYS B 3 -32.82 2.65 -50.60
C LYS B 3 -31.66 2.77 -49.63
N PHE B 4 -30.50 2.30 -50.04
CA PHE B 4 -29.28 2.27 -49.23
C PHE B 4 -28.09 2.90 -49.94
N ASP B 5 -28.36 3.72 -50.98
CA ASP B 5 -27.33 4.35 -51.82
C ASP B 5 -26.27 5.11 -51.03
N LYS B 6 -26.67 5.95 -50.08
CA LYS B 6 -25.68 6.69 -49.29
C LYS B 6 -24.85 5.76 -48.42
N SER B 7 -25.47 4.73 -47.79
CA SER B 7 -24.69 3.75 -47.00
C SER B 7 -23.68 3.00 -47.88
N ILE B 8 -24.07 2.68 -49.11
CA ILE B 8 -23.21 1.98 -50.08
C ILE B 8 -21.99 2.89 -50.40
N ALA B 9 -22.22 4.19 -50.73
CA ALA B 9 -21.11 5.10 -51.03
C ALA B 9 -20.21 5.31 -49.81
N ALA B 10 -20.79 5.43 -48.59
CA ALA B 10 -19.99 5.61 -47.37
C ALA B 10 -19.15 4.35 -47.07
N PHE B 11 -19.69 3.16 -47.35
CA PHE B 11 -18.91 1.94 -47.12
C PHE B 11 -17.80 1.81 -48.15
N GLU B 12 -18.00 2.36 -49.37
CA GLU B 12 -16.95 2.30 -50.38
C GLU B 12 -15.72 3.09 -49.88
N GLU B 13 -15.94 4.25 -49.25
CA GLU B 13 -14.90 5.06 -48.68
C GLU B 13 -14.28 4.36 -47.43
N ALA B 14 -15.11 3.76 -46.55
CA ALA B 14 -14.65 3.09 -45.33
C ALA B 14 -13.66 1.96 -45.64
N GLN B 15 -13.90 1.20 -46.72
N GLN B 15 -13.90 1.16 -46.68
CA GLN B 15 -13.07 0.09 -47.14
CA GLN B 15 -13.00 0.05 -46.99
C GLN B 15 -11.63 0.44 -47.52
C GLN B 15 -11.58 0.43 -47.43
N ASP B 16 -11.34 1.73 -47.76
CA ASP B 16 -9.99 2.21 -48.10
C ASP B 16 -9.32 2.78 -46.85
N LEU B 17 -10.00 2.72 -45.69
CA LEU B 17 -9.50 3.35 -44.46
C LEU B 17 -9.26 2.41 -43.29
N PRO B 19 -9.64 -1.93 -41.67
CA PRO B 19 -9.71 -3.34 -42.10
C PRO B 19 -11.16 -3.79 -42.25
N GLY B 20 -11.55 -4.18 -43.46
CA GLY B 20 -12.93 -4.59 -43.76
C GLY B 20 -13.91 -3.42 -43.71
N GLY B 21 -13.37 -2.19 -43.69
CA GLY B 21 -14.15 -0.95 -43.65
C GLY B 21 -14.85 -0.69 -42.33
N VAL B 22 -14.42 -1.38 -41.23
CA VAL B 22 -15.12 -1.26 -39.94
C VAL B 22 -14.16 -1.15 -38.75
N ASN B 23 -14.68 -0.65 -37.61
CA ASN B 23 -13.95 -0.60 -36.36
C ASN B 23 -14.26 -1.78 -35.44
N SER B 24 -15.22 -2.65 -35.84
CA SER B 24 -15.55 -3.86 -35.09
C SER B 24 -16.18 -4.87 -36.06
N PRO B 25 -15.67 -6.12 -36.11
CA PRO B 25 -16.10 -7.07 -37.16
C PRO B 25 -17.57 -7.26 -37.45
N VAL B 26 -18.43 -7.24 -36.42
CA VAL B 26 -19.89 -7.41 -36.59
C VAL B 26 -20.53 -6.35 -37.47
N ARG B 27 -19.94 -5.16 -37.49
CA ARG B 27 -20.45 -4.00 -38.23
C ARG B 27 -20.40 -4.14 -39.74
N ALA B 28 -19.73 -5.18 -40.26
CA ALA B 28 -19.61 -5.34 -41.71
C ALA B 28 -20.79 -6.11 -42.31
N PHE B 29 -21.75 -6.60 -41.48
CA PHE B 29 -22.98 -7.31 -41.91
C PHE B 29 -22.70 -8.53 -42.81
N LYS B 30 -21.51 -9.14 -42.66
CA LYS B 30 -21.14 -10.32 -43.44
C LYS B 30 -22.01 -11.55 -43.14
N SER B 31 -22.48 -11.74 -41.88
CA SER B 31 -23.31 -12.91 -41.53
C SER B 31 -24.67 -12.94 -42.29
N VAL B 32 -25.12 -11.76 -42.75
CA VAL B 32 -26.40 -11.60 -43.46
C VAL B 32 -26.26 -11.27 -44.98
N GLY B 33 -25.02 -11.08 -45.45
CA GLY B 33 -24.72 -10.79 -46.85
C GLY B 33 -25.30 -9.50 -47.39
N ASN B 35 -25.34 -4.93 -47.48
CA ASN B 35 -24.55 -3.72 -47.44
C ASN B 35 -24.69 -3.18 -46.01
N PRO B 36 -23.60 -2.86 -45.27
CA PRO B 36 -23.77 -2.31 -43.90
C PRO B 36 -24.61 -1.02 -43.91
N LEU B 37 -25.42 -0.84 -42.88
CA LEU B 37 -26.23 0.37 -42.73
C LEU B 37 -25.41 1.39 -41.97
N PHE B 38 -25.25 2.58 -42.53
CA PHE B 38 -24.56 3.65 -41.83
C PHE B 38 -25.60 4.43 -41.02
N GLU B 40 -26.95 7.56 -38.63
CA GLU B 40 -26.79 9.01 -38.51
C GLU B 40 -27.18 9.50 -37.11
N ARG B 41 -28.32 9.03 -36.59
CA ARG B 41 -28.85 9.52 -35.34
C ARG B 41 -29.87 8.58 -34.82
N GLY B 42 -30.20 8.75 -33.55
CA GLY B 42 -31.26 7.96 -32.94
C GLY B 42 -31.99 8.77 -31.90
N LYS B 43 -33.19 8.32 -31.52
CA LYS B 43 -33.96 8.94 -30.44
C LYS B 43 -34.88 7.91 -29.86
N GLY B 44 -34.63 7.58 -28.60
CA GLY B 44 -35.41 6.57 -27.89
C GLY B 44 -35.20 5.22 -28.54
N SER B 45 -36.30 4.54 -28.92
CA SER B 45 -36.20 3.22 -29.56
C SER B 45 -36.03 3.30 -31.08
N LYS B 46 -35.90 4.54 -31.64
CA LYS B 46 -35.73 4.73 -33.07
C LYS B 46 -34.30 5.06 -33.49
N VAL B 47 -33.83 4.45 -34.59
CA VAL B 47 -32.49 4.73 -35.14
C VAL B 47 -32.67 5.08 -36.61
N TYR B 48 -31.86 6.00 -37.15
CA TYR B 48 -32.00 6.46 -38.53
C TYR B 48 -30.72 6.23 -39.29
N ASP B 49 -30.82 5.65 -40.50
CA ASP B 49 -29.65 5.48 -41.35
C ASP B 49 -29.37 6.77 -42.13
N ILE B 50 -28.23 6.85 -42.86
CA ILE B 50 -27.87 8.07 -43.59
C ILE B 50 -28.75 8.30 -44.85
N ASP B 51 -29.55 7.29 -45.22
CA ASP B 51 -30.50 7.43 -46.34
C ASP B 51 -31.88 7.96 -45.85
N GLY B 52 -32.00 8.23 -44.55
CA GLY B 52 -33.25 8.72 -43.95
C GLY B 52 -34.23 7.64 -43.49
N ASN B 53 -33.85 6.35 -43.61
CA ASN B 53 -34.69 5.25 -43.18
C ASN B 53 -34.77 5.16 -41.67
N GLU B 54 -36.00 4.99 -41.12
CA GLU B 54 -36.25 4.85 -39.69
C GLU B 54 -36.34 3.37 -39.33
N TYR B 55 -35.74 3.01 -38.23
CA TYR B 55 -35.78 1.68 -37.71
C TYR B 55 -36.15 1.64 -36.22
N ILE B 56 -36.85 0.61 -35.83
CA ILE B 56 -37.02 0.24 -34.44
C ILE B 56 -35.78 -0.55 -34.07
N ASP B 57 -35.07 -0.05 -33.09
CA ASP B 57 -33.76 -0.57 -32.74
C ASP B 57 -33.75 -1.64 -31.63
N TYR B 58 -33.31 -2.86 -31.98
CA TYR B 58 -33.10 -3.97 -31.03
C TYR B 58 -31.61 -4.30 -30.91
N VAL B 59 -30.74 -3.45 -31.46
CA VAL B 59 -29.29 -3.59 -31.36
C VAL B 59 -28.84 -2.79 -30.15
N LEU B 60 -29.25 -1.52 -30.09
CA LEU B 60 -28.97 -0.60 -28.98
C LEU B 60 -27.46 -0.59 -28.69
N SER B 61 -26.64 -0.45 -29.77
CA SER B 61 -25.17 -0.47 -29.73
C SER B 61 -24.60 -1.77 -29.18
N TRP B 62 -25.37 -2.87 -29.30
CA TRP B 62 -25.00 -4.21 -28.82
C TRP B 62 -25.09 -4.36 -27.32
N GLY B 63 -26.05 -3.68 -26.72
CA GLY B 63 -26.29 -3.80 -25.29
C GLY B 63 -26.26 -2.51 -24.48
N PRO B 64 -25.30 -1.57 -24.71
CA PRO B 64 -25.22 -0.39 -23.86
C PRO B 64 -26.44 0.50 -23.67
N LEU B 65 -27.25 0.65 -24.74
CA LEU B 65 -28.34 1.63 -24.75
C LEU B 65 -29.65 1.17 -24.10
N ILE B 66 -29.58 0.90 -22.80
CA ILE B 66 -30.74 0.43 -22.03
C ILE B 66 -31.92 1.42 -21.97
N HIS B 67 -31.67 2.72 -22.19
CA HIS B 67 -32.74 3.73 -22.21
C HIS B 67 -32.89 4.25 -23.63
N GLY B 68 -32.38 3.51 -24.60
CA GLY B 68 -32.44 3.93 -26.00
C GLY B 68 -31.47 5.07 -26.30
N HIS B 69 -31.65 5.73 -27.44
CA HIS B 69 -30.76 6.80 -27.89
C HIS B 69 -31.09 8.14 -27.30
N ALA B 70 -30.04 8.87 -26.96
CA ALA B 70 -30.12 10.25 -26.48
C ALA B 70 -31.12 10.47 -25.34
N ASN B 71 -31.05 9.64 -24.32
CA ASN B 71 -31.90 9.80 -23.14
C ASN B 71 -31.66 11.21 -22.58
N ASP B 72 -32.72 12.05 -22.41
CA ASP B 72 -32.56 13.45 -21.98
C ASP B 72 -31.69 13.65 -20.74
N ARG B 73 -31.91 12.88 -19.68
CA ARG B 73 -31.12 13.02 -18.45
C ARG B 73 -29.63 12.71 -18.67
N VAL B 74 -29.35 11.64 -19.44
CA VAL B 74 -27.97 11.28 -19.75
C VAL B 74 -27.32 12.40 -20.58
N VAL B 75 -28.04 12.91 -21.60
CA VAL B 75 -27.52 13.96 -22.48
C VAL B 75 -27.20 15.23 -21.71
N GLU B 76 -28.12 15.64 -20.82
CA GLU B 76 -27.92 16.84 -20.00
C GLU B 76 -26.74 16.70 -19.06
N ALA B 77 -26.54 15.50 -18.46
CA ALA B 77 -25.39 15.22 -17.59
C ALA B 77 -24.06 15.25 -18.38
N LEU B 78 -24.03 14.69 -19.59
CA LEU B 78 -22.84 14.72 -20.47
C LEU B 78 -22.48 16.17 -20.83
N LYS B 79 -23.50 16.98 -21.23
CA LYS B 79 -23.30 18.37 -21.61
C LYS B 79 -22.69 19.16 -20.47
N ALA B 80 -23.23 18.99 -19.24
CA ALA B 80 -22.75 19.69 -18.05
C ALA B 80 -21.32 19.31 -17.66
N VAL B 81 -20.96 18.01 -17.76
CA VAL B 81 -19.59 17.55 -17.46
C VAL B 81 -18.63 18.08 -18.54
N ALA B 82 -18.99 17.94 -19.85
CA ALA B 82 -18.11 18.40 -20.95
C ALA B 82 -17.66 19.84 -20.74
N GLU B 83 -18.59 20.72 -20.31
CA GLU B 83 -18.27 22.15 -20.07
C GLU B 83 -17.24 22.35 -18.95
N ARG B 84 -17.17 21.40 -18.03
CA ARG B 84 -16.27 21.51 -16.87
C ARG B 84 -14.97 20.71 -17.01
N GLY B 85 -14.85 19.91 -18.05
CA GLY B 85 -13.67 19.07 -18.28
C GLY B 85 -14.02 17.60 -18.21
N THR B 86 -13.64 16.85 -19.26
CA THR B 86 -14.01 15.43 -19.38
C THR B 86 -13.08 14.44 -18.67
N SER B 87 -11.83 14.85 -18.37
CA SER B 87 -10.81 13.95 -17.79
C SER B 87 -9.75 14.78 -17.07
N PHE B 88 -9.32 14.36 -15.88
CA PHE B 88 -8.34 15.12 -15.10
C PHE B 88 -7.04 14.40 -14.74
N GLY B 89 -7.07 13.07 -14.72
CA GLY B 89 -5.91 12.26 -14.31
C GLY B 89 -5.59 12.34 -12.82
N ALA B 90 -6.57 12.82 -12.05
CA ALA B 90 -6.52 12.94 -10.60
C ALA B 90 -7.92 12.52 -10.11
N PRO B 91 -8.07 12.08 -8.84
CA PRO B 91 -9.39 11.60 -8.40
C PRO B 91 -10.52 12.63 -8.50
N THR B 92 -11.76 12.15 -8.70
CA THR B 92 -12.95 13.02 -8.75
C THR B 92 -14.02 12.45 -7.83
N GLU B 93 -14.92 13.31 -7.38
CA GLU B 93 -16.04 12.90 -6.56
C GLU B 93 -17.04 12.02 -7.29
N ILE B 94 -17.25 12.26 -8.61
CA ILE B 94 -18.19 11.47 -9.42
C ILE B 94 -17.81 9.98 -9.52
N GLU B 95 -16.49 9.68 -9.47
CA GLU B 95 -16.01 8.28 -9.43
C GLU B 95 -16.48 7.61 -8.13
N ASN B 96 -16.52 8.35 -7.00
CA ASN B 96 -17.02 7.78 -5.73
C ASN B 96 -18.49 7.48 -5.86
N LYS B 97 -19.24 8.40 -6.47
CA LYS B 97 -20.69 8.31 -6.65
C LYS B 97 -21.07 7.06 -7.48
N LEU B 98 -20.42 6.84 -8.64
CA LEU B 98 -20.70 5.65 -9.43
C LEU B 98 -20.22 4.39 -8.73
N ALA B 99 -18.97 4.38 -8.19
CA ALA B 99 -18.48 3.17 -7.51
C ALA B 99 -19.49 2.74 -6.40
N LYS B 100 -20.00 3.69 -5.62
CA LYS B 100 -20.95 3.43 -4.53
C LYS B 100 -22.23 2.75 -5.10
N LEU B 101 -22.76 3.27 -6.20
CA LEU B 101 -23.96 2.72 -6.84
C LEU B 101 -23.71 1.27 -7.31
N VAL B 102 -22.58 1.03 -7.98
CA VAL B 102 -22.22 -0.30 -8.47
C VAL B 102 -22.05 -1.33 -7.33
N ILE B 103 -21.36 -0.96 -6.24
CA ILE B 103 -21.15 -1.82 -5.07
C ILE B 103 -22.53 -2.24 -4.50
N GLU B 104 -23.48 -1.28 -4.45
CA GLU B 104 -24.82 -1.52 -3.95
C GLU B 104 -25.65 -2.42 -4.90
N ARG B 105 -25.55 -2.19 -6.21
CA ARG B 105 -26.33 -2.89 -7.25
C ARG B 105 -25.89 -4.32 -7.53
N VAL B 106 -24.58 -4.57 -7.46
CA VAL B 106 -23.95 -5.86 -7.78
C VAL B 106 -23.57 -6.61 -6.51
N PRO B 107 -24.30 -7.71 -6.22
CA PRO B 107 -24.04 -8.51 -4.98
C PRO B 107 -22.58 -8.82 -4.59
N SER B 108 -21.82 -9.47 -5.47
CA SER B 108 -20.42 -9.89 -5.20
C SER B 108 -19.43 -8.72 -5.06
N ILE B 109 -19.77 -7.56 -5.61
CA ILE B 109 -18.84 -6.43 -5.62
C ILE B 109 -18.83 -5.68 -4.30
N GLU B 110 -17.70 -5.74 -3.60
CA GLU B 110 -17.45 -4.99 -2.35
C GLU B 110 -16.53 -3.82 -2.70
N ILE B 111 -15.55 -4.05 -3.59
CA ILE B 111 -14.57 -3.06 -4.06
C ILE B 111 -14.58 -3.14 -5.57
N VAL B 112 -14.56 -1.98 -6.25
CA VAL B 112 -14.61 -1.95 -7.71
C VAL B 112 -13.46 -1.12 -8.33
N ARG B 113 -13.11 -1.42 -9.59
CA ARG B 113 -12.10 -0.71 -10.34
C ARG B 113 -12.66 -0.49 -11.77
N VAL B 115 -12.60 0.68 -15.70
CA VAL B 115 -11.69 0.52 -16.85
C VAL B 115 -12.46 1.11 -18.06
N ASN B 116 -11.97 0.92 -19.29
CA ASN B 116 -12.59 1.58 -20.44
C ASN B 116 -13.40 0.65 -21.34
N SER B 117 -13.44 -0.66 -21.05
CA SER B 117 -14.14 -1.64 -21.90
C SER B 117 -14.27 -2.97 -21.19
N GLY B 118 -15.12 -3.85 -21.74
CA GLY B 118 -15.29 -5.20 -21.20
C GLY B 118 -14.02 -6.00 -21.40
N THR B 119 -13.31 -5.79 -22.53
CA THR B 119 -12.04 -6.47 -22.78
C THR B 119 -11.02 -6.16 -21.69
N GLU B 120 -10.91 -4.88 -21.29
CA GLU B 120 -9.97 -4.48 -20.24
C GLU B 120 -10.42 -5.12 -18.91
N ALA B 121 -11.74 -5.18 -18.68
CA ALA B 121 -12.29 -5.74 -17.41
C ALA B 121 -11.96 -7.22 -17.27
N THR B 122 -12.16 -8.01 -18.35
CA THR B 122 -11.92 -9.47 -18.26
C THR B 122 -10.48 -9.84 -18.18
N SER B 124 -8.05 -8.10 -16.93
CA SER B 124 -7.59 -7.69 -15.59
C SER B 124 -8.08 -8.70 -14.55
N ALA B 125 -9.36 -9.12 -14.63
CA ALA B 125 -9.91 -10.13 -13.71
C ALA B 125 -9.16 -11.44 -13.80
N LEU B 126 -8.74 -11.87 -15.04
CA LEU B 126 -7.95 -13.11 -15.19
C LEU B 126 -6.58 -12.93 -14.54
N ARG B 127 -5.92 -11.76 -14.75
CA ARG B 127 -4.61 -11.50 -14.16
C ARG B 127 -4.71 -11.49 -12.63
N LEU B 128 -5.76 -10.89 -12.09
CA LEU B 128 -6.01 -10.85 -10.66
C LEU B 128 -6.22 -12.29 -10.13
N ALA B 129 -7.03 -13.11 -10.82
CA ALA B 129 -7.26 -14.49 -10.35
C ALA B 129 -6.00 -15.31 -10.32
N ARG B 130 -5.18 -15.21 -11.36
CA ARG B 130 -3.89 -15.90 -11.42
C ARG B 130 -2.93 -15.43 -10.31
N GLY B 131 -2.89 -14.11 -10.09
CA GLY B 131 -2.04 -13.51 -9.07
C GLY B 131 -2.48 -13.89 -7.67
N TYR B 132 -3.78 -13.81 -7.40
CA TYR B 132 -4.37 -14.14 -6.11
C TYR B 132 -4.17 -15.63 -5.73
N THR B 133 -4.35 -16.54 -6.70
CA THR B 133 -4.23 -17.99 -6.44
C THR B 133 -2.82 -18.55 -6.62
N GLY B 134 -1.97 -17.84 -7.37
CA GLY B 134 -0.63 -18.30 -7.72
C GLY B 134 -0.71 -19.43 -8.75
N ARG B 135 -1.79 -19.46 -9.57
CA ARG B 135 -1.99 -20.52 -10.56
C ARG B 135 -2.00 -19.95 -11.98
N ASN B 136 -1.74 -20.79 -12.99
CA ASN B 136 -1.64 -20.32 -14.38
C ASN B 136 -2.86 -20.53 -15.27
N LYS B 137 -3.63 -21.59 -15.04
CA LYS B 137 -4.71 -21.96 -15.94
C LYS B 137 -6.03 -21.32 -15.72
N ILE B 138 -6.73 -21.02 -16.83
CA ILE B 138 -8.05 -20.43 -16.79
C ILE B 138 -9.00 -21.38 -17.55
N LEU B 139 -10.23 -21.46 -17.09
CA LEU B 139 -11.22 -22.31 -17.72
C LEU B 139 -12.35 -21.44 -18.23
N LYS B 140 -12.69 -21.60 -19.50
CA LYS B 140 -13.78 -20.86 -20.13
C LYS B 140 -14.64 -21.82 -20.94
N PHE B 141 -15.76 -21.35 -21.48
CA PHE B 141 -16.66 -22.21 -22.22
C PHE B 141 -16.60 -21.96 -23.72
N ILE B 142 -16.77 -23.03 -24.50
CA ILE B 142 -16.76 -23.03 -25.97
C ILE B 142 -17.90 -22.17 -26.49
N GLY B 143 -17.55 -21.28 -27.43
CA GLY B 143 -18.50 -20.38 -28.06
C GLY B 143 -18.81 -19.14 -27.26
N CYS B 144 -18.03 -18.90 -26.19
CA CYS B 144 -18.26 -17.74 -25.34
C CYS B 144 -17.19 -16.70 -25.60
N TYR B 145 -17.60 -15.43 -25.63
CA TYR B 145 -16.68 -14.33 -25.93
C TYR B 145 -16.53 -13.43 -24.73
N HIS B 146 -15.29 -13.14 -24.33
CA HIS B 146 -15.06 -12.34 -23.15
C HIS B 146 -14.25 -11.09 -23.46
N GLY B 147 -14.13 -10.78 -24.74
CA GLY B 147 -13.25 -9.71 -25.19
C GLY B 147 -12.04 -10.36 -25.85
N HIS B 148 -11.13 -9.53 -26.35
CA HIS B 148 -9.99 -9.99 -27.13
C HIS B 148 -8.65 -10.20 -26.40
N GLY B 149 -8.62 -10.26 -25.05
CA GLY B 149 -7.41 -10.61 -24.31
C GLY B 149 -6.96 -11.98 -24.80
N ASP B 150 -5.63 -12.15 -25.11
CA ASP B 150 -5.08 -13.39 -25.72
C ASP B 150 -5.59 -14.71 -25.11
N SER B 151 -5.62 -14.80 -23.77
CA SER B 151 -6.06 -16.01 -23.02
C SER B 151 -7.49 -16.41 -23.35
N LEU B 152 -8.32 -15.42 -23.69
CA LEU B 152 -9.74 -15.62 -23.92
C LEU B 152 -10.12 -15.86 -25.39
N LEU B 153 -9.14 -15.73 -26.31
CA LEU B 153 -9.38 -15.92 -27.76
C LEU B 153 -9.20 -17.36 -28.22
N ILE B 154 -9.69 -18.29 -27.41
CA ILE B 154 -9.65 -19.73 -27.69
C ILE B 154 -11.12 -20.14 -27.67
N LYS B 155 -11.59 -20.80 -28.75
CA LYS B 155 -12.99 -21.22 -28.91
C LYS B 155 -13.95 -20.09 -28.49
N ALA B 156 -13.71 -18.85 -29.01
CA ALA B 156 -14.53 -17.69 -28.65
C ALA B 156 -15.83 -17.60 -29.46
N GLY B 157 -16.06 -18.56 -30.35
CA GLY B 157 -17.30 -18.69 -31.11
C GLY B 157 -17.53 -17.85 -32.34
N SER B 158 -18.80 -17.45 -32.52
CA SER B 158 -19.36 -16.68 -33.64
C SER B 158 -18.67 -15.34 -33.92
N GLY B 159 -17.90 -15.34 -35.01
CA GLY B 159 -17.12 -14.19 -35.45
C GLY B 159 -15.64 -14.45 -35.25
N VAL B 160 -15.30 -15.23 -34.21
CA VAL B 160 -13.93 -15.60 -33.83
C VAL B 160 -13.66 -17.05 -34.24
N ASP B 167 -9.38 -20.80 -34.15
CA ASP B 167 -8.91 -19.91 -33.09
C ASP B 167 -7.85 -18.96 -33.62
N SER B 168 -8.06 -17.67 -33.35
CA SER B 168 -7.22 -16.57 -33.79
C SER B 168 -5.71 -16.84 -33.86
N PRO B 169 -5.10 -16.60 -35.03
CA PRO B 169 -3.63 -16.61 -35.12
C PRO B 169 -3.11 -15.45 -34.25
N GLY B 170 -1.80 -15.38 -34.05
CA GLY B 170 -1.20 -14.33 -33.24
C GLY B 170 -1.24 -14.57 -31.75
N VAL B 171 -1.80 -15.71 -31.31
CA VAL B 171 -1.85 -16.09 -29.89
C VAL B 171 -0.84 -17.25 -29.75
N PRO B 172 0.31 -17.04 -29.08
CA PRO B 172 1.29 -18.14 -28.98
C PRO B 172 0.77 -19.33 -28.18
N GLU B 173 1.37 -20.51 -28.41
CA GLU B 173 1.06 -21.75 -27.65
C GLU B 173 1.34 -21.50 -26.16
N GLY B 174 2.31 -20.64 -25.87
CA GLY B 174 2.63 -20.23 -24.50
C GLY B 174 1.42 -19.68 -23.75
N VAL B 175 0.51 -19.02 -24.47
CA VAL B 175 -0.76 -18.54 -23.91
C VAL B 175 -1.81 -19.66 -23.97
N ALA B 176 -2.04 -20.24 -25.16
CA ALA B 176 -3.07 -21.27 -25.41
C ALA B 176 -3.05 -22.44 -24.44
N LYS B 177 -1.84 -22.94 -24.08
CA LYS B 177 -1.65 -24.07 -23.16
C LYS B 177 -2.22 -23.80 -21.76
N ASN B 178 -2.43 -22.50 -21.40
CA ASN B 178 -3.03 -22.15 -20.08
C ASN B 178 -4.53 -21.87 -20.10
N THR B 179 -5.19 -22.09 -21.25
CA THR B 179 -6.64 -21.95 -21.32
C THR B 179 -7.29 -23.31 -21.57
N ILE B 180 -8.24 -23.72 -20.70
CA ILE B 180 -8.99 -24.96 -20.84
C ILE B 180 -10.35 -24.55 -21.34
N THR B 181 -10.90 -25.24 -22.34
CA THR B 181 -12.25 -24.92 -22.82
C THR B 181 -13.12 -26.15 -22.79
N VAL B 182 -14.35 -25.98 -22.33
CA VAL B 182 -15.32 -27.07 -22.31
C VAL B 182 -16.65 -26.50 -22.78
N ALA B 183 -17.61 -27.34 -23.16
CA ALA B 183 -18.93 -26.87 -23.62
C ALA B 183 -19.68 -26.14 -22.53
N TYR B 184 -20.37 -25.04 -22.91
CA TYR B 184 -21.23 -24.30 -22.01
C TYR B 184 -22.35 -25.25 -21.58
N ASN B 185 -22.75 -25.20 -20.29
CA ASN B 185 -23.79 -26.04 -19.68
C ASN B 185 -23.36 -27.50 -19.44
N ASP B 186 -22.05 -27.79 -19.54
CA ASP B 186 -21.54 -29.15 -19.33
C ASP B 186 -20.75 -29.21 -18.01
N LEU B 187 -21.46 -29.36 -16.89
CA LEU B 187 -20.82 -29.42 -15.57
C LEU B 187 -19.86 -30.61 -15.41
N GLU B 188 -20.23 -31.77 -15.99
CA GLU B 188 -19.39 -32.95 -15.88
C GLU B 188 -17.98 -32.76 -16.45
N SER B 189 -17.87 -32.09 -17.61
CA SER B 189 -16.54 -31.85 -18.22
C SER B 189 -15.70 -30.89 -17.39
N VAL B 190 -16.36 -29.96 -16.69
CA VAL B 190 -15.72 -29.01 -15.77
C VAL B 190 -15.14 -29.83 -14.61
N LYS B 191 -15.95 -30.74 -14.02
CA LYS B 191 -15.51 -31.63 -12.92
C LYS B 191 -14.33 -32.44 -13.36
N TYR B 192 -14.38 -32.99 -14.59
CA TYR B 192 -13.29 -33.75 -15.18
C TYR B 192 -12.05 -32.87 -15.33
N ALA B 193 -12.22 -31.61 -15.81
CA ALA B 193 -11.07 -30.69 -15.95
C ALA B 193 -10.45 -30.41 -14.60
N PHE B 194 -11.26 -30.28 -13.53
CA PHE B 194 -10.73 -30.06 -12.19
C PHE B 194 -10.06 -31.33 -11.62
N GLU B 195 -10.55 -32.52 -11.99
CA GLU B 195 -9.93 -33.79 -11.58
C GLU B 195 -8.50 -33.91 -12.17
N GLN B 196 -8.31 -33.51 -13.43
CA GLN B 196 -7.03 -33.59 -14.13
C GLN B 196 -6.07 -32.43 -13.86
N PHE B 197 -6.58 -31.18 -13.74
CA PHE B 197 -5.71 -29.99 -13.63
C PHE B 197 -6.00 -29.02 -12.49
N GLY B 198 -6.93 -29.37 -11.61
CA GLY B 198 -7.44 -28.58 -10.49
C GLY B 198 -6.47 -27.76 -9.67
N ASP B 199 -5.29 -28.33 -9.39
CA ASP B 199 -4.24 -27.67 -8.61
C ASP B 199 -3.67 -26.44 -9.31
N ASP B 200 -3.83 -26.40 -10.66
CA ASP B 200 -3.31 -25.35 -11.54
C ASP B 200 -4.39 -24.39 -12.12
N ILE B 201 -5.68 -24.57 -11.76
CA ILE B 201 -6.76 -23.73 -12.28
C ILE B 201 -6.98 -22.52 -11.37
N ALA B 202 -6.64 -21.33 -11.87
CA ALA B 202 -6.80 -20.08 -11.14
C ALA B 202 -8.26 -19.67 -11.07
N CYS B 203 -9.01 -19.94 -12.15
CA CYS B 203 -10.40 -19.49 -12.24
C CYS B 203 -11.17 -20.16 -13.33
N VAL B 204 -12.47 -20.09 -13.18
CA VAL B 204 -13.45 -20.43 -14.19
C VAL B 204 -14.06 -19.07 -14.52
N ILE B 205 -14.08 -18.68 -15.80
CA ILE B 205 -14.79 -17.44 -16.22
C ILE B 205 -16.06 -17.91 -16.97
N VAL B 206 -17.22 -17.33 -16.64
CA VAL B 206 -18.50 -17.73 -17.23
C VAL B 206 -19.45 -16.57 -17.37
N GLU B 207 -20.24 -16.57 -18.44
CA GLU B 207 -21.33 -15.61 -18.62
C GLU B 207 -22.54 -16.26 -17.91
N PRO B 208 -23.24 -15.55 -16.97
CA PRO B 208 -24.41 -16.17 -16.27
C PRO B 208 -25.49 -16.60 -17.24
N VAL B 209 -25.64 -15.86 -18.36
CA VAL B 209 -26.45 -16.15 -19.54
C VAL B 209 -25.50 -15.96 -20.75
N ALA B 210 -25.27 -17.01 -21.53
CA ALA B 210 -24.44 -16.92 -22.73
C ALA B 210 -25.16 -16.01 -23.71
N GLY B 211 -24.42 -15.07 -24.29
CA GLY B 211 -24.94 -14.07 -25.22
C GLY B 211 -24.26 -14.02 -26.57
N ASN B 212 -23.05 -14.62 -26.72
CA ASN B 212 -22.29 -14.64 -28.00
C ASN B 212 -22.65 -15.83 -28.88
N GLY B 214 -25.89 -16.61 -29.38
CA GLY B 214 -27.29 -16.26 -29.22
C GLY B 214 -27.54 -16.34 -27.72
N VAL B 215 -28.76 -16.08 -27.27
CA VAL B 215 -29.13 -16.16 -25.84
C VAL B 215 -29.28 -17.63 -25.45
N VAL B 216 -28.38 -18.13 -24.57
CA VAL B 216 -28.41 -19.50 -24.06
C VAL B 216 -28.40 -19.45 -22.50
N PRO B 217 -29.57 -19.55 -21.84
CA PRO B 217 -29.59 -19.53 -20.36
C PRO B 217 -28.86 -20.71 -19.73
N PRO B 218 -28.45 -20.62 -18.44
CA PRO B 218 -27.78 -21.76 -17.81
C PRO B 218 -28.78 -22.89 -17.50
N GLN B 219 -28.33 -24.14 -17.64
CA GLN B 219 -29.14 -25.32 -17.35
C GLN B 219 -29.21 -25.51 -15.82
N PRO B 220 -30.23 -26.25 -15.28
CA PRO B 220 -30.28 -26.44 -13.81
C PRO B 220 -28.99 -27.04 -13.27
N GLY B 221 -28.49 -26.43 -12.20
CA GLY B 221 -27.27 -26.88 -11.53
C GLY B 221 -25.94 -26.46 -12.11
N PHE B 222 -25.96 -25.81 -13.28
CA PHE B 222 -24.70 -25.43 -13.93
C PHE B 222 -23.92 -24.36 -13.17
N LEU B 223 -24.51 -23.19 -12.94
CA LEU B 223 -23.82 -22.09 -12.23
C LEU B 223 -23.49 -22.46 -10.78
N GLU B 224 -24.41 -23.18 -10.09
CA GLU B 224 -24.20 -23.62 -8.70
C GLU B 224 -23.06 -24.61 -8.64
N GLY B 225 -23.02 -25.51 -9.62
CA GLY B 225 -21.96 -26.50 -9.74
C GLY B 225 -20.61 -25.85 -9.97
N LEU B 226 -20.58 -24.74 -10.77
CA LEU B 226 -19.35 -23.97 -11.00
C LEU B 226 -18.88 -23.34 -9.71
N ARG B 227 -19.81 -22.83 -8.91
CA ARG B 227 -19.47 -22.24 -7.61
C ARG B 227 -18.87 -23.28 -6.66
N GLU B 228 -19.50 -24.48 -6.61
N GLU B 228 -19.51 -24.47 -6.62
CA GLU B 228 -19.07 -25.58 -5.76
CA GLU B 228 -19.14 -25.62 -5.81
C GLU B 228 -17.70 -26.10 -6.17
C GLU B 228 -17.74 -26.13 -6.17
N VAL B 229 -17.50 -26.43 -7.47
CA VAL B 229 -16.21 -26.96 -7.95
C VAL B 229 -15.04 -25.98 -7.75
N THR B 230 -15.32 -24.67 -7.92
CA THR B 230 -14.27 -23.68 -7.75
C THR B 230 -13.90 -23.58 -6.28
N GLU B 231 -14.90 -23.41 -5.37
CA GLU B 231 -14.74 -23.32 -3.90
C GLU B 231 -13.91 -24.50 -3.40
N GLN B 232 -14.31 -25.72 -3.80
CA GLN B 232 -13.67 -26.97 -3.35
C GLN B 232 -12.25 -27.13 -3.82
N ASN B 233 -11.88 -26.58 -4.98
CA ASN B 233 -10.53 -26.73 -5.52
C ASN B 233 -9.62 -25.50 -5.39
N GLY B 234 -10.08 -24.47 -4.68
CA GLY B 234 -9.30 -23.25 -4.46
C GLY B 234 -9.16 -22.32 -5.66
N ALA B 235 -10.06 -22.45 -6.66
CA ALA B 235 -10.09 -21.58 -7.85
C ALA B 235 -11.14 -20.49 -7.64
N LEU B 236 -10.98 -19.34 -8.31
CA LEU B 236 -11.97 -18.28 -8.22
C LEU B 236 -13.07 -18.49 -9.24
N LEU B 237 -14.24 -17.96 -8.95
CA LEU B 237 -15.34 -18.00 -9.91
C LEU B 237 -15.51 -16.54 -10.41
N ILE B 238 -15.31 -16.33 -11.73
CA ILE B 238 -15.47 -14.99 -12.32
C ILE B 238 -16.73 -14.99 -13.18
N PHE B 239 -17.62 -14.03 -12.93
CA PHE B 239 -18.78 -13.87 -13.79
C PHE B 239 -18.52 -12.76 -14.77
N ASP B 240 -18.57 -13.10 -16.05
CA ASP B 240 -18.47 -12.08 -17.07
C ASP B 240 -19.88 -11.56 -17.26
N GLU B 241 -20.18 -10.42 -16.64
CA GLU B 241 -21.51 -9.81 -16.75
C GLU B 241 -21.42 -8.58 -17.62
N VAL B 242 -20.49 -8.57 -18.59
CA VAL B 242 -20.38 -7.38 -19.47
C VAL B 242 -21.71 -7.15 -20.22
N THR B 244 -24.77 -9.24 -19.51
CA THR B 244 -25.88 -9.49 -18.55
C THR B 244 -26.03 -8.40 -17.48
N GLY B 245 -24.92 -7.81 -17.07
CA GLY B 245 -24.93 -6.78 -16.03
C GLY B 245 -25.92 -5.67 -16.29
N PHE B 246 -26.81 -5.41 -15.29
CA PHE B 246 -27.85 -4.37 -15.34
C PHE B 246 -28.89 -4.58 -16.47
N ARG B 247 -28.83 -5.76 -17.14
CA ARG B 247 -29.72 -6.04 -18.25
C ARG B 247 -30.67 -7.23 -17.96
N VAL B 248 -30.12 -8.37 -17.53
N VAL B 248 -30.11 -8.37 -17.51
CA VAL B 248 -30.92 -9.58 -17.23
CA VAL B 248 -30.91 -9.56 -17.18
C VAL B 248 -31.85 -9.39 -15.99
C VAL B 248 -31.89 -9.25 -16.05
N ALA B 249 -31.39 -8.62 -14.98
CA ALA B 249 -32.16 -8.33 -13.75
C ALA B 249 -31.57 -7.12 -13.06
N TYR B 250 -32.30 -6.56 -12.08
CA TYR B 250 -31.88 -5.38 -11.30
C TYR B 250 -30.52 -5.60 -10.67
N ASN B 251 -30.32 -6.77 -10.04
CA ASN B 251 -29.05 -7.12 -9.39
C ASN B 251 -28.21 -8.05 -10.23
N CYS B 252 -28.32 -7.89 -11.58
CA CYS B 252 -27.53 -8.65 -12.55
C CYS B 252 -27.85 -10.16 -12.57
N GLY B 253 -27.08 -10.94 -13.34
CA GLY B 253 -27.23 -12.39 -13.47
C GLY B 253 -27.02 -13.10 -12.16
N GLN B 254 -25.97 -12.71 -11.45
CA GLN B 254 -25.66 -13.32 -10.14
C GLN B 254 -26.80 -13.13 -9.11
N GLY B 255 -27.50 -11.99 -9.14
CA GLY B 255 -28.62 -11.72 -8.24
C GLY B 255 -29.86 -12.47 -8.69
N TYR B 256 -30.10 -12.55 -10.00
CA TYR B 256 -31.24 -13.27 -10.58
C TYR B 256 -31.18 -14.76 -10.29
N TYR B 257 -29.99 -15.37 -10.41
CA TYR B 257 -29.82 -16.79 -10.21
C TYR B 257 -29.40 -17.16 -8.79
N GLY B 258 -29.06 -16.16 -7.98
CA GLY B 258 -28.64 -16.35 -6.59
C GLY B 258 -27.32 -17.07 -6.42
N VAL B 259 -26.38 -16.89 -7.38
CA VAL B 259 -25.05 -17.52 -7.34
C VAL B 259 -24.06 -16.35 -7.24
N THR B 260 -23.25 -16.32 -6.18
CA THR B 260 -22.28 -15.24 -5.89
C THR B 260 -20.82 -15.59 -6.31
N PRO B 261 -20.31 -14.94 -7.37
CA PRO B 261 -18.94 -15.23 -7.82
C PRO B 261 -17.93 -14.49 -6.94
N ASP B 262 -16.62 -14.76 -7.13
CA ASP B 262 -15.57 -14.06 -6.38
C ASP B 262 -15.28 -12.70 -7.02
N LEU B 263 -15.32 -12.66 -8.37
CA LEU B 263 -15.07 -11.45 -9.18
C LEU B 263 -16.14 -11.34 -10.26
N THR B 264 -16.49 -10.10 -10.61
CA THR B 264 -17.48 -9.80 -11.65
C THR B 264 -16.87 -8.81 -12.64
N CYS B 265 -17.09 -9.01 -13.95
CA CYS B 265 -16.66 -8.03 -14.97
C CYS B 265 -17.89 -7.36 -15.54
N LEU B 266 -17.81 -6.03 -15.72
CA LEU B 266 -18.91 -5.21 -16.20
C LEU B 266 -18.48 -4.37 -17.38
N GLY B 267 -19.44 -3.88 -18.13
CA GLY B 267 -19.26 -3.08 -19.33
C GLY B 267 -20.60 -2.69 -19.93
N LYS B 268 -20.57 -2.30 -21.19
CA LYS B 268 -21.80 -2.15 -21.90
C LYS B 268 -22.73 -1.15 -21.19
N VAL B 269 -23.82 -1.59 -20.56
CA VAL B 269 -24.74 -0.69 -19.94
C VAL B 269 -24.06 0.21 -18.88
N ILE B 270 -23.05 -0.28 -18.20
CA ILE B 270 -22.37 0.53 -17.17
C ILE B 270 -21.89 1.88 -17.73
N GLY B 271 -21.63 1.94 -19.04
CA GLY B 271 -21.20 3.19 -19.68
C GLY B 271 -22.33 3.99 -20.29
N GLY B 272 -23.50 3.35 -20.45
CA GLY B 272 -24.68 3.98 -21.05
C GLY B 272 -24.45 4.61 -22.41
N GLY B 273 -23.54 4.05 -23.20
CA GLY B 273 -23.23 4.58 -24.52
C GLY B 273 -21.86 5.23 -24.63
N LEU B 274 -21.08 5.24 -23.50
CA LEU B 274 -19.69 5.74 -23.45
C LEU B 274 -18.75 4.57 -23.13
N PRO B 275 -17.45 4.61 -23.51
CA PRO B 275 -16.56 3.47 -23.20
C PRO B 275 -16.26 3.35 -21.72
N VAL B 276 -16.91 2.36 -21.07
CA VAL B 276 -16.70 2.07 -19.64
C VAL B 276 -16.76 0.56 -19.46
N GLY B 277 -15.90 0.07 -18.58
CA GLY B 277 -15.91 -1.30 -18.10
C GLY B 277 -15.60 -1.22 -16.62
N ALA B 278 -15.66 -2.37 -15.93
CA ALA B 278 -15.30 -2.43 -14.50
C ALA B 278 -15.08 -3.87 -14.10
N TYR B 279 -14.21 -4.11 -13.12
CA TYR B 279 -14.09 -5.42 -12.48
C TYR B 279 -14.13 -5.17 -10.99
N GLY B 280 -14.86 -6.03 -10.28
CA GLY B 280 -15.00 -5.85 -8.85
C GLY B 280 -15.26 -7.18 -8.19
N GLY B 281 -15.24 -7.20 -6.87
CA GLY B 281 -15.47 -8.47 -6.17
C GLY B 281 -15.15 -8.37 -4.69
N LYS B 282 -14.79 -9.50 -4.07
CA LYS B 282 -14.44 -9.59 -2.65
C LYS B 282 -13.31 -8.61 -2.38
N ALA B 283 -13.43 -7.83 -1.30
CA ALA B 283 -12.46 -6.81 -0.91
C ALA B 283 -11.08 -7.33 -0.75
N GLU B 284 -10.91 -8.54 -0.14
CA GLU B 284 -9.56 -9.09 0.05
C GLU B 284 -8.89 -9.49 -1.27
N ILE B 285 -9.67 -9.75 -2.32
CA ILE B 285 -9.07 -10.10 -3.61
C ILE B 285 -8.63 -8.81 -4.32
N ARG B 287 -7.94 -5.97 -3.12
CA ARG B 287 -6.87 -5.31 -2.36
C ARG B 287 -5.51 -5.63 -2.97
N GLN B 288 -5.39 -6.73 -3.72
CA GLN B 288 -4.12 -7.09 -4.36
C GLN B 288 -3.84 -6.28 -5.64
N VAL B 289 -4.79 -5.48 -6.11
CA VAL B 289 -4.59 -4.67 -7.34
C VAL B 289 -3.80 -3.40 -6.98
N ALA B 290 -2.91 -2.94 -7.89
CA ALA B 290 -2.15 -1.71 -7.72
C ALA B 290 -3.11 -0.50 -7.61
N PRO B 291 -2.85 0.48 -6.72
CA PRO B 291 -1.64 0.65 -5.89
C PRO B 291 -1.66 -0.06 -4.54
N SER B 292 -2.80 -0.69 -4.18
N SER B 292 -2.79 -0.67 -4.16
CA SER B 292 -3.01 -1.40 -2.93
CA SER B 292 -2.87 -1.36 -2.87
C SER B 292 -2.18 -2.68 -2.83
C SER B 292 -2.02 -2.63 -2.83
N GLY B 293 -1.98 -3.37 -3.94
CA GLY B 293 -1.21 -4.61 -4.03
C GLY B 293 -0.29 -4.66 -5.24
N PRO B 294 0.38 -5.82 -5.49
CA PRO B 294 1.37 -5.88 -6.57
C PRO B 294 0.85 -6.23 -7.98
N ILE B 295 -0.45 -6.53 -8.10
N ILE B 295 -0.44 -6.60 -8.11
CA ILE B 295 -1.09 -6.86 -9.39
CA ILE B 295 -0.97 -6.96 -9.43
C ILE B 295 -1.27 -5.58 -10.19
C ILE B 295 -1.31 -5.68 -10.23
N TYR B 296 -0.49 -5.40 -11.26
CA TYR B 296 -0.59 -4.18 -12.07
C TYR B 296 -1.74 -4.06 -13.04
N GLN B 297 -2.44 -2.95 -12.91
CA GLN B 297 -3.49 -2.55 -13.83
C GLN B 297 -3.67 -1.05 -13.68
N ALA B 298 -3.71 -0.36 -14.79
CA ALA B 298 -3.87 1.07 -14.89
C ALA B 298 -4.62 1.44 -16.16
N GLY B 299 -5.18 2.61 -16.19
CA GLY B 299 -5.76 3.19 -17.39
C GLY B 299 -5.91 4.70 -17.37
N THR B 300 -5.45 5.35 -18.42
CA THR B 300 -5.41 6.78 -18.43
C THR B 300 -6.79 7.43 -18.36
N LEU B 301 -7.70 6.90 -19.13
CA LEU B 301 -9.05 7.49 -19.17
C LEU B 301 -10.00 6.79 -18.20
N SER B 302 -9.54 5.73 -17.48
CA SER B 302 -10.38 5.01 -16.50
C SER B 302 -10.96 5.99 -15.47
N GLY B 303 -12.26 5.84 -15.21
CA GLY B 303 -12.97 6.70 -14.26
C GLY B 303 -13.06 8.16 -14.67
N ASN B 304 -12.93 8.50 -15.97
CA ASN B 304 -13.03 9.90 -16.38
C ASN B 304 -14.47 10.39 -16.08
N PRO B 305 -14.66 11.66 -15.65
CA PRO B 305 -16.01 12.12 -15.24
C PRO B 305 -17.10 12.01 -16.29
N LEU B 306 -16.77 12.15 -17.56
CA LEU B 306 -17.79 12.09 -18.62
C LEU B 306 -18.43 10.73 -18.63
N ALA B 307 -17.60 9.67 -18.60
CA ALA B 307 -18.05 8.28 -18.57
C ALA B 307 -18.73 7.95 -17.23
N ALA B 309 -20.47 10.07 -15.33
CA ALA B 309 -21.75 10.78 -15.37
C ALA B 309 -22.74 10.02 -16.26
N ALA B 310 -22.27 9.50 -17.42
CA ALA B 310 -23.14 8.73 -18.32
C ALA B 310 -23.59 7.45 -17.63
N GLY B 311 -22.65 6.75 -17.01
CA GLY B 311 -22.93 5.53 -16.27
C GLY B 311 -23.84 5.75 -15.08
N TYR B 312 -23.57 6.83 -14.31
CA TYR B 312 -24.42 7.12 -13.15
C TYR B 312 -25.88 7.41 -13.56
N GLU B 313 -26.08 8.31 -14.52
CA GLU B 313 -27.43 8.70 -14.98
C GLU B 313 -28.16 7.53 -15.61
N THR B 314 -27.41 6.60 -16.24
CA THR B 314 -28.01 5.44 -16.85
C THR B 314 -28.52 4.49 -15.75
N LEU B 315 -27.62 4.13 -14.81
CA LEU B 315 -27.94 3.17 -13.77
C LEU B 315 -28.95 3.65 -12.75
N VAL B 316 -28.91 4.96 -12.38
CA VAL B 316 -29.83 5.51 -11.36
C VAL B 316 -31.29 5.47 -11.86
N GLN B 317 -31.49 5.48 -13.20
CA GLN B 317 -32.81 5.46 -13.82
C GLN B 317 -33.40 4.07 -13.92
N LEU B 318 -32.60 3.03 -13.68
CA LEU B 318 -33.07 1.66 -13.70
C LEU B 318 -33.56 1.34 -12.29
N THR B 319 -34.80 0.86 -12.20
CA THR B 319 -35.43 0.48 -10.92
C THR B 319 -35.89 -0.96 -11.05
N PRO B 320 -36.31 -1.67 -9.96
CA PRO B 320 -36.82 -3.04 -10.14
C PRO B 320 -37.98 -3.12 -11.13
N GLU B 321 -38.81 -2.04 -11.23
N GLU B 321 -38.83 -2.06 -11.22
CA GLU B 321 -39.96 -1.92 -12.14
CA GLU B 321 -39.98 -2.03 -12.15
C GLU B 321 -39.55 -1.94 -13.61
C GLU B 321 -39.54 -2.01 -13.62
N SER B 322 -38.34 -1.45 -13.92
CA SER B 322 -37.78 -1.46 -15.29
C SER B 322 -37.72 -2.89 -15.80
N TYR B 323 -37.31 -3.82 -14.92
CA TYR B 323 -37.15 -5.23 -15.23
C TYR B 323 -38.45 -5.98 -15.33
N VAL B 324 -39.46 -5.58 -14.54
CA VAL B 324 -40.81 -6.15 -14.62
C VAL B 324 -41.31 -5.82 -16.03
N GLU B 325 -41.13 -4.55 -16.48
N GLU B 325 -41.13 -4.56 -16.47
CA GLU B 325 -41.52 -4.11 -17.82
CA GLU B 325 -41.52 -4.12 -17.80
C GLU B 325 -40.74 -4.80 -18.94
C GLU B 325 -40.74 -4.84 -18.92
N PHE B 326 -39.41 -5.03 -18.74
CA PHE B 326 -38.60 -5.74 -19.77
C PHE B 326 -39.12 -7.17 -19.95
N GLU B 327 -39.43 -7.85 -18.83
CA GLU B 327 -39.91 -9.22 -18.87
C GLU B 327 -41.28 -9.31 -19.53
N ARG B 328 -42.16 -8.32 -19.30
CA ARG B 328 -43.47 -8.24 -19.92
C ARG B 328 -43.33 -8.12 -21.45
N LYS B 329 -42.44 -7.21 -21.91
CA LYS B 329 -42.21 -6.99 -23.34
C LYS B 329 -41.52 -8.16 -24.03
N ALA B 330 -40.56 -8.80 -23.35
CA ALA B 330 -39.85 -9.97 -23.87
C ALA B 330 -40.83 -11.15 -24.00
N GLU B 331 -41.78 -11.30 -23.04
CA GLU B 331 -42.83 -12.34 -23.09
C GLU B 331 -43.75 -12.13 -24.32
N LEU B 333 -42.89 -10.52 -27.10
CA LEU B 333 -42.08 -10.81 -28.30
C LEU B 333 -41.98 -12.30 -28.52
N GLU B 334 -41.67 -13.07 -27.47
CA GLU B 334 -41.59 -14.53 -27.53
C GLU B 334 -42.90 -15.12 -28.09
N ALA B 335 -44.07 -14.66 -27.59
CA ALA B 335 -45.41 -15.14 -27.99
C ALA B 335 -45.69 -14.87 -29.48
N GLY B 336 -45.45 -13.63 -29.91
CA GLY B 336 -45.67 -13.17 -31.28
C GLY B 336 -44.74 -13.82 -32.28
N LEU B 337 -43.45 -13.99 -31.90
CA LEU B 337 -42.45 -14.64 -32.75
C LEU B 337 -42.77 -16.12 -32.88
N ARG B 338 -43.21 -16.76 -31.76
CA ARG B 338 -43.56 -18.18 -31.72
C ARG B 338 -44.79 -18.41 -32.60
N LYS B 339 -45.77 -17.48 -32.54
CA LYS B 339 -47.04 -17.53 -33.26
C LYS B 339 -46.79 -17.46 -34.75
N ALA B 340 -45.86 -16.58 -35.18
CA ALA B 340 -45.46 -16.38 -36.57
C ALA B 340 -44.70 -17.56 -37.13
N ALA B 341 -43.80 -18.17 -36.33
CA ALA B 341 -43.03 -19.35 -36.77
C ALA B 341 -43.92 -20.60 -36.96
N GLU B 342 -44.86 -20.83 -36.02
CA GLU B 342 -45.81 -21.96 -36.05
C GLU B 342 -46.72 -21.82 -37.27
N LYS B 343 -47.28 -20.61 -37.47
CA LYS B 343 -48.13 -20.27 -38.61
C LYS B 343 -47.46 -20.58 -39.96
N HIS B 344 -46.18 -20.19 -40.12
CA HIS B 344 -45.49 -20.41 -41.39
C HIS B 344 -44.64 -21.67 -41.46
N GLY B 345 -44.76 -22.52 -40.44
CA GLY B 345 -44.05 -23.80 -40.39
C GLY B 345 -42.54 -23.69 -40.36
N ILE B 346 -42.02 -22.65 -39.68
CA ILE B 346 -40.58 -22.37 -39.62
C ILE B 346 -39.94 -23.05 -38.41
N PRO B 347 -38.79 -23.77 -38.55
CA PRO B 347 -38.16 -24.37 -37.36
C PRO B 347 -37.69 -23.25 -36.44
N HIS B 348 -37.96 -23.37 -35.13
CA HIS B 348 -37.66 -22.31 -34.19
C HIS B 348 -37.45 -22.80 -32.77
N HIS B 349 -36.68 -22.03 -32.00
CA HIS B 349 -36.44 -22.22 -30.57
C HIS B 349 -36.17 -20.85 -30.02
N ILE B 350 -36.97 -20.43 -29.02
CA ILE B 350 -36.82 -19.11 -28.41
C ILE B 350 -36.28 -19.25 -27.00
N ASN B 351 -35.20 -18.52 -26.68
CA ASN B 351 -34.63 -18.56 -25.35
C ASN B 351 -34.88 -17.27 -24.66
N ARG B 352 -35.21 -17.37 -23.38
CA ARG B 352 -35.51 -16.25 -22.52
C ARG B 352 -34.87 -16.48 -21.16
N ALA B 353 -34.13 -15.49 -20.71
CA ALA B 353 -33.49 -15.52 -19.40
C ALA B 353 -33.67 -14.12 -18.87
N GLY B 354 -34.45 -13.99 -17.80
CA GLY B 354 -34.78 -12.70 -17.21
C GLY B 354 -35.42 -11.84 -18.28
N SER B 355 -34.76 -10.74 -18.65
CA SER B 355 -35.20 -9.81 -19.69
C SER B 355 -34.67 -10.15 -21.08
N ILE B 357 -33.78 -12.13 -24.61
CA ILE B 357 -34.51 -12.96 -25.59
C ILE B 357 -33.77 -13.16 -26.92
N GLY B 358 -33.81 -14.37 -27.45
CA GLY B 358 -33.23 -14.69 -28.76
C GLY B 358 -34.01 -15.78 -29.47
N ILE B 359 -34.16 -15.66 -30.79
CA ILE B 359 -34.83 -16.65 -31.64
C ILE B 359 -33.86 -17.40 -32.54
N PHE B 360 -33.84 -18.73 -32.46
CA PHE B 360 -32.96 -19.56 -33.29
C PHE B 360 -33.78 -20.27 -34.36
N PHE B 361 -33.26 -20.35 -35.60
CA PHE B 361 -33.96 -21.03 -36.70
C PHE B 361 -33.61 -22.53 -36.73
N THR B 362 -33.99 -23.23 -35.65
CA THR B 362 -33.80 -24.68 -35.40
C THR B 362 -34.83 -25.12 -34.37
N ASP B 363 -35.31 -26.36 -34.48
CA ASP B 363 -36.27 -26.93 -33.53
C ASP B 363 -35.50 -27.58 -32.37
N GLU B 364 -34.18 -27.79 -32.51
CA GLU B 364 -33.37 -28.37 -31.46
C GLU B 364 -33.39 -27.46 -30.21
N PRO B 365 -33.49 -28.03 -28.99
CA PRO B 365 -33.42 -27.18 -27.79
C PRO B 365 -32.01 -26.59 -27.72
N VAL B 366 -31.91 -25.26 -27.74
CA VAL B 366 -30.60 -24.60 -27.78
C VAL B 366 -30.04 -24.43 -26.36
N ILE B 367 -29.19 -25.38 -25.95
CA ILE B 367 -28.59 -25.42 -24.59
C ILE B 367 -27.07 -25.24 -24.58
N ASN B 368 -26.45 -25.21 -25.79
CA ASN B 368 -25.02 -24.99 -25.99
C ASN B 368 -24.71 -24.55 -27.42
N TYR B 369 -23.43 -24.26 -27.70
CA TYR B 369 -22.96 -23.79 -29.00
C TYR B 369 -23.22 -24.78 -30.12
N ASP B 370 -23.02 -26.08 -29.83
CA ASP B 370 -23.27 -27.15 -30.79
C ASP B 370 -24.72 -27.18 -31.23
N ALA B 371 -25.67 -27.00 -30.30
CA ALA B 371 -27.09 -26.94 -30.60
C ALA B 371 -27.45 -25.61 -31.31
N ALA B 372 -26.78 -24.49 -30.90
CA ALA B 372 -27.03 -23.19 -31.57
C ALA B 372 -26.57 -23.25 -33.03
N LYS B 373 -25.47 -24.00 -33.30
CA LYS B 373 -24.92 -24.20 -34.66
C LYS B 373 -25.86 -24.96 -35.61
N SER B 374 -26.96 -25.54 -35.09
CA SER B 374 -27.94 -26.22 -35.94
C SER B 374 -28.93 -25.24 -36.57
N SER B 375 -28.90 -23.95 -36.18
CA SER B 375 -29.75 -22.89 -36.76
C SER B 375 -29.52 -22.79 -38.27
N ASN B 376 -30.61 -22.65 -39.03
CA ASN B 376 -30.54 -22.52 -40.49
C ASN B 376 -30.22 -21.04 -40.77
N LEU B 377 -28.98 -20.76 -41.15
CA LEU B 377 -28.46 -19.42 -41.40
C LEU B 377 -28.99 -18.75 -42.66
N GLN B 378 -29.51 -19.56 -43.59
CA GLN B 378 -30.10 -19.03 -44.81
C GLN B 378 -31.45 -18.47 -44.47
N PHE B 379 -32.17 -19.13 -43.52
CA PHE B 379 -33.45 -18.63 -43.02
C PHE B 379 -33.19 -17.37 -42.22
N PHE B 380 -32.13 -17.38 -41.36
CA PHE B 380 -31.80 -16.17 -40.58
C PHE B 380 -31.55 -14.98 -41.51
N ALA B 381 -30.68 -15.15 -42.54
CA ALA B 381 -30.35 -14.03 -43.45
C ALA B 381 -31.58 -13.53 -44.22
N ALA B 382 -32.45 -14.45 -44.71
CA ALA B 382 -33.67 -14.08 -45.45
C ALA B 382 -34.65 -13.32 -44.52
N TYR B 383 -34.78 -13.80 -43.29
N TYR B 383 -34.79 -13.79 -43.27
CA TYR B 383 -35.60 -13.17 -42.26
CA TYR B 383 -35.62 -13.15 -42.25
C TYR B 383 -35.06 -11.75 -41.97
C TYR B 383 -35.07 -11.75 -41.93
N TYR B 384 -33.76 -11.65 -41.80
CA TYR B 384 -33.08 -10.41 -41.44
C TYR B 384 -33.23 -9.33 -42.50
N ARG B 385 -33.06 -9.70 -43.75
CA ARG B 385 -33.19 -8.80 -44.90
C ARG B 385 -34.63 -8.24 -44.95
N GLU B 386 -35.63 -9.07 -44.66
CA GLU B 386 -37.03 -8.60 -44.64
C GLU B 386 -37.35 -7.73 -43.42
N VAL B 388 -35.25 -5.63 -42.04
CA VAL B 388 -34.67 -4.32 -42.42
C VAL B 388 -35.67 -3.62 -43.36
N GLU B 389 -36.20 -4.36 -44.36
CA GLU B 389 -37.16 -3.77 -45.29
C GLU B 389 -38.42 -3.27 -44.54
N GLN B 390 -38.81 -3.95 -43.46
CA GLN B 390 -39.99 -3.57 -42.66
C GLN B 390 -39.69 -2.49 -41.61
N GLY B 391 -38.45 -2.03 -41.54
CA GLY B 391 -38.07 -0.99 -40.58
C GLY B 391 -37.74 -1.48 -39.19
N VAL B 392 -37.11 -2.64 -39.08
CA VAL B 392 -36.69 -3.18 -37.78
C VAL B 392 -35.18 -3.39 -37.86
N PHE B 393 -34.42 -2.83 -36.89
CA PHE B 393 -32.97 -3.03 -36.87
C PHE B 393 -32.63 -4.04 -35.79
N LEU B 394 -32.37 -5.28 -36.20
CA LEU B 394 -32.01 -6.36 -35.32
C LEU B 394 -30.50 -6.58 -35.38
N PRO B 395 -29.89 -7.31 -34.41
CA PRO B 395 -28.47 -7.67 -34.56
C PRO B 395 -28.24 -8.48 -35.84
N PRO B 396 -27.32 -8.04 -36.74
CA PRO B 396 -27.09 -8.80 -37.98
C PRO B 396 -26.26 -10.07 -37.75
N SER B 397 -26.77 -10.97 -36.91
CA SER B 397 -26.16 -12.26 -36.64
C SER B 397 -27.16 -13.16 -35.97
N GLN B 398 -27.15 -14.47 -36.33
CA GLN B 398 -28.03 -15.45 -35.69
C GLN B 398 -27.57 -15.64 -34.26
N PHE B 399 -26.27 -15.42 -34.01
CA PHE B 399 -25.66 -15.65 -32.70
C PHE B 399 -25.67 -14.46 -31.76
N GLU B 400 -26.83 -13.80 -31.66
CA GLU B 400 -27.10 -12.66 -30.78
C GLU B 400 -28.57 -12.65 -30.45
N GLY B 401 -28.91 -12.16 -29.26
CA GLY B 401 -30.29 -11.99 -28.87
C GLY B 401 -30.72 -10.57 -29.18
N LEU B 402 -32.02 -10.29 -29.02
CA LEU B 402 -32.58 -8.96 -29.24
C LEU B 402 -32.42 -8.16 -27.95
N PHE B 403 -32.07 -6.87 -28.04
CA PHE B 403 -31.94 -6.00 -26.87
C PHE B 403 -33.12 -5.07 -26.74
N LEU B 404 -33.72 -5.04 -25.54
CA LEU B 404 -34.82 -4.14 -25.23
C LEU B 404 -34.30 -2.95 -24.46
N SER B 405 -35.02 -1.84 -24.55
CA SER B 405 -34.75 -0.60 -23.82
C SER B 405 -35.95 -0.24 -22.95
N THR B 406 -35.77 0.69 -21.98
CA THR B 406 -36.87 1.18 -21.14
C THR B 406 -37.83 2.06 -21.98
N VAL B 407 -37.46 2.38 -23.22
CA VAL B 407 -38.31 3.22 -24.06
C VAL B 407 -38.97 2.48 -25.25
N HIS B 408 -38.90 1.16 -25.30
CA HIS B 408 -39.61 0.43 -26.37
C HIS B 408 -41.09 0.43 -25.93
N SER B 409 -41.99 0.99 -26.74
CA SER B 409 -43.42 1.05 -26.36
C SER B 409 -44.11 -0.26 -26.73
N ASP B 410 -45.38 -0.42 -26.31
CA ASP B 410 -46.14 -1.62 -26.74
C ASP B 410 -46.36 -1.55 -28.25
N ALA B 411 -46.58 -0.34 -28.80
CA ALA B 411 -46.75 -0.10 -30.24
C ALA B 411 -45.49 -0.53 -31.01
N ASP B 412 -44.27 -0.30 -30.45
CA ASP B 412 -43.01 -0.78 -31.08
C ASP B 412 -43.01 -2.30 -31.12
N ILE B 413 -43.39 -2.95 -30.00
CA ILE B 413 -43.40 -4.42 -29.90
C ILE B 413 -44.38 -5.04 -30.91
N GLU B 414 -45.58 -4.47 -31.02
CA GLU B 414 -46.63 -4.97 -31.93
C GLU B 414 -46.19 -4.84 -33.39
N ALA B 415 -45.59 -3.68 -33.73
CA ALA B 415 -45.07 -3.41 -35.08
C ALA B 415 -43.94 -4.36 -35.42
N THR B 416 -43.12 -4.74 -34.41
CA THR B 416 -42.01 -5.69 -34.60
C THR B 416 -42.57 -7.07 -34.92
N ILE B 417 -43.62 -7.50 -34.16
CA ILE B 417 -44.26 -8.80 -34.35
C ILE B 417 -44.89 -8.91 -35.75
N ALA B 418 -45.56 -7.85 -36.24
CA ALA B 418 -46.22 -7.79 -37.55
C ALA B 418 -45.18 -7.87 -38.64
N ALA B 419 -44.00 -7.25 -38.39
CA ALA B 419 -42.89 -7.27 -39.33
C ALA B 419 -42.31 -8.70 -39.41
N ALA B 420 -42.17 -9.38 -38.26
CA ALA B 420 -41.66 -10.77 -38.18
C ALA B 420 -42.60 -11.75 -38.89
N GLU B 421 -43.91 -11.53 -38.80
CA GLU B 421 -44.93 -12.33 -39.47
C GLU B 421 -44.69 -12.32 -41.00
N ILE B 422 -44.48 -11.12 -41.59
CA ILE B 422 -44.17 -10.95 -43.02
C ILE B 422 -42.83 -11.61 -43.35
N ALA B 423 -41.78 -11.36 -42.53
CA ALA B 423 -40.47 -11.97 -42.78
C ALA B 423 -40.51 -13.50 -42.74
N SER B 425 -43.13 -15.40 -43.41
CA SER B 425 -43.97 -15.81 -44.53
C SER B 425 -43.18 -16.03 -45.83
N LYS B 426 -42.02 -15.38 -45.96
CA LYS B 426 -41.17 -15.45 -47.14
C LYS B 426 -40.02 -16.46 -47.07
N LEU B 427 -39.86 -17.17 -45.95
CA LEU B 427 -38.74 -18.13 -45.82
C LEU B 427 -38.94 -19.44 -46.61
N LYS B 428 -40.12 -20.05 -46.48
CA LYS B 428 -40.48 -21.34 -47.09
C LYS B 428 -41.62 -21.14 -48.09
N ARG C 2 -7.21 -25.38 2.78
CA ARG C 2 -7.15 -24.81 4.13
C ARG C 2 -8.03 -23.54 4.11
N LYS C 3 -8.88 -23.33 5.12
CA LYS C 3 -9.78 -22.17 5.13
C LYS C 3 -9.17 -21.03 5.95
N PHE C 4 -9.38 -19.80 5.49
CA PHE C 4 -8.84 -18.58 6.13
C PHE C 4 -9.91 -17.51 6.34
N ASP C 5 -11.22 -17.90 6.27
CA ASP C 5 -12.37 -16.97 6.39
C ASP C 5 -12.33 -16.08 7.63
N LYS C 6 -12.00 -16.64 8.79
CA LYS C 6 -11.97 -15.86 10.04
C LYS C 6 -10.86 -14.84 10.07
N SER C 7 -9.65 -15.25 9.60
CA SER C 7 -8.49 -14.36 9.48
C SER C 7 -8.81 -13.22 8.52
N ILE C 8 -9.48 -13.53 7.39
CA ILE C 8 -9.93 -12.52 6.43
C ILE C 8 -10.88 -11.53 7.10
N ALA C 9 -11.89 -12.01 7.84
CA ALA C 9 -12.84 -11.11 8.52
C ALA C 9 -12.12 -10.27 9.61
N ALA C 10 -11.16 -10.87 10.33
CA ALA C 10 -10.44 -10.13 11.39
C ALA C 10 -9.56 -9.05 10.77
N PHE C 11 -9.01 -9.32 9.55
CA PHE C 11 -8.19 -8.31 8.87
C PHE C 11 -9.01 -7.12 8.37
N GLU C 12 -10.26 -7.35 7.97
N GLU C 12 -10.27 -7.35 8.00
CA GLU C 12 -11.15 -6.27 7.51
CA GLU C 12 -11.20 -6.29 7.55
C GLU C 12 -11.41 -5.26 8.66
C GLU C 12 -11.37 -5.27 8.68
N GLU C 13 -11.52 -5.77 9.92
CA GLU C 13 -11.67 -4.93 11.12
C GLU C 13 -10.35 -4.20 11.39
N ALA C 14 -9.22 -4.92 11.38
CA ALA C 14 -7.88 -4.38 11.67
C ALA C 14 -7.48 -3.21 10.74
N GLN C 15 -7.84 -3.28 9.44
CA GLN C 15 -7.57 -2.21 8.46
C GLN C 15 -8.28 -0.90 8.74
N ASP C 16 -9.32 -0.91 9.58
CA ASP C 16 -10.01 0.33 9.95
C ASP C 16 -9.52 0.89 11.29
N LEU C 17 -8.49 0.25 11.90
CA LEU C 17 -7.95 0.60 13.22
C LEU C 17 -6.49 1.02 13.26
N PRO C 19 -2.49 1.44 10.83
CA PRO C 19 -1.89 1.63 9.50
C PRO C 19 -1.57 0.28 8.85
N GLY C 20 -2.21 0.05 7.70
CA GLY C 20 -2.12 -1.21 6.97
C GLY C 20 -2.72 -2.38 7.74
N GLY C 21 -3.52 -2.07 8.76
CA GLY C 21 -4.13 -3.08 9.63
C GLY C 21 -3.20 -3.84 10.55
N VAL C 22 -1.96 -3.34 10.80
CA VAL C 22 -0.98 -4.07 11.64
C VAL C 22 -0.21 -3.16 12.61
N ASN C 23 0.46 -3.81 13.61
CA ASN C 23 1.33 -3.09 14.54
C ASN C 23 2.79 -3.18 14.13
N SER C 24 3.07 -3.96 13.06
CA SER C 24 4.43 -4.09 12.50
C SER C 24 4.31 -4.49 11.03
N PRO C 25 4.99 -3.74 10.13
CA PRO C 25 4.78 -3.92 8.67
C PRO C 25 4.79 -5.32 8.10
N VAL C 26 5.70 -6.16 8.54
CA VAL C 26 5.79 -7.53 8.02
C VAL C 26 4.54 -8.42 8.29
N ARG C 27 3.81 -8.10 9.34
CA ARG C 27 2.61 -8.83 9.74
C ARG C 27 1.46 -8.69 8.73
N ALA C 28 1.60 -7.79 7.73
CA ALA C 28 0.58 -7.60 6.70
C ALA C 28 0.70 -8.64 5.56
N PHE C 29 1.78 -9.48 5.55
CA PHE C 29 1.99 -10.55 4.54
C PHE C 29 2.01 -10.03 3.09
N LYS C 30 2.34 -8.76 2.91
CA LYS C 30 2.37 -8.11 1.59
C LYS C 30 3.45 -8.71 0.68
N SER C 31 4.59 -9.16 1.23
CA SER C 31 5.67 -9.79 0.44
C SER C 31 5.24 -11.11 -0.24
N VAL C 32 4.33 -11.85 0.40
CA VAL C 32 3.87 -13.14 -0.16
C VAL C 32 2.51 -13.08 -0.87
N GLY C 33 1.90 -11.90 -0.95
CA GLY C 33 0.60 -11.67 -1.58
C GLY C 33 -0.52 -12.51 -0.98
N ASN C 35 -3.42 -13.35 2.45
CA ASN C 35 -4.28 -12.80 3.49
C ASN C 35 -3.53 -13.06 4.81
N PRO C 36 -3.24 -12.04 5.65
CA PRO C 36 -2.52 -12.32 6.91
C PRO C 36 -3.18 -13.40 7.78
N LEU C 37 -2.36 -14.24 8.43
CA LEU C 37 -2.90 -15.27 9.31
C LEU C 37 -3.07 -14.69 10.70
N PHE C 38 -4.28 -14.78 11.27
CA PHE C 38 -4.49 -14.30 12.64
C PHE C 38 -4.21 -15.46 13.59
N GLU C 40 -4.06 -17.44 17.21
CA GLU C 40 -4.94 -17.59 18.38
C GLU C 40 -4.15 -18.06 19.60
N ARG C 41 -3.32 -19.10 19.42
CA ARG C 41 -2.57 -19.73 20.50
C ARG C 41 -1.41 -20.52 19.94
N GLY C 42 -0.53 -20.95 20.82
CA GLY C 42 0.59 -21.80 20.46
C GLY C 42 0.97 -22.70 21.61
N LYS C 43 1.70 -23.78 21.32
CA LYS C 43 2.24 -24.71 22.33
C LYS C 43 3.45 -25.39 21.74
N GLY C 44 4.61 -25.09 22.31
CA GLY C 44 5.85 -25.64 21.81
C GLY C 44 6.14 -25.14 20.40
N SER C 45 6.40 -26.08 19.47
CA SER C 45 6.70 -25.74 18.07
C SER C 45 5.42 -25.57 17.23
N LYS C 46 4.25 -25.71 17.85
CA LYS C 46 2.99 -25.57 17.13
C LYS C 46 2.28 -24.25 17.38
N VAL C 47 1.75 -23.66 16.32
CA VAL C 47 0.99 -22.41 16.41
C VAL C 47 -0.34 -22.61 15.69
N TYR C 48 -1.40 -21.98 16.20
CA TYR C 48 -2.77 -22.16 15.71
C TYR C 48 -3.40 -20.85 15.30
N ASP C 49 -3.97 -20.81 14.08
CA ASP C 49 -4.66 -19.63 13.59
C ASP C 49 -6.11 -19.60 14.08
N ILE C 50 -6.83 -18.50 13.87
CA ILE C 50 -8.23 -18.37 14.30
C ILE C 50 -9.24 -19.24 13.54
N ASP C 51 -8.81 -19.88 12.44
CA ASP C 51 -9.66 -20.79 11.67
C ASP C 51 -9.45 -22.25 12.13
N GLY C 52 -8.64 -22.45 13.18
CA GLY C 52 -8.37 -23.78 13.74
C GLY C 52 -7.22 -24.53 13.08
N ASN C 53 -6.53 -23.91 12.10
CA ASN C 53 -5.42 -24.57 11.41
C ASN C 53 -4.18 -24.65 12.28
N GLU C 54 -3.49 -25.79 12.24
CA GLU C 54 -2.28 -26.02 12.99
C GLU C 54 -1.08 -25.82 12.06
N TYR C 55 0.02 -25.28 12.60
CA TYR C 55 1.26 -25.04 11.87
C TYR C 55 2.45 -25.40 12.68
N ILE C 56 3.52 -25.86 12.02
CA ILE C 56 4.82 -26.02 12.64
C ILE C 56 5.40 -24.62 12.49
N ASP C 57 5.72 -23.99 13.62
CA ASP C 57 6.21 -22.62 13.67
C ASP C 57 7.72 -22.46 13.52
N TYR C 58 8.15 -21.78 12.43
CA TYR C 58 9.54 -21.39 12.19
C TYR C 58 9.69 -19.86 12.24
N VAL C 59 8.66 -19.16 12.73
CA VAL C 59 8.69 -17.69 12.90
C VAL C 59 9.10 -17.42 14.34
N LEU C 60 8.42 -18.08 15.31
CA LEU C 60 8.73 -17.95 16.74
C LEU C 60 8.76 -16.48 17.16
N SER C 61 7.73 -15.72 16.76
CA SER C 61 7.58 -14.26 16.97
C SER C 61 8.74 -13.46 16.40
N TRP C 62 9.39 -13.99 15.33
CA TRP C 62 10.55 -13.39 14.65
C TRP C 62 11.84 -13.46 15.48
N GLY C 63 12.00 -14.54 16.22
CA GLY C 63 13.22 -14.71 17.01
C GLY C 63 13.06 -14.99 18.49
N PRO C 64 12.22 -14.24 19.24
CA PRO C 64 12.16 -14.43 20.70
C PRO C 64 11.86 -15.80 21.30
N LEU C 65 11.03 -16.61 20.63
CA LEU C 65 10.55 -17.84 21.24
C LEU C 65 11.46 -19.04 21.09
N ILE C 66 12.69 -18.95 21.61
CA ILE C 66 13.71 -20.01 21.52
C ILE C 66 13.29 -21.36 22.14
N HIS C 67 12.31 -21.36 23.07
CA HIS C 67 11.77 -22.58 23.66
C HIS C 67 10.36 -22.80 23.12
N GLY C 68 10.03 -22.14 22.01
CA GLY C 68 8.70 -22.26 21.43
C GLY C 68 7.66 -21.56 22.29
N HIS C 69 6.38 -21.86 22.05
CA HIS C 69 5.27 -21.19 22.73
C HIS C 69 4.92 -21.77 24.07
N ALA C 70 4.61 -20.87 25.03
CA ALA C 70 4.15 -21.23 26.37
C ALA C 70 4.98 -22.33 27.03
N ASN C 71 6.30 -22.09 27.17
CA ASN C 71 7.22 -22.98 27.86
C ASN C 71 6.71 -23.00 29.31
N ASP C 72 6.44 -24.20 29.88
CA ASP C 72 5.87 -24.33 31.24
C ASP C 72 6.59 -23.53 32.33
N ARG C 73 7.94 -23.60 32.36
CA ARG C 73 8.77 -22.88 33.34
C ARG C 73 8.63 -21.36 33.21
N VAL C 74 8.65 -20.85 31.97
CA VAL C 74 8.51 -19.41 31.71
C VAL C 74 7.10 -18.97 32.13
N VAL C 75 6.04 -19.75 31.74
CA VAL C 75 4.64 -19.46 32.06
C VAL C 75 4.47 -19.39 33.56
N GLU C 76 5.07 -20.36 34.27
CA GLU C 76 4.98 -20.41 35.73
C GLU C 76 5.63 -19.21 36.36
N ALA C 77 6.81 -18.81 35.87
CA ALA C 77 7.51 -17.64 36.39
C ALA C 77 6.72 -16.35 36.17
N LEU C 78 6.07 -16.19 34.99
CA LEU C 78 5.22 -15.03 34.65
C LEU C 78 4.02 -14.96 35.61
N LYS C 79 3.34 -16.12 35.82
CA LYS C 79 2.18 -16.20 36.69
C LYS C 79 2.50 -15.75 38.11
N ALA C 80 3.62 -16.21 38.61
CA ALA C 80 4.09 -15.91 39.97
C ALA C 80 4.41 -14.44 40.10
N VAL C 81 5.05 -13.82 39.07
CA VAL C 81 5.41 -12.40 39.11
C VAL C 81 4.15 -11.54 39.00
N ALA C 82 3.22 -11.89 38.09
CA ALA C 82 1.97 -11.15 37.90
C ALA C 82 1.17 -11.02 39.23
N GLU C 83 1.07 -12.10 40.01
CA GLU C 83 0.37 -12.11 41.31
C GLU C 83 1.00 -11.13 42.32
N ARG C 84 2.31 -10.89 42.19
CA ARG C 84 3.11 -10.02 43.08
C ARG C 84 3.36 -8.57 42.59
N GLY C 85 2.98 -8.25 41.36
CA GLY C 85 3.22 -6.92 40.80
C GLY C 85 4.25 -7.00 39.69
N THR C 86 3.87 -6.54 38.51
CA THR C 86 4.70 -6.59 37.29
C THR C 86 5.75 -5.50 37.15
N SER C 87 5.58 -4.36 37.85
CA SER C 87 6.46 -3.19 37.69
C SER C 87 6.38 -2.31 38.94
N PHE C 88 7.53 -1.81 39.42
CA PHE C 88 7.61 -1.00 40.64
C PHE C 88 8.15 0.43 40.51
N GLY C 89 8.97 0.70 39.49
CA GLY C 89 9.60 2.01 39.37
C GLY C 89 10.70 2.23 40.41
N ALA C 90 11.15 1.14 41.03
CA ALA C 90 12.23 1.14 42.02
C ALA C 90 13.03 -0.16 41.80
N PRO C 91 14.30 -0.27 42.26
CA PRO C 91 15.08 -1.48 41.95
C PRO C 91 14.49 -2.76 42.50
N THR C 92 14.75 -3.89 41.80
CA THR C 92 14.31 -5.22 42.23
C THR C 92 15.51 -6.16 42.24
N GLU C 93 15.45 -7.25 43.03
CA GLU C 93 16.53 -8.24 43.06
C GLU C 93 16.59 -9.06 41.76
N ILE C 94 15.45 -9.28 41.12
CA ILE C 94 15.38 -10.01 39.85
C ILE C 94 16.20 -9.31 38.73
N GLU C 95 16.28 -7.95 38.74
CA GLU C 95 17.10 -7.16 37.82
C GLU C 95 18.57 -7.51 37.96
N ASN C 96 19.05 -7.69 39.23
CA ASN C 96 20.42 -8.12 39.54
C ASN C 96 20.63 -9.52 39.03
N LYS C 97 19.63 -10.43 39.21
CA LYS C 97 19.74 -11.83 38.79
C LYS C 97 19.92 -11.95 37.26
N LEU C 98 19.07 -11.27 36.45
CA LEU C 98 19.24 -11.33 34.99
C LEU C 98 20.52 -10.62 34.53
N ALA C 99 20.86 -9.45 35.09
CA ALA C 99 22.11 -8.75 34.73
C ALA C 99 23.34 -9.66 34.90
N LYS C 100 23.44 -10.38 36.05
N LYS C 100 23.45 -10.37 36.04
CA LYS C 100 24.54 -11.31 36.34
CA LYS C 100 24.56 -11.28 36.33
C LYS C 100 24.63 -12.41 35.27
C LYS C 100 24.64 -12.42 35.29
N LEU C 101 23.47 -13.01 34.91
CA LEU C 101 23.41 -14.09 33.90
C LEU C 101 23.82 -13.56 32.53
N VAL C 102 23.37 -12.33 32.16
CA VAL C 102 23.75 -11.74 30.87
C VAL C 102 25.27 -11.46 30.79
N ILE C 103 25.85 -10.83 31.82
CA ILE C 103 27.28 -10.51 31.92
C ILE C 103 28.14 -11.77 31.78
N GLU C 104 27.69 -12.87 32.39
CA GLU C 104 28.38 -14.17 32.34
C GLU C 104 28.25 -14.82 30.94
N ARG C 105 27.07 -14.69 30.32
CA ARG C 105 26.78 -15.30 29.01
C ARG C 105 27.35 -14.56 27.77
N VAL C 106 27.46 -13.23 27.85
CA VAL C 106 27.97 -12.43 26.73
C VAL C 106 29.39 -11.96 27.01
N PRO C 107 30.40 -12.48 26.28
CA PRO C 107 31.81 -12.08 26.54
C PRO C 107 32.10 -10.61 26.82
N SER C 108 31.82 -9.71 25.84
CA SER C 108 32.12 -8.28 25.94
C SER C 108 31.36 -7.51 27.01
N ILE C 109 30.22 -8.02 27.50
CA ILE C 109 29.40 -7.26 28.46
C ILE C 109 29.98 -7.39 29.86
N GLU C 110 30.38 -6.26 30.45
CA GLU C 110 30.88 -6.20 31.83
C GLU C 110 29.83 -5.49 32.67
N ILE C 111 29.21 -4.46 32.09
CA ILE C 111 28.11 -3.69 32.67
C ILE C 111 26.96 -3.69 31.63
N VAL C 112 25.71 -3.85 32.09
CA VAL C 112 24.54 -3.95 31.22
C VAL C 112 23.43 -2.98 31.65
N ARG C 113 22.60 -2.57 30.67
CA ARG C 113 21.48 -1.69 30.96
C ARG C 113 20.31 -2.23 30.16
N VAL C 115 16.55 -2.28 28.56
CA VAL C 115 15.64 -1.34 27.90
C VAL C 115 14.41 -2.18 27.48
N ASN C 116 13.50 -1.60 26.71
CA ASN C 116 12.28 -2.26 26.31
C ASN C 116 12.22 -2.90 24.93
N SER C 117 13.22 -2.69 24.10
CA SER C 117 13.25 -3.26 22.75
C SER C 117 14.66 -3.18 22.17
N GLY C 118 14.85 -3.81 21.01
CA GLY C 118 16.10 -3.71 20.26
C GLY C 118 16.31 -2.30 19.75
N THR C 119 15.23 -1.63 19.29
CA THR C 119 15.29 -0.22 18.81
C THR C 119 15.83 0.68 19.92
N GLU C 120 15.32 0.54 21.16
CA GLU C 120 15.85 1.38 22.25
C GLU C 120 17.33 1.01 22.53
N ALA C 121 17.69 -0.27 22.40
CA ALA C 121 19.05 -0.76 22.69
C ALA C 121 20.07 -0.17 21.69
N THR C 122 19.77 -0.21 20.38
CA THR C 122 20.70 0.30 19.36
C THR C 122 20.79 1.83 19.35
N SER C 124 20.44 3.78 21.91
CA SER C 124 21.18 4.15 23.11
C SER C 124 22.67 3.88 22.93
N ALA C 125 23.03 2.73 22.31
CA ALA C 125 24.41 2.33 22.09
C ALA C 125 25.07 3.30 21.13
N LEU C 126 24.33 3.81 20.11
CA LEU C 126 24.93 4.84 19.21
C LEU C 126 25.18 6.14 19.94
N ARG C 127 24.21 6.62 20.76
CA ARG C 127 24.37 7.87 21.54
C ARG C 127 25.58 7.72 22.52
N LEU C 128 25.70 6.57 23.17
CA LEU C 128 26.83 6.26 24.05
C LEU C 128 28.17 6.30 23.25
N ALA C 129 28.25 5.61 22.10
CA ALA C 129 29.51 5.64 21.32
C ALA C 129 29.87 7.07 20.93
N ARG C 130 28.87 7.83 20.42
CA ARG C 130 29.07 9.24 20.07
C ARG C 130 29.52 10.09 21.26
N GLY C 131 28.86 9.91 22.41
CA GLY C 131 29.22 10.66 23.62
C GLY C 131 30.59 10.29 24.15
N TYR C 132 30.91 8.99 24.14
CA TYR C 132 32.18 8.50 24.66
C TYR C 132 33.38 8.96 23.83
N THR C 133 33.26 8.89 22.49
CA THR C 133 34.36 9.27 21.58
C THR C 133 34.39 10.78 21.26
N GLY C 134 33.25 11.46 21.44
CA GLY C 134 33.11 12.87 21.06
C GLY C 134 33.02 13.02 19.55
N ARG C 135 32.52 12.00 18.84
CA ARG C 135 32.45 12.02 17.36
C ARG C 135 31.02 11.89 16.88
N ASN C 136 30.75 12.36 15.66
CA ASN C 136 29.40 12.41 15.12
C ASN C 136 28.91 11.26 14.25
N LYS C 137 29.80 10.68 13.44
CA LYS C 137 29.41 9.70 12.44
C LYS C 137 29.37 8.27 12.90
N ILE C 138 28.44 7.52 12.31
CA ILE C 138 28.29 6.11 12.61
C ILE C 138 28.35 5.41 11.28
N LEU C 139 28.91 4.21 11.26
CA LEU C 139 28.94 3.44 10.04
C LEU C 139 28.10 2.19 10.23
N LYS C 140 27.23 1.91 9.24
CA LYS C 140 26.38 0.73 9.24
C LYS C 140 26.42 0.09 7.85
N PHE C 141 25.78 -1.08 7.71
CA PHE C 141 25.80 -1.82 6.45
C PHE C 141 24.49 -1.82 5.71
N ILE C 142 24.57 -1.81 4.38
CA ILE C 142 23.40 -1.76 3.49
C ILE C 142 22.60 -3.08 3.65
N GLY C 143 21.29 -2.94 3.79
CA GLY C 143 20.37 -4.05 3.94
C GLY C 143 20.29 -4.54 5.37
N CYS C 144 20.88 -3.79 6.29
CA CYS C 144 20.90 -4.18 7.68
C CYS C 144 19.95 -3.35 8.49
N TYR C 145 19.16 -4.02 9.35
CA TYR C 145 18.13 -3.35 10.16
C TYR C 145 18.54 -3.38 11.61
N HIS C 146 18.53 -2.21 12.26
CA HIS C 146 18.94 -2.11 13.67
C HIS C 146 17.84 -1.53 14.53
N GLY C 147 16.64 -1.45 14.00
CA GLY C 147 15.54 -0.79 14.69
C GLY C 147 15.27 0.53 13.98
N HIS C 148 14.22 1.23 14.42
CA HIS C 148 13.83 2.47 13.75
C HIS C 148 14.38 3.80 14.30
N GLY C 149 15.46 3.80 15.07
CA GLY C 149 16.08 5.03 15.45
C GLY C 149 16.52 5.76 14.18
N ASP C 150 16.38 7.09 14.14
CA ASP C 150 16.53 7.88 12.91
C ASP C 150 17.93 7.68 12.24
N SER C 151 19.01 7.71 13.00
CA SER C 151 20.37 7.49 12.46
C SER C 151 20.52 6.14 11.73
N LEU C 152 19.69 5.14 12.09
CA LEU C 152 19.77 3.77 11.58
C LEU C 152 18.81 3.45 10.44
N LEU C 153 17.89 4.37 10.13
CA LEU C 153 16.90 4.17 9.07
C LEU C 153 17.38 4.37 7.64
N ILE C 154 18.69 4.52 7.44
CA ILE C 154 19.28 4.71 6.13
C ILE C 154 19.77 3.38 5.54
N LYS C 155 19.22 3.01 4.33
CA LYS C 155 19.52 1.79 3.57
C LYS C 155 19.35 0.56 4.47
N ALA C 156 18.20 0.50 5.17
CA ALA C 156 17.95 -0.59 6.11
C ALA C 156 17.32 -1.85 5.52
N GLY C 157 17.21 -1.90 4.18
CA GLY C 157 16.77 -3.07 3.44
C GLY C 157 15.29 -3.39 3.42
N SER C 158 14.96 -4.68 3.21
CA SER C 158 13.60 -5.23 3.10
C SER C 158 12.63 -4.69 4.13
N GLY C 159 11.63 -3.97 3.63
CA GLY C 159 10.60 -3.33 4.44
C GLY C 159 10.88 -1.85 4.56
N VAL C 160 12.10 -1.49 5.00
CA VAL C 160 12.54 -0.11 5.20
C VAL C 160 12.78 0.58 3.85
N ASP C 167 14.18 7.33 0.18
CA ASP C 167 14.68 6.60 1.33
C ASP C 167 14.50 7.40 2.61
N SER C 168 13.98 6.71 3.65
CA SER C 168 13.73 7.24 5.00
C SER C 168 12.99 8.59 5.07
N PRO C 169 11.70 8.71 4.70
CA PRO C 169 11.04 10.03 4.85
C PRO C 169 10.84 10.33 6.33
N GLY C 170 10.87 11.61 6.68
CA GLY C 170 10.76 12.05 8.07
C GLY C 170 12.10 12.12 8.77
N VAL C 171 13.17 11.69 8.09
CA VAL C 171 14.53 11.73 8.65
C VAL C 171 15.25 12.95 8.06
N PRO C 172 15.52 14.01 8.85
CA PRO C 172 16.24 15.17 8.30
C PRO C 172 17.64 14.88 7.80
N GLU C 173 18.12 15.75 6.90
CA GLU C 173 19.49 15.68 6.36
C GLU C 173 20.51 15.86 7.51
N GLY C 174 20.14 16.63 8.54
CA GLY C 174 21.00 16.82 9.70
C GLY C 174 21.34 15.52 10.42
N VAL C 175 20.46 14.51 10.29
CA VAL C 175 20.68 13.15 10.83
C VAL C 175 21.40 12.33 9.77
N ALA C 176 20.86 12.31 8.52
CA ALA C 176 21.37 11.49 7.44
C ALA C 176 22.85 11.73 7.10
N LYS C 177 23.32 12.98 7.20
CA LYS C 177 24.71 13.33 6.86
C LYS C 177 25.74 12.64 7.78
N ASN C 178 25.30 12.17 8.98
CA ASN C 178 26.15 11.52 9.98
C ASN C 178 26.09 9.99 9.97
N THR C 179 25.45 9.40 8.95
CA THR C 179 25.39 7.96 8.80
C THR C 179 26.07 7.59 7.48
N ILE C 180 27.06 6.71 7.57
CA ILE C 180 27.79 6.16 6.42
C ILE C 180 27.28 4.75 6.24
N THR C 181 26.95 4.37 5.00
CA THR C 181 26.44 3.04 4.68
C THR C 181 27.34 2.38 3.65
N VAL C 182 27.69 1.13 3.90
CA VAL C 182 28.60 0.39 3.05
C VAL C 182 28.04 -1.03 2.94
N ALA C 183 28.31 -1.71 1.82
CA ALA C 183 27.78 -3.07 1.60
C ALA C 183 28.27 -4.01 2.69
N TYR C 184 27.37 -4.91 3.17
CA TYR C 184 27.76 -5.88 4.19
C TYR C 184 28.85 -6.76 3.55
N ASN C 185 29.82 -7.22 4.34
CA ASN C 185 30.95 -8.05 3.84
C ASN C 185 31.97 -7.31 2.96
N ASP C 186 31.82 -6.03 2.75
CA ASP C 186 32.76 -5.18 2.02
C ASP C 186 33.80 -4.46 2.91
N LEU C 187 34.79 -5.18 3.35
CA LEU C 187 35.83 -4.62 4.20
C LEU C 187 36.62 -3.48 3.54
N GLU C 188 36.89 -3.57 2.22
N GLU C 188 36.88 -3.57 2.21
CA GLU C 188 37.63 -2.50 1.53
CA GLU C 188 37.60 -2.51 1.49
C GLU C 188 36.90 -1.15 1.53
C GLU C 188 36.89 -1.16 1.59
N SER C 189 35.56 -1.14 1.42
CA SER C 189 34.78 0.11 1.48
C SER C 189 34.80 0.72 2.90
N VAL C 190 34.90 -0.11 3.92
CA VAL C 190 35.04 0.30 5.34
C VAL C 190 36.41 0.95 5.50
N LYS C 191 37.47 0.32 4.97
CA LYS C 191 38.80 0.93 5.06
C LYS C 191 38.84 2.29 4.37
N TYR C 192 38.13 2.41 3.24
CA TYR C 192 37.98 3.66 2.46
C TYR C 192 37.27 4.74 3.30
N ALA C 193 36.14 4.37 3.93
CA ALA C 193 35.35 5.26 4.78
C ALA C 193 36.22 5.77 5.92
N PHE C 194 37.02 4.88 6.55
CA PHE C 194 37.90 5.27 7.66
C PHE C 194 39.08 6.13 7.21
N GLU C 195 39.54 5.95 5.97
CA GLU C 195 40.62 6.77 5.39
C GLU C 195 40.08 8.19 5.16
N GLN C 196 38.85 8.31 4.66
CA GLN C 196 38.22 9.60 4.39
C GLN C 196 37.71 10.31 5.68
N PHE C 197 37.05 9.56 6.60
CA PHE C 197 36.39 10.13 7.79
C PHE C 197 36.70 9.51 9.17
N GLY C 198 37.71 8.66 9.25
CA GLY C 198 38.11 7.96 10.45
C GLY C 198 38.15 8.75 11.74
N ASP C 199 38.60 10.04 11.66
CA ASP C 199 38.66 10.96 12.81
C ASP C 199 37.29 11.30 13.41
N ASP C 200 36.22 11.30 12.58
CA ASP C 200 34.87 11.66 13.00
C ASP C 200 33.89 10.48 13.09
N ILE C 201 34.41 9.24 12.98
CA ILE C 201 33.56 8.04 13.08
C ILE C 201 33.54 7.54 14.52
N ALA C 202 32.37 7.63 15.18
CA ALA C 202 32.19 7.15 16.56
C ALA C 202 32.22 5.64 16.66
N CYS C 203 31.58 4.96 15.69
CA CYS C 203 31.44 3.52 15.77
C CYS C 203 31.06 2.90 14.46
N VAL C 204 31.26 1.59 14.40
CA VAL C 204 30.73 0.73 13.35
C VAL C 204 29.66 -0.08 14.08
N ILE C 205 28.45 -0.16 13.53
CA ILE C 205 27.43 -1.05 14.09
C ILE C 205 27.23 -2.18 13.09
N VAL C 206 27.27 -3.42 13.58
CA VAL C 206 27.17 -4.60 12.71
C VAL C 206 26.45 -5.77 13.34
N GLU C 207 25.70 -6.47 12.54
CA GLU C 207 25.14 -7.75 12.87
C GLU C 207 26.23 -8.84 12.67
N PRO C 208 26.57 -9.61 13.70
CA PRO C 208 27.63 -10.64 13.49
C PRO C 208 27.29 -11.62 12.39
N VAL C 209 26.00 -11.94 12.22
CA VAL C 209 25.41 -12.71 11.12
C VAL C 209 24.23 -11.82 10.68
N ALA C 210 24.21 -11.34 9.42
CA ALA C 210 23.11 -10.48 8.98
C ALA C 210 21.84 -11.32 8.90
N GLY C 211 20.73 -10.81 9.44
CA GLY C 211 19.48 -11.57 9.49
C GLY C 211 18.27 -10.92 8.85
N ASN C 212 18.37 -9.65 8.49
CA ASN C 212 17.26 -8.89 7.94
C ASN C 212 17.31 -8.75 6.41
N GLY C 214 17.77 -11.78 4.87
CA GLY C 214 17.88 -13.22 4.93
C GLY C 214 19.13 -13.46 5.75
N VAL C 215 19.47 -14.72 6.00
CA VAL C 215 20.67 -15.11 6.75
C VAL C 215 21.89 -14.92 5.85
N VAL C 216 22.80 -14.02 6.23
CA VAL C 216 24.03 -13.75 5.46
C VAL C 216 25.22 -13.80 6.43
N PRO C 217 25.97 -14.93 6.49
CA PRO C 217 27.12 -14.99 7.41
C PRO C 217 28.21 -14.01 7.03
N PRO C 218 29.06 -13.61 7.99
CA PRO C 218 30.19 -12.75 7.62
C PRO C 218 31.19 -13.57 6.80
N GLN C 219 31.84 -12.93 5.83
CA GLN C 219 32.87 -13.58 5.00
C GLN C 219 34.10 -13.75 5.88
N PRO C 220 35.03 -14.69 5.57
CA PRO C 220 36.25 -14.81 6.39
C PRO C 220 37.03 -13.50 6.51
N GLY C 221 37.34 -13.13 7.75
CA GLY C 221 38.10 -11.92 8.06
C GLY C 221 37.30 -10.63 8.15
N PHE C 222 35.99 -10.65 7.79
CA PHE C 222 35.16 -9.43 7.85
C PHE C 222 35.02 -8.88 9.28
N LEU C 223 34.54 -9.69 10.24
CA LEU C 223 34.36 -9.21 11.63
C LEU C 223 35.68 -8.86 12.32
N GLU C 224 36.76 -9.66 12.07
CA GLU C 224 38.10 -9.37 12.61
C GLU C 224 38.59 -8.05 12.02
N GLY C 225 38.38 -7.85 10.71
CA GLY C 225 38.78 -6.62 10.02
C GLY C 225 38.10 -5.39 10.59
N LEU C 226 36.79 -5.50 10.91
CA LEU C 226 36.07 -4.36 11.50
C LEU C 226 36.66 -4.06 12.87
N ARG C 227 36.98 -5.11 13.64
CA ARG C 227 37.60 -4.93 14.96
C ARG C 227 38.95 -4.21 14.82
N GLU C 228 39.77 -4.60 13.83
CA GLU C 228 41.11 -3.98 13.64
C GLU C 228 40.99 -2.53 13.16
N VAL C 229 40.14 -2.26 12.16
CA VAL C 229 39.93 -0.91 11.62
C VAL C 229 39.43 0.05 12.70
N THR C 230 38.41 -0.36 13.49
CA THR C 230 37.91 0.52 14.56
C THR C 230 38.98 0.76 15.62
N GLU C 231 39.72 -0.29 16.05
CA GLU C 231 40.80 -0.13 17.04
C GLU C 231 41.86 0.83 16.54
N GLN C 232 42.27 0.70 15.25
CA GLN C 232 43.28 1.58 14.65
C GLN C 232 42.85 3.03 14.59
N ASN C 233 41.52 3.27 14.46
CA ASN C 233 40.98 4.61 14.32
C ASN C 233 40.38 5.25 15.57
N GLY C 234 40.34 4.52 16.67
CA GLY C 234 39.77 5.02 17.93
C GLY C 234 38.24 5.05 17.92
N ALA C 235 37.61 4.24 17.07
CA ALA C 235 36.16 4.14 17.00
C ALA C 235 35.73 2.89 17.76
N LEU C 236 34.46 2.86 18.21
CA LEU C 236 33.94 1.70 18.93
C LEU C 236 33.35 0.70 17.92
N LEU C 237 33.37 -0.56 18.28
CA LEU C 237 32.73 -1.62 17.50
C LEU C 237 31.51 -2.03 18.30
N ILE C 238 30.32 -1.91 17.67
CA ILE C 238 29.06 -2.30 18.31
C ILE C 238 28.53 -3.53 17.61
N PHE C 239 28.31 -4.63 18.33
CA PHE C 239 27.66 -5.78 17.76
C PHE C 239 26.17 -5.69 18.03
N ASP C 240 25.37 -5.63 16.96
CA ASP C 240 23.93 -5.66 17.12
C ASP C 240 23.57 -7.14 17.15
N GLU C 241 23.41 -7.68 18.35
CA GLU C 241 23.09 -9.08 18.58
C GLU C 241 21.60 -9.23 19.02
N VAL C 242 20.74 -8.28 18.60
CA VAL C 242 19.32 -8.38 18.94
C VAL C 242 18.72 -9.73 18.43
N THR C 244 20.92 -12.40 16.78
CA THR C 244 21.92 -13.47 16.97
C THR C 244 22.09 -13.83 18.46
N GLY C 245 21.97 -12.84 19.34
CA GLY C 245 22.13 -13.03 20.78
C GLY C 245 21.35 -14.21 21.32
N PHE C 246 22.07 -15.14 21.99
CA PHE C 246 21.52 -16.33 22.64
C PHE C 246 20.85 -17.28 21.63
N ARG C 247 21.09 -17.06 20.32
CA ARG C 247 20.47 -17.86 19.26
C ARG C 247 21.50 -18.52 18.38
N VAL C 248 22.47 -17.75 17.84
CA VAL C 248 23.49 -18.31 16.97
C VAL C 248 24.40 -19.32 17.69
N ALA C 249 24.75 -19.02 18.95
CA ALA C 249 25.64 -19.84 19.77
C ALA C 249 25.41 -19.48 21.23
N TYR C 250 25.87 -20.36 22.13
CA TYR C 250 25.77 -20.19 23.58
C TYR C 250 26.31 -18.84 24.04
N ASN C 251 27.46 -18.46 23.53
CA ASN C 251 28.10 -17.23 23.85
C ASN C 251 27.90 -16.15 22.74
N CYS C 252 26.76 -16.22 22.05
CA CYS C 252 26.37 -15.24 21.01
C CYS C 252 27.30 -15.24 19.79
N GLY C 253 27.05 -14.34 18.84
CA GLY C 253 27.87 -14.20 17.62
C GLY C 253 29.32 -13.90 17.94
N GLN C 254 29.54 -13.03 18.93
CA GLN C 254 30.89 -12.66 19.36
C GLN C 254 31.71 -13.86 19.86
N GLY C 255 31.06 -14.79 20.56
CA GLY C 255 31.73 -15.99 21.07
C GLY C 255 31.94 -17.00 19.96
N TYR C 256 30.93 -17.14 19.07
CA TYR C 256 30.98 -18.06 17.93
C TYR C 256 32.13 -17.71 16.98
N TYR C 257 32.41 -16.42 16.72
CA TYR C 257 33.47 -16.03 15.79
C TYR C 257 34.76 -15.57 16.45
N GLY C 258 34.75 -15.42 17.76
CA GLY C 258 35.91 -14.98 18.52
C GLY C 258 36.31 -13.55 18.29
N VAL C 259 35.32 -12.65 18.14
CA VAL C 259 35.60 -11.22 17.95
C VAL C 259 34.91 -10.50 19.10
N THR C 260 35.65 -9.67 19.85
CA THR C 260 35.09 -8.97 20.99
C THR C 260 34.79 -7.50 20.68
N PRO C 261 33.49 -7.10 20.62
CA PRO C 261 33.18 -5.67 20.38
C PRO C 261 33.32 -4.86 21.67
N ASP C 262 33.27 -3.56 21.57
CA ASP C 262 33.13 -2.67 22.70
C ASP C 262 31.77 -2.63 23.37
N LEU C 263 30.74 -2.63 22.55
CA LEU C 263 29.35 -2.66 23.02
C LEU C 263 28.56 -3.72 22.28
N THR C 264 27.52 -4.27 22.91
CA THR C 264 26.64 -5.27 22.32
C THR C 264 25.20 -4.87 22.58
N CYS C 265 24.33 -5.03 21.59
CA CYS C 265 22.90 -4.76 21.76
C CYS C 265 22.20 -6.06 21.74
N LEU C 266 21.18 -6.19 22.60
CA LEU C 266 20.43 -7.42 22.77
C LEU C 266 18.95 -7.10 22.76
N GLY C 267 18.15 -8.13 22.59
CA GLY C 267 16.73 -8.04 22.36
C GLY C 267 16.16 -9.43 22.07
N LYS C 268 14.94 -9.54 21.63
CA LYS C 268 14.48 -10.81 21.14
C LYS C 268 14.57 -11.94 22.19
N VAL C 269 15.45 -12.90 22.05
CA VAL C 269 15.43 -13.99 22.98
C VAL C 269 15.59 -13.53 24.45
N ILE C 270 16.32 -12.46 24.73
CA ILE C 270 16.52 -11.92 26.08
C ILE C 270 15.19 -11.65 26.83
N GLY C 271 14.11 -11.43 26.09
CA GLY C 271 12.80 -11.19 26.68
C GLY C 271 11.94 -12.43 26.76
N GLY C 272 12.34 -13.50 26.05
CA GLY C 272 11.62 -14.76 25.98
C GLY C 272 10.15 -14.66 25.58
N GLY C 273 9.81 -13.61 24.83
CA GLY C 273 8.43 -13.39 24.40
C GLY C 273 7.77 -12.19 25.05
N LEU C 274 8.55 -11.42 25.82
CA LEU C 274 8.11 -10.18 26.46
C LEU C 274 8.99 -9.04 25.91
N PRO C 275 8.52 -7.77 25.95
CA PRO C 275 9.35 -6.67 25.42
C PRO C 275 10.54 -6.35 26.31
N VAL C 276 11.75 -6.80 25.89
CA VAL C 276 13.02 -6.58 26.60
C VAL C 276 14.10 -6.35 25.55
N GLY C 277 15.00 -5.43 25.87
CA GLY C 277 16.20 -5.16 25.11
C GLY C 277 17.30 -4.86 26.12
N ALA C 278 18.53 -4.73 25.65
CA ALA C 278 19.63 -4.39 26.54
C ALA C 278 20.81 -3.89 25.73
N TYR C 279 21.65 -3.09 26.35
CA TYR C 279 22.92 -2.72 25.75
C TYR C 279 23.94 -2.81 26.87
N GLY C 280 25.08 -3.37 26.55
CA GLY C 280 26.12 -3.60 27.54
C GLY C 280 27.48 -3.62 26.88
N GLY C 281 28.51 -3.66 27.70
CA GLY C 281 29.86 -3.65 27.16
C GLY C 281 30.91 -3.33 28.18
N LYS C 282 32.02 -2.75 27.72
CA LYS C 282 33.16 -2.41 28.55
C LYS C 282 32.68 -1.55 29.72
N ALA C 283 33.07 -1.91 30.97
CA ALA C 283 32.62 -1.16 32.14
C ALA C 283 32.83 0.35 32.07
N GLU C 284 34.03 0.82 31.62
CA GLU C 284 34.37 2.25 31.53
C GLU C 284 33.49 3.03 30.53
N ILE C 285 33.04 2.38 29.44
CA ILE C 285 32.17 3.04 28.46
C ILE C 285 30.74 3.11 29.06
N ARG C 287 29.73 3.05 32.10
CA ARG C 287 29.64 3.95 33.25
C ARG C 287 29.42 5.42 32.88
N GLN C 288 29.49 5.77 31.58
CA GLN C 288 29.18 7.13 31.13
C GLN C 288 27.67 7.38 30.98
N VAL C 289 26.86 6.31 31.08
CA VAL C 289 25.39 6.38 30.99
C VAL C 289 24.85 6.87 32.33
N ALA C 290 23.80 7.71 32.30
CA ALA C 290 23.15 8.24 33.51
C ALA C 290 22.58 7.08 34.33
N PRO C 291 22.61 7.12 35.67
CA PRO C 291 23.04 8.23 36.56
C PRO C 291 24.54 8.31 36.88
N SER C 292 25.33 7.32 36.46
N SER C 292 25.32 7.32 36.44
CA SER C 292 26.78 7.34 36.74
CA SER C 292 26.76 7.22 36.66
C SER C 292 27.53 8.36 35.88
C SER C 292 27.56 8.24 35.84
N GLY C 293 27.04 8.62 34.68
CA GLY C 293 27.67 9.58 33.76
C GLY C 293 26.72 10.56 33.09
N PRO C 294 27.21 11.38 32.15
CA PRO C 294 26.35 12.41 31.55
C PRO C 294 25.47 12.05 30.33
N ILE C 295 25.60 10.82 29.78
N ILE C 295 25.60 10.83 29.79
CA ILE C 295 24.84 10.35 28.62
CA ILE C 295 24.85 10.37 28.60
C ILE C 295 23.48 9.89 29.10
C ILE C 295 23.49 9.87 29.06
N TYR C 296 22.43 10.61 28.70
CA TYR C 296 21.08 10.29 29.12
C TYR C 296 20.39 9.18 28.39
N GLN C 297 19.82 8.27 29.20
CA GLN C 297 18.97 7.18 28.79
C GLN C 297 18.13 6.74 30.03
N ALA C 298 16.86 6.55 29.83
CA ALA C 298 15.95 6.14 30.86
C ALA C 298 14.84 5.33 30.24
N GLY C 299 14.15 4.54 31.03
CA GLY C 299 12.93 3.91 30.58
C GLY C 299 12.02 3.62 31.74
N THR C 300 10.77 3.94 31.64
CA THR C 300 9.86 3.69 32.73
C THR C 300 9.65 2.21 33.06
N LEU C 301 9.46 1.39 32.04
CA LEU C 301 9.23 -0.05 32.17
C LEU C 301 10.48 -0.89 32.12
N SER C 302 11.65 -0.27 31.92
CA SER C 302 12.92 -0.99 31.79
C SER C 302 13.23 -1.77 33.05
N GLY C 303 13.61 -3.02 32.89
CA GLY C 303 13.94 -3.87 34.03
C GLY C 303 12.73 -4.26 34.87
N ASN C 304 11.50 -4.16 34.32
CA ASN C 304 10.33 -4.56 35.12
C ASN C 304 10.46 -6.07 35.47
N PRO C 305 10.04 -6.49 36.69
CA PRO C 305 10.22 -7.90 37.10
C PRO C 305 9.56 -8.96 36.22
N LEU C 306 8.42 -8.65 35.58
CA LEU C 306 7.74 -9.59 34.70
C LEU C 306 8.65 -9.96 33.53
N ALA C 307 9.23 -8.94 32.86
CA ALA C 307 10.16 -9.10 31.74
C ALA C 307 11.49 -9.75 32.19
N ALA C 309 11.86 -11.86 34.64
CA ALA C 309 11.54 -13.28 34.96
C ALA C 309 11.43 -14.12 33.69
N ALA C 310 10.78 -13.58 32.64
CA ALA C 310 10.64 -14.32 31.39
C ALA C 310 12.02 -14.54 30.81
N GLY C 311 12.84 -13.49 30.83
CA GLY C 311 14.21 -13.51 30.31
C GLY C 311 15.12 -14.46 31.07
N TYR C 312 15.06 -14.40 32.41
CA TYR C 312 15.87 -15.32 33.21
C TYR C 312 15.51 -16.77 32.95
N GLU C 313 14.20 -17.12 32.99
CA GLU C 313 13.76 -18.50 32.79
C GLU C 313 14.05 -19.02 31.38
N THR C 314 14.04 -18.10 30.39
CA THR C 314 14.38 -18.44 29.01
C THR C 314 15.89 -18.76 28.91
N LEU C 315 16.74 -17.82 29.34
CA LEU C 315 18.19 -17.97 29.23
C LEU C 315 18.78 -19.06 30.10
N VAL C 316 18.27 -19.23 31.34
CA VAL C 316 18.79 -20.27 32.25
C VAL C 316 18.64 -21.69 31.66
N GLN C 317 17.57 -21.91 30.87
CA GLN C 317 17.27 -23.18 30.21
C GLN C 317 18.13 -23.48 28.99
N LEU C 318 18.86 -22.49 28.47
CA LEU C 318 19.74 -22.69 27.33
C LEU C 318 21.10 -23.13 27.85
N THR C 319 21.63 -24.24 27.31
CA THR C 319 22.93 -24.80 27.69
C THR C 319 23.77 -24.96 26.40
N PRO C 320 25.10 -25.25 26.45
CA PRO C 320 25.83 -25.48 25.20
C PRO C 320 25.25 -26.62 24.36
N GLU C 321 24.59 -27.58 25.02
CA GLU C 321 23.94 -28.73 24.39
C GLU C 321 22.73 -28.31 23.55
N SER C 322 22.01 -27.22 23.93
CA SER C 322 20.88 -26.71 23.14
C SER C 322 21.32 -26.39 21.70
N TYR C 323 22.52 -25.80 21.58
CA TYR C 323 23.14 -25.32 20.34
C TYR C 323 23.70 -26.44 19.48
N VAL C 324 24.20 -27.53 20.12
CA VAL C 324 24.64 -28.72 19.38
C VAL C 324 23.37 -29.26 18.71
N GLU C 325 22.24 -29.25 19.43
CA GLU C 325 20.98 -29.71 18.86
C GLU C 325 20.42 -28.81 17.75
N PHE C 326 20.55 -27.47 17.90
CA PHE C 326 20.14 -26.52 16.85
C PHE C 326 20.92 -26.80 15.59
N GLU C 327 22.26 -26.93 15.70
CA GLU C 327 23.14 -27.19 14.55
C GLU C 327 22.79 -28.49 13.82
N ARG C 328 22.45 -29.56 14.57
CA ARG C 328 22.04 -30.85 13.99
C ARG C 328 20.76 -30.65 13.16
N LYS C 329 19.73 -29.98 13.75
CA LYS C 329 18.46 -29.73 13.08
C LYS C 329 18.59 -28.77 11.91
N ALA C 330 19.43 -27.73 12.04
CA ALA C 330 19.70 -26.77 10.96
C ALA C 330 20.42 -27.49 9.79
N GLU C 331 21.34 -28.42 10.11
CA GLU C 331 22.06 -29.22 9.12
C GLU C 331 21.06 -30.17 8.41
N LEU C 333 17.79 -29.57 8.01
CA LEU C 333 16.97 -28.67 7.18
C LEU C 333 17.66 -28.32 5.89
N GLU C 334 18.95 -27.94 5.96
CA GLU C 334 19.79 -27.60 4.81
C GLU C 334 19.81 -28.78 3.84
N ALA C 335 20.09 -29.99 4.36
CA ALA C 335 20.15 -31.23 3.57
C ALA C 335 18.87 -31.47 2.81
N GLY C 336 17.74 -31.36 3.50
CA GLY C 336 16.42 -31.58 2.95
C GLY C 336 15.98 -30.58 1.91
N LEU C 337 16.22 -29.30 2.18
CA LEU C 337 15.86 -28.19 1.29
C LEU C 337 16.67 -28.24 0.01
N ARG C 338 18.00 -28.47 0.14
CA ARG C 338 18.94 -28.59 -0.98
C ARG C 338 18.51 -29.75 -1.88
N LYS C 339 18.17 -30.90 -1.28
CA LYS C 339 17.71 -32.08 -2.00
C LYS C 339 16.43 -31.78 -2.77
N ALA C 340 15.46 -31.07 -2.12
CA ALA C 340 14.20 -30.69 -2.75
C ALA C 340 14.40 -29.75 -3.92
N ALA C 341 15.27 -28.71 -3.78
CA ALA C 341 15.53 -27.75 -4.85
C ALA C 341 16.27 -28.38 -6.04
N GLU C 342 17.23 -29.28 -5.76
CA GLU C 342 18.02 -29.98 -6.79
C GLU C 342 17.11 -30.93 -7.61
N LYS C 343 16.24 -31.69 -6.93
CA LYS C 343 15.28 -32.62 -7.53
C LYS C 343 14.34 -31.92 -8.51
N HIS C 344 13.90 -30.67 -8.19
CA HIS C 344 12.95 -29.93 -9.00
C HIS C 344 13.56 -28.82 -9.85
N GLY C 345 14.89 -28.78 -9.93
CA GLY C 345 15.64 -27.81 -10.71
C GLY C 345 15.34 -26.37 -10.33
N ILE C 346 15.32 -26.08 -9.01
CA ILE C 346 15.01 -24.74 -8.51
C ILE C 346 16.28 -23.93 -8.22
N PRO C 347 16.41 -22.68 -8.72
CA PRO C 347 17.58 -21.88 -8.32
C PRO C 347 17.55 -21.71 -6.80
N HIS C 348 18.68 -21.97 -6.15
CA HIS C 348 18.75 -21.96 -4.69
C HIS C 348 20.17 -21.67 -4.16
N HIS C 349 20.23 -21.07 -2.97
CA HIS C 349 21.43 -20.81 -2.19
C HIS C 349 21.00 -20.89 -0.73
N ILE C 350 21.62 -21.78 0.04
CA ILE C 350 21.30 -21.93 1.45
C ILE C 350 22.46 -21.38 2.28
N ASN C 351 22.18 -20.46 3.22
CA ASN C 351 23.22 -19.95 4.09
C ASN C 351 22.97 -20.53 5.49
N ARG C 352 24.04 -20.88 6.18
CA ARG C 352 23.99 -21.45 7.51
C ARG C 352 25.12 -20.89 8.36
N ALA C 353 24.81 -20.50 9.59
CA ALA C 353 25.73 -19.95 10.59
C ALA C 353 25.21 -20.40 11.95
N GLY C 354 25.95 -21.28 12.63
CA GLY C 354 25.50 -21.80 13.92
C GLY C 354 24.14 -22.43 13.78
N SER C 355 23.16 -21.95 14.57
CA SER C 355 21.78 -22.42 14.52
C SER C 355 20.99 -21.79 13.39
N ILE C 357 19.70 -20.48 9.70
CA ILE C 357 19.57 -21.03 8.34
C ILE C 357 18.52 -20.28 7.51
N GLY C 358 18.85 -20.03 6.25
CA GLY C 358 17.94 -19.42 5.30
C GLY C 358 18.15 -19.94 3.88
N ILE C 359 17.06 -20.05 3.10
CA ILE C 359 17.11 -20.48 1.70
C ILE C 359 16.67 -19.32 0.82
N PHE C 360 17.50 -18.97 -0.17
CA PHE C 360 17.24 -17.90 -1.15
C PHE C 360 16.94 -18.56 -2.49
N PHE C 361 15.94 -18.06 -3.22
CA PHE C 361 15.62 -18.62 -4.53
C PHE C 361 16.47 -17.99 -5.64
N THR C 362 17.79 -18.17 -5.51
CA THR C 362 18.79 -17.66 -6.45
C THR C 362 19.99 -18.57 -6.42
N ASP C 363 20.63 -18.78 -7.57
CA ASP C 363 21.85 -19.58 -7.62
C ASP C 363 23.07 -18.76 -7.21
N GLU C 364 22.98 -17.41 -7.26
CA GLU C 364 24.07 -16.50 -6.87
C GLU C 364 24.51 -16.68 -5.42
N PRO C 365 25.82 -16.53 -5.09
CA PRO C 365 26.25 -16.66 -3.69
C PRO C 365 25.79 -15.46 -2.87
N VAL C 366 24.86 -15.70 -1.96
CA VAL C 366 24.30 -14.61 -1.14
C VAL C 366 25.27 -14.16 -0.04
N ILE C 367 26.08 -13.12 -0.34
CA ILE C 367 27.11 -12.54 0.57
C ILE C 367 26.82 -11.08 0.98
N ASN C 368 25.79 -10.46 0.38
CA ASN C 368 25.40 -9.09 0.70
C ASN C 368 23.97 -8.88 0.23
N TYR C 369 23.41 -7.69 0.49
CA TYR C 369 22.04 -7.33 0.11
C TYR C 369 21.83 -7.38 -1.39
N ASP C 370 22.82 -6.90 -2.14
CA ASP C 370 22.76 -6.92 -3.60
C ASP C 370 22.53 -8.33 -4.17
N ALA C 371 23.28 -9.35 -3.67
CA ALA C 371 23.11 -10.75 -4.06
C ALA C 371 21.78 -11.32 -3.55
N ALA C 372 21.33 -10.89 -2.35
CA ALA C 372 20.06 -11.36 -1.77
C ALA C 372 18.90 -10.90 -2.63
N LYS C 373 19.00 -9.69 -3.20
CA LYS C 373 17.98 -9.11 -4.07
C LYS C 373 17.81 -9.84 -5.39
N SER C 374 18.75 -10.74 -5.76
CA SER C 374 18.65 -11.53 -7.00
C SER C 374 17.67 -12.69 -6.83
N SER C 375 17.15 -12.90 -5.60
CA SER C 375 16.18 -13.96 -5.27
C SER C 375 14.91 -13.81 -6.08
N ASN C 376 14.34 -14.93 -6.55
CA ASN C 376 13.10 -14.92 -7.31
C ASN C 376 11.95 -14.89 -6.32
N LEU C 377 11.35 -13.70 -6.16
CA LEU C 377 10.27 -13.43 -5.20
C LEU C 377 8.95 -14.10 -5.57
N GLN C 378 8.74 -14.36 -6.87
CA GLN C 378 7.56 -15.09 -7.34
C GLN C 378 7.70 -16.54 -6.86
N PHE C 379 8.91 -17.14 -7.03
CA PHE C 379 9.20 -18.49 -6.55
C PHE C 379 9.04 -18.52 -5.03
N PHE C 380 9.58 -17.50 -4.31
CA PHE C 380 9.43 -17.49 -2.85
C PHE C 380 7.96 -17.47 -2.42
N ALA C 381 7.14 -16.61 -3.03
CA ALA C 381 5.71 -16.48 -2.68
C ALA C 381 4.94 -17.77 -2.98
N ALA C 382 5.19 -18.43 -4.12
CA ALA C 382 4.54 -19.71 -4.47
C ALA C 382 4.94 -20.81 -3.49
N TYR C 383 6.23 -20.87 -3.13
N TYR C 383 6.23 -20.86 -3.14
CA TYR C 383 6.78 -21.82 -2.16
CA TYR C 383 6.78 -21.81 -2.18
C TYR C 383 6.10 -21.58 -0.83
C TYR C 383 6.08 -21.58 -0.84
N TYR C 384 6.06 -20.30 -0.39
CA TYR C 384 5.42 -19.87 0.85
C TYR C 384 3.95 -20.31 0.95
N ARG C 385 3.14 -20.01 -0.08
CA ARG C 385 1.73 -20.38 -0.15
C ARG C 385 1.52 -21.89 0.04
N GLU C 386 2.36 -22.71 -0.59
CA GLU C 386 2.20 -24.17 -0.45
C GLU C 386 2.61 -24.66 0.92
N VAL C 388 2.25 -23.02 3.73
CA VAL C 388 1.08 -22.68 4.57
C VAL C 388 0.01 -23.79 4.42
N GLU C 389 -0.31 -24.17 3.17
CA GLU C 389 -1.27 -25.24 2.85
C GLU C 389 -0.87 -26.57 3.50
N GLN C 390 0.45 -26.84 3.54
CA GLN C 390 1.00 -28.07 4.11
C GLN C 390 1.15 -27.98 5.63
N GLY C 391 0.70 -26.88 6.23
CA GLY C 391 0.77 -26.67 7.68
C GLY C 391 2.11 -26.30 8.24
N VAL C 392 2.87 -25.48 7.51
CA VAL C 392 4.16 -24.96 7.96
C VAL C 392 4.07 -23.42 7.97
N PHE C 393 4.43 -22.77 9.10
CA PHE C 393 4.41 -21.32 9.22
C PHE C 393 5.82 -20.78 9.21
N LEU C 394 6.27 -20.36 8.03
CA LEU C 394 7.61 -19.85 7.87
C LEU C 394 7.49 -18.34 7.93
N PRO C 395 8.60 -17.58 8.09
CA PRO C 395 8.50 -16.12 8.01
C PRO C 395 7.99 -15.66 6.63
N PRO C 396 6.94 -14.81 6.55
CA PRO C 396 6.43 -14.38 5.23
C PRO C 396 7.27 -13.31 4.53
N SER C 397 8.53 -13.65 4.21
CA SER C 397 9.46 -12.77 3.50
C SER C 397 10.65 -13.61 3.09
N GLN C 398 11.14 -13.39 1.87
CA GLN C 398 12.36 -14.05 1.42
C GLN C 398 13.54 -13.54 2.28
N PHE C 399 13.45 -12.30 2.79
CA PHE C 399 14.56 -11.71 3.55
C PHE C 399 14.58 -12.01 5.05
N GLU C 400 14.40 -13.28 5.39
CA GLU C 400 14.43 -13.82 6.74
C GLU C 400 14.89 -15.26 6.72
N GLY C 401 15.51 -15.68 7.80
CA GLY C 401 15.91 -17.07 7.95
C GLY C 401 14.80 -17.85 8.62
N LEU C 402 15.01 -19.16 8.83
CA LEU C 402 14.05 -20.00 9.57
C LEU C 402 14.50 -20.03 11.02
N PHE C 403 13.56 -19.88 11.97
CA PHE C 403 13.94 -19.89 13.39
C PHE C 403 13.60 -21.23 14.03
N LEU C 404 14.58 -21.77 14.70
CA LEU C 404 14.45 -23.03 15.43
C LEU C 404 14.27 -22.77 16.92
N SER C 405 13.66 -23.73 17.60
CA SER C 405 13.44 -23.72 19.04
C SER C 405 13.99 -25.01 19.65
N THR C 406 14.18 -25.03 20.98
CA THR C 406 14.67 -26.21 21.71
C THR C 406 13.59 -27.32 21.74
N VAL C 407 12.39 -27.00 21.24
CA VAL C 407 11.26 -27.90 21.27
C VAL C 407 10.76 -28.39 19.90
N HIS C 408 11.50 -28.09 18.82
CA HIS C 408 11.20 -28.62 17.47
C HIS C 408 11.70 -30.08 17.51
N SER C 409 10.86 -31.04 17.13
CA SER C 409 11.28 -32.45 17.16
C SER C 409 11.85 -32.87 15.80
N ASP C 410 12.46 -34.09 15.74
CA ASP C 410 12.93 -34.67 14.47
C ASP C 410 11.72 -34.87 13.56
N ALA C 411 10.58 -35.25 14.14
CA ALA C 411 9.33 -35.43 13.40
C ALA C 411 8.88 -34.12 12.75
N ASP C 412 9.05 -32.97 13.47
CA ASP C 412 8.72 -31.64 12.96
C ASP C 412 9.65 -31.31 11.78
N ILE C 413 10.96 -31.61 11.93
CA ILE C 413 11.92 -31.34 10.87
C ILE C 413 11.59 -32.18 9.62
N GLU C 414 11.30 -33.47 9.82
CA GLU C 414 10.96 -34.38 8.73
C GLU C 414 9.66 -34.00 8.01
N ALA C 415 8.63 -33.53 8.76
CA ALA C 415 7.38 -33.06 8.16
C ALA C 415 7.61 -31.79 7.32
N THR C 416 8.59 -30.97 7.74
CA THR C 416 8.94 -29.72 7.08
C THR C 416 9.64 -29.98 5.76
N ILE C 417 10.59 -30.94 5.75
N ILE C 417 10.61 -30.92 5.74
CA ILE C 417 11.33 -31.36 4.55
CA ILE C 417 11.33 -31.31 4.52
C ILE C 417 10.34 -31.90 3.50
C ILE C 417 10.34 -31.89 3.50
N ALA C 418 9.39 -32.74 3.95
CA ALA C 418 8.36 -33.35 3.09
C ALA C 418 7.39 -32.30 2.53
N ALA C 419 7.05 -31.23 3.31
CA ALA C 419 6.21 -30.14 2.84
C ALA C 419 6.98 -29.33 1.79
N ALA C 420 8.30 -29.10 2.02
CA ALA C 420 9.15 -28.35 1.11
C ALA C 420 9.31 -29.10 -0.22
N GLU C 421 9.33 -30.45 -0.18
CA GLU C 421 9.43 -31.27 -1.39
C GLU C 421 8.22 -30.96 -2.29
N ILE C 422 7.00 -31.01 -1.71
CA ILE C 422 5.74 -30.69 -2.40
C ILE C 422 5.72 -29.24 -2.87
N ALA C 423 6.11 -28.29 -2.00
CA ALA C 423 6.16 -26.87 -2.35
C ALA C 423 7.12 -26.60 -3.51
N SER C 425 7.96 -28.80 -5.90
CA SER C 425 7.41 -29.50 -7.08
C SER C 425 6.42 -28.64 -7.88
N LYS C 426 5.79 -27.68 -7.23
CA LYS C 426 4.78 -26.80 -7.81
C LYS C 426 5.28 -25.49 -8.39
N LEU C 427 6.59 -25.16 -8.20
CA LEU C 427 7.20 -23.91 -8.67
C LEU C 427 7.33 -23.81 -10.20
N LYS C 428 7.85 -24.88 -10.84
CA LYS C 428 8.06 -24.96 -12.29
C LYS C 428 7.08 -25.93 -12.93
N ARG D 2 12.73 2.02 60.96
CA ARG D 2 12.77 1.15 59.78
C ARG D 2 14.20 0.77 59.40
N LYS D 3 14.42 -0.51 59.07
CA LYS D 3 15.71 -1.05 58.64
C LYS D 3 15.71 -1.25 57.12
N PHE D 4 16.82 -0.91 56.47
CA PHE D 4 17.00 -0.99 55.02
C PHE D 4 18.21 -1.84 54.63
N ASP D 5 18.74 -2.62 55.61
CA ASP D 5 19.92 -3.48 55.42
C ASP D 5 19.90 -4.33 54.14
N LYS D 6 18.78 -5.00 53.83
CA LYS D 6 18.71 -5.82 52.62
C LYS D 6 18.78 -4.97 51.33
N SER D 7 18.13 -3.77 51.30
CA SER D 7 18.16 -2.88 50.13
C SER D 7 19.57 -2.35 49.94
N ILE D 8 20.24 -1.95 51.05
CA ILE D 8 21.63 -1.44 51.03
C ILE D 8 22.56 -2.49 50.40
N ALA D 9 22.42 -3.75 50.81
CA ALA D 9 23.21 -4.87 50.30
C ALA D 9 22.90 -5.14 48.82
N ALA D 10 21.60 -5.15 48.46
CA ALA D 10 21.19 -5.40 47.07
C ALA D 10 21.69 -4.30 46.12
N PHE D 11 21.78 -3.04 46.63
CA PHE D 11 22.27 -1.91 45.84
C PHE D 11 23.77 -1.95 45.61
N GLU D 12 24.54 -2.47 46.59
CA GLU D 12 25.99 -2.60 46.48
C GLU D 12 26.30 -3.63 45.36
N GLU D 13 25.53 -4.73 45.29
CA GLU D 13 25.64 -5.75 44.25
C GLU D 13 25.32 -5.11 42.86
N ALA D 14 24.20 -4.39 42.76
CA ALA D 14 23.71 -3.69 41.57
C ALA D 14 24.75 -2.78 40.94
N GLN D 15 25.61 -2.11 41.77
CA GLN D 15 26.69 -1.20 41.34
C GLN D 15 27.69 -1.86 40.41
N ASP D 16 27.93 -3.16 40.58
CA ASP D 16 28.88 -3.87 39.73
C ASP D 16 28.21 -4.50 38.53
N LEU D 17 26.92 -4.19 38.28
CA LEU D 17 26.17 -4.85 37.21
C LEU D 17 25.59 -3.89 36.17
N PRO D 19 24.91 0.64 35.11
CA PRO D 19 25.44 1.99 35.35
C PRO D 19 24.68 2.64 36.51
N GLY D 20 25.42 3.02 37.55
CA GLY D 20 24.82 3.57 38.79
C GLY D 20 23.93 2.58 39.53
N GLY D 21 24.04 1.28 39.16
CA GLY D 21 23.29 0.18 39.77
C GLY D 21 21.81 0.16 39.47
N VAL D 22 21.38 0.85 38.38
CA VAL D 22 19.95 0.95 38.03
C VAL D 22 19.71 0.79 36.52
N ASN D 23 18.44 0.50 36.17
CA ASN D 23 17.99 0.39 34.78
C ASN D 23 17.31 1.67 34.30
N SER D 24 17.18 2.67 35.20
CA SER D 24 16.63 4.01 34.92
C SER D 24 17.15 5.01 35.99
N PRO D 25 17.70 6.18 35.58
CA PRO D 25 18.37 7.10 36.54
C PRO D 25 17.69 7.48 37.85
N VAL D 26 16.40 7.79 37.79
CA VAL D 26 15.64 8.18 38.99
C VAL D 26 15.60 7.09 40.11
N ARG D 27 15.77 5.81 39.72
CA ARG D 27 15.73 4.69 40.67
C ARG D 27 16.93 4.62 41.60
N ALA D 28 17.95 5.46 41.39
CA ALA D 28 19.14 5.50 42.23
C ALA D 28 18.96 6.37 43.49
N PHE D 29 17.82 7.08 43.61
CA PHE D 29 17.42 7.91 44.76
C PHE D 29 18.46 8.98 45.14
N LYS D 30 19.23 9.47 44.14
CA LYS D 30 20.30 10.46 44.37
C LYS D 30 19.80 11.82 44.85
N SER D 31 18.63 12.26 44.39
CA SER D 31 18.06 13.57 44.75
C SER D 31 17.58 13.63 46.21
N VAL D 32 17.32 12.48 46.85
CA VAL D 32 16.76 12.39 48.20
C VAL D 32 17.72 11.95 49.33
N GLY D 33 19.01 11.87 49.00
CA GLY D 33 20.07 11.55 49.96
C GLY D 33 19.92 10.27 50.76
N ASN D 35 19.71 5.56 50.33
CA ASN D 35 19.88 4.35 49.53
C ASN D 35 18.55 4.01 48.86
N PRO D 36 18.53 3.51 47.60
CA PRO D 36 17.24 3.14 46.99
C PRO D 36 16.53 2.05 47.77
N LEU D 37 15.22 2.05 47.69
CA LEU D 37 14.40 1.01 48.30
C LEU D 37 14.21 -0.08 47.26
N PHE D 38 14.56 -1.33 47.59
CA PHE D 38 14.35 -2.46 46.66
C PHE D 38 12.98 -3.06 46.96
N GLU D 40 9.76 -5.72 46.65
CA GLU D 40 9.49 -7.17 46.56
C GLU D 40 8.13 -7.46 45.92
N ARG D 41 7.08 -6.81 46.41
CA ARG D 41 5.72 -7.04 45.93
C ARG D 41 4.83 -5.88 46.23
N GLY D 42 3.67 -5.88 45.61
CA GLY D 42 2.65 -4.89 45.84
C GLY D 42 1.26 -5.49 45.74
N LYS D 43 0.29 -4.81 46.35
CA LYS D 43 -1.11 -5.19 46.27
C LYS D 43 -1.91 -3.94 46.44
N GLY D 44 -2.68 -3.59 45.42
CA GLY D 44 -3.48 -2.38 45.42
C GLY D 44 -2.60 -1.15 45.58
N SER D 45 -2.91 -0.32 46.55
CA SER D 45 -2.15 0.91 46.85
C SER D 45 -0.92 0.67 47.76
N LYS D 46 -0.66 -0.60 48.15
CA LYS D 46 0.48 -0.92 49.04
C LYS D 46 1.63 -1.59 48.32
N VAL D 47 2.87 -1.22 48.71
CA VAL D 47 4.10 -1.78 48.17
C VAL D 47 5.02 -2.22 49.33
N TYR D 48 5.79 -3.29 49.14
CA TYR D 48 6.65 -3.84 50.18
C TYR D 48 8.08 -3.91 49.74
N ASP D 49 9.00 -3.38 50.56
CA ASP D 49 10.41 -3.47 50.23
C ASP D 49 10.96 -4.84 50.62
N ILE D 50 12.23 -5.14 50.25
CA ILE D 50 12.84 -6.46 50.55
C ILE D 50 13.12 -6.68 52.06
N ASP D 51 13.03 -5.61 52.87
CA ASP D 51 13.22 -5.65 54.33
C ASP D 51 11.88 -5.84 55.06
N GLY D 52 10.83 -6.10 54.30
CA GLY D 52 9.48 -6.30 54.82
C GLY D 52 8.68 -5.05 55.13
N ASN D 53 9.24 -3.83 54.89
CA ASN D 53 8.49 -2.58 55.16
C ASN D 53 7.35 -2.34 54.18
N GLU D 54 6.17 -1.92 54.69
CA GLU D 54 4.97 -1.61 53.91
C GLU D 54 4.92 -0.12 53.66
N TYR D 55 4.45 0.27 52.47
CA TYR D 55 4.30 1.69 52.14
C TYR D 55 3.04 1.88 51.38
N ILE D 56 2.43 3.06 51.52
CA ILE D 56 1.32 3.49 50.68
C ILE D 56 2.06 4.06 49.43
N ASP D 57 1.71 3.54 48.26
CA ASP D 57 2.38 3.87 47.00
C ASP D 57 1.78 5.05 46.21
N TYR D 58 2.56 6.14 46.06
CA TYR D 58 2.16 7.30 45.25
C TYR D 58 3.09 7.40 44.03
N VAL D 59 3.86 6.33 43.78
CA VAL D 59 4.77 6.23 42.62
C VAL D 59 4.01 5.47 41.52
N LEU D 60 3.42 4.30 41.87
CA LEU D 60 2.66 3.47 40.95
C LEU D 60 3.43 3.24 39.63
N SER D 61 4.70 2.84 39.80
CA SER D 61 5.69 2.58 38.73
C SER D 61 5.92 3.83 37.85
N TRP D 62 5.66 5.04 38.42
CA TRP D 62 5.78 6.37 37.76
C TRP D 62 4.59 6.67 36.84
N GLY D 63 3.42 6.14 37.17
CA GLY D 63 2.21 6.42 36.40
C GLY D 63 1.42 5.24 35.86
N PRO D 64 2.04 4.13 35.38
CA PRO D 64 1.24 3.06 34.79
C PRO D 64 0.17 2.38 35.64
N LEU D 65 0.41 2.25 36.95
CA LEU D 65 -0.50 1.45 37.80
C LEU D 65 -1.70 2.18 38.30
N ILE D 66 -2.59 2.54 37.36
CA ILE D 66 -3.80 3.31 37.63
C ILE D 66 -4.79 2.55 38.56
N HIS D 67 -4.68 1.22 38.64
CA HIS D 67 -5.52 0.42 39.55
C HIS D 67 -4.64 -0.19 40.64
N GLY D 68 -3.42 0.32 40.78
CA GLY D 68 -2.47 -0.18 41.76
C GLY D 68 -1.84 -1.48 41.32
N HIS D 69 -1.17 -2.16 42.27
CA HIS D 69 -0.44 -3.38 41.99
C HIS D 69 -1.33 -4.60 41.91
N ALA D 70 -1.06 -5.47 40.92
CA ALA D 70 -1.76 -6.75 40.74
C ALA D 70 -3.29 -6.68 40.83
N ASN D 71 -3.92 -5.80 40.03
CA ASN D 71 -5.37 -5.74 39.93
C ASN D 71 -5.84 -7.14 39.51
N ASP D 72 -6.83 -7.70 40.24
CA ASP D 72 -7.36 -9.04 40.01
C ASP D 72 -7.67 -9.34 38.54
N ARG D 73 -8.51 -8.51 37.90
CA ARG D 73 -8.88 -8.66 36.48
C ARG D 73 -7.68 -8.66 35.55
N VAL D 74 -6.70 -7.78 35.80
CA VAL D 74 -5.48 -7.69 34.96
C VAL D 74 -4.65 -8.96 35.11
N VAL D 75 -4.38 -9.37 36.36
CA VAL D 75 -3.60 -10.59 36.66
C VAL D 75 -4.21 -11.81 35.99
N GLU D 76 -5.55 -11.96 36.10
CA GLU D 76 -6.26 -13.09 35.49
C GLU D 76 -6.11 -13.10 33.98
N ALA D 77 -6.23 -11.91 33.34
CA ALA D 77 -6.05 -11.79 31.88
C ALA D 77 -4.63 -12.21 31.49
N LEU D 78 -3.61 -11.69 32.23
CA LEU D 78 -2.18 -12.02 32.01
C LEU D 78 -1.91 -13.50 32.06
N LYS D 79 -2.41 -14.19 33.12
CA LYS D 79 -2.24 -15.63 33.32
C LYS D 79 -2.85 -16.45 32.18
N ALA D 80 -4.08 -16.09 31.73
CA ALA D 80 -4.79 -16.78 30.64
C ALA D 80 -4.04 -16.61 29.32
N VAL D 81 -3.49 -15.42 29.06
CA VAL D 81 -2.75 -15.16 27.83
C VAL D 81 -1.42 -15.92 27.86
N ALA D 82 -0.71 -15.84 29.00
CA ALA D 82 0.58 -16.52 29.17
C ALA D 82 0.51 -18.02 28.84
N GLU D 83 -0.59 -18.70 29.25
CA GLU D 83 -0.78 -20.14 28.97
C GLU D 83 -0.95 -20.45 27.50
N ARG D 84 -1.43 -19.47 26.70
CA ARG D 84 -1.70 -19.62 25.25
C ARG D 84 -0.63 -19.06 24.33
N GLY D 85 0.33 -18.33 24.88
CA GLY D 85 1.40 -17.70 24.11
C GLY D 85 1.36 -16.19 24.21
N THR D 86 2.49 -15.58 24.59
CA THR D 86 2.58 -14.13 24.83
C THR D 86 2.80 -13.26 23.58
N SER D 87 3.38 -13.83 22.51
CA SER D 87 3.76 -13.10 21.29
C SER D 87 3.79 -14.07 20.10
N PHE D 88 3.25 -13.65 18.95
CA PHE D 88 3.20 -14.51 17.75
C PHE D 88 3.93 -14.01 16.49
N GLY D 89 4.03 -12.69 16.33
CA GLY D 89 4.65 -12.14 15.13
C GLY D 89 3.72 -12.14 13.93
N ALA D 90 2.42 -12.33 14.18
CA ALA D 90 1.35 -12.29 13.16
C ALA D 90 0.16 -11.60 13.84
N PRO D 91 -0.83 -11.05 13.11
CA PRO D 91 -1.91 -10.32 13.79
C PRO D 91 -2.73 -11.13 14.79
N THR D 92 -3.33 -10.46 15.77
CA THR D 92 -4.17 -11.11 16.79
C THR D 92 -5.46 -10.33 16.92
N GLU D 93 -6.54 -10.98 17.36
CA GLU D 93 -7.82 -10.29 17.54
C GLU D 93 -7.75 -9.35 18.73
N ILE D 94 -6.94 -9.67 19.75
CA ILE D 94 -6.83 -8.81 20.92
C ILE D 94 -6.27 -7.40 20.57
N GLU D 95 -5.39 -7.31 19.55
CA GLU D 95 -4.88 -6.02 19.05
C GLU D 95 -6.03 -5.16 18.52
N ASN D 96 -6.99 -5.77 17.79
CA ASN D 96 -8.19 -5.10 17.31
C ASN D 96 -9.01 -4.55 18.50
N LYS D 97 -9.24 -5.42 19.51
N LYS D 97 -9.27 -5.41 19.50
CA LYS D 97 -9.99 -5.11 20.73
CA LYS D 97 -10.06 -5.00 20.68
C LYS D 97 -9.46 -3.86 21.43
C LYS D 97 -9.46 -3.79 21.41
N LEU D 98 -8.13 -3.79 21.66
CA LEU D 98 -7.50 -2.65 22.34
C LEU D 98 -7.46 -1.41 21.45
N ALA D 99 -7.17 -1.58 20.14
CA ALA D 99 -7.13 -0.42 19.23
C ALA D 99 -8.51 0.29 19.22
N LYS D 100 -9.60 -0.50 19.12
CA LYS D 100 -10.97 0.00 19.11
C LYS D 100 -11.26 0.85 20.35
N LEU D 101 -10.90 0.31 21.54
CA LEU D 101 -11.13 1.00 22.81
C LEU D 101 -10.32 2.33 22.86
N VAL D 102 -9.05 2.31 22.42
CA VAL D 102 -8.19 3.51 22.40
C VAL D 102 -8.76 4.57 21.47
N ILE D 103 -9.23 4.17 20.27
CA ILE D 103 -9.85 5.07 19.29
C ILE D 103 -11.09 5.72 19.92
N GLU D 104 -11.89 4.92 20.63
CA GLU D 104 -13.11 5.44 21.27
C GLU D 104 -12.78 6.40 22.42
N ARG D 105 -11.77 6.06 23.24
CA ARG D 105 -11.43 6.82 24.45
C ARG D 105 -10.70 8.14 24.22
N VAL D 106 -9.89 8.22 23.13
CA VAL D 106 -9.07 9.39 22.86
C VAL D 106 -9.63 10.17 21.69
N PRO D 107 -10.13 11.41 21.90
CA PRO D 107 -10.74 12.17 20.79
C PRO D 107 -9.98 12.26 19.46
N SER D 108 -8.70 12.69 19.48
CA SER D 108 -7.90 12.88 18.25
C SER D 108 -7.57 11.56 17.51
N ILE D 109 -7.56 10.41 18.21
CA ILE D 109 -7.15 9.16 17.59
C ILE D 109 -8.24 8.53 16.74
N GLU D 110 -7.97 8.42 15.42
CA GLU D 110 -8.88 7.76 14.47
C GLU D 110 -8.22 6.45 14.05
N ILE D 111 -6.88 6.45 13.96
CA ILE D 111 -6.07 5.29 13.58
C ILE D 111 -4.95 5.26 14.59
N VAL D 112 -4.58 4.07 15.05
CA VAL D 112 -3.56 3.97 16.09
C VAL D 112 -2.48 2.94 15.76
N ARG D 113 -1.30 3.10 16.33
CA ARG D 113 -0.22 2.15 16.16
C ARG D 113 0.42 1.85 17.53
N VAL D 115 3.20 0.51 20.16
CA VAL D 115 4.67 0.39 20.27
C VAL D 115 5.01 -0.20 21.67
N ASN D 116 6.27 -0.12 22.12
CA ASN D 116 6.67 -0.73 23.39
C ASN D 116 6.94 0.20 24.53
N SER D 117 6.97 1.52 24.27
CA SER D 117 7.29 2.52 25.31
C SER D 117 6.86 3.89 24.84
N GLY D 118 6.85 4.84 25.79
CA GLY D 118 6.59 6.25 25.50
C GLY D 118 7.65 6.82 24.55
N THR D 119 8.93 6.43 24.76
CA THR D 119 10.09 6.86 23.92
C THR D 119 9.86 6.47 22.47
N GLU D 120 9.42 5.22 22.24
CA GLU D 120 9.15 4.75 20.86
C GLU D 120 7.99 5.54 20.28
N ALA D 121 6.96 5.83 21.09
CA ALA D 121 5.77 6.57 20.66
C ALA D 121 6.10 7.98 20.19
N THR D 122 6.88 8.76 20.97
CA THR D 122 7.25 10.13 20.63
C THR D 122 8.24 10.24 19.47
N SER D 124 8.53 8.18 17.02
CA SER D 124 7.72 7.78 15.86
C SER D 124 6.82 8.93 15.38
N ALA D 125 6.16 9.60 16.33
CA ALA D 125 5.27 10.72 16.06
C ALA D 125 6.04 11.90 15.50
N LEU D 126 7.26 12.17 16.00
CA LEU D 126 8.08 13.25 15.42
C LEU D 126 8.45 12.93 13.96
N ARG D 127 8.83 11.67 13.69
CA ARG D 127 9.24 11.24 12.33
C ARG D 127 8.02 11.36 11.37
N LEU D 128 6.85 10.94 11.86
CA LEU D 128 5.60 11.04 11.14
C LEU D 128 5.29 12.50 10.81
N ALA D 129 5.41 13.41 11.79
CA ALA D 129 5.13 14.85 11.61
C ALA D 129 6.06 15.46 10.57
N ARG D 130 7.35 15.10 10.66
CA ARG D 130 8.38 15.56 9.71
C ARG D 130 8.09 15.04 8.30
N GLY D 131 7.74 13.78 8.16
CA GLY D 131 7.44 13.23 6.84
C GLY D 131 6.16 13.74 6.23
N TYR D 132 5.12 13.89 7.07
CA TYR D 132 3.81 14.36 6.64
C TYR D 132 3.87 15.82 6.15
N THR D 133 4.60 16.67 6.86
CA THR D 133 4.70 18.12 6.50
C THR D 133 5.83 18.42 5.52
N GLY D 134 6.80 17.53 5.44
CA GLY D 134 8.01 17.75 4.64
C GLY D 134 8.88 18.83 5.29
N ARG D 135 8.85 18.94 6.63
CA ARG D 135 9.60 19.95 7.41
C ARG D 135 10.55 19.31 8.37
N ASN D 136 11.60 20.04 8.78
CA ASN D 136 12.63 19.41 9.60
C ASN D 136 12.58 19.73 11.08
N LYS D 137 12.09 20.92 11.44
CA LYS D 137 12.16 21.37 12.82
C LYS D 137 11.01 20.95 13.70
N ILE D 138 11.29 20.81 14.98
CA ILE D 138 10.29 20.44 15.99
C ILE D 138 10.43 21.46 17.11
N LEU D 139 9.31 21.83 17.70
CA LEU D 139 9.30 22.75 18.82
C LEU D 139 8.82 22.02 20.05
N LYS D 140 9.61 22.09 21.13
CA LYS D 140 9.28 21.48 22.43
C LYS D 140 9.49 22.53 23.53
N PHE D 141 9.05 22.22 24.77
CA PHE D 141 9.14 23.15 25.90
C PHE D 141 10.23 22.81 26.90
N ILE D 142 10.82 23.85 27.53
CA ILE D 142 11.88 23.67 28.52
C ILE D 142 11.33 22.96 29.76
N GLY D 143 12.05 21.96 30.24
CA GLY D 143 11.67 21.20 31.43
C GLY D 143 10.75 20.04 31.14
N CYS D 144 10.39 19.85 29.87
CA CYS D 144 9.49 18.78 29.48
C CYS D 144 10.23 17.58 28.96
N TYR D 145 9.76 16.39 29.37
CA TYR D 145 10.38 15.13 28.99
C TYR D 145 9.46 14.34 28.08
N HIS D 146 10.00 13.87 26.94
CA HIS D 146 9.25 13.13 25.94
C HIS D 146 9.86 11.76 25.67
N GLY D 147 10.85 11.37 26.46
CA GLY D 147 11.59 10.13 26.26
C GLY D 147 12.97 10.47 25.72
N HIS D 148 13.80 9.44 25.47
CA HIS D 148 15.19 9.66 25.08
C HIS D 148 15.57 9.74 23.59
N GLY D 149 14.61 9.91 22.69
CA GLY D 149 14.89 10.15 21.27
C GLY D 149 15.78 11.38 21.16
N ASP D 150 16.85 11.31 20.35
CA ASP D 150 17.85 12.39 20.23
C ASP D 150 17.29 13.78 20.04
N SER D 151 16.29 13.94 19.14
CA SER D 151 15.66 15.24 18.87
C SER D 151 15.01 15.85 20.13
N LEU D 152 14.62 15.00 21.08
CA LEU D 152 13.90 15.38 22.30
C LEU D 152 14.77 15.62 23.54
N LEU D 153 16.07 15.25 23.47
CA LEU D 153 16.98 15.41 24.60
C LEU D 153 17.42 16.85 24.86
N ILE D 154 17.30 17.73 23.85
CA ILE D 154 17.64 19.15 23.89
C ILE D 154 16.77 19.90 24.96
N LYS D 155 17.33 20.17 26.16
CA LYS D 155 16.69 20.87 27.30
C LYS D 155 15.50 20.14 27.96
N ALA D 156 15.67 18.82 28.19
CA ALA D 156 14.67 17.94 28.80
C ALA D 156 14.96 17.77 30.29
N LEU D 165 20.79 23.38 21.02
CA LEU D 165 22.07 22.99 21.60
C LEU D 165 22.02 21.61 22.28
N PRO D 166 23.01 20.70 22.06
CA PRO D 166 22.96 19.38 22.70
C PRO D 166 23.08 19.42 24.23
N ASP D 167 21.95 19.13 24.91
CA ASP D 167 21.80 19.12 26.38
C ASP D 167 22.63 17.98 26.99
N SER D 168 22.54 16.79 26.38
CA SER D 168 23.28 15.57 26.77
C SER D 168 24.37 15.31 25.70
N PRO D 169 25.56 14.81 26.09
CA PRO D 169 26.54 14.44 25.07
C PRO D 169 26.00 13.26 24.25
N GLY D 170 26.63 13.02 23.11
CA GLY D 170 26.23 11.93 22.23
C GLY D 170 25.16 12.32 21.25
N VAL D 171 24.72 13.58 21.31
CA VAL D 171 23.66 14.07 20.42
C VAL D 171 24.32 15.06 19.46
N PRO D 172 24.46 14.74 18.15
CA PRO D 172 25.19 15.67 17.27
C PRO D 172 24.48 17.01 17.03
N GLU D 173 25.26 18.02 16.58
CA GLU D 173 24.73 19.34 16.23
C GLU D 173 23.72 19.23 15.06
N GLY D 174 23.93 18.23 14.19
CA GLY D 174 23.03 17.95 13.06
C GLY D 174 21.61 17.64 13.53
N VAL D 175 21.48 17.13 14.76
CA VAL D 175 20.18 16.86 15.40
C VAL D 175 19.75 18.15 16.14
N ALA D 176 20.64 18.71 17.00
CA ALA D 176 20.35 19.88 17.81
C ALA D 176 19.77 21.07 17.06
N LYS D 177 20.31 21.34 15.86
CA LYS D 177 19.88 22.46 15.00
C LYS D 177 18.41 22.38 14.58
N ASN D 178 17.81 21.16 14.63
CA ASN D 178 16.40 21.00 14.22
C ASN D 178 15.39 20.94 15.39
N THR D 179 15.82 21.32 16.59
CA THR D 179 14.93 21.38 17.75
C THR D 179 14.93 22.80 18.30
N ILE D 180 13.75 23.36 18.50
CA ILE D 180 13.54 24.68 19.09
C ILE D 180 12.93 24.44 20.48
N THR D 181 13.39 25.17 21.48
CA THR D 181 12.89 25.03 22.83
C THR D 181 12.47 26.38 23.35
N VAL D 182 11.29 26.46 23.94
CA VAL D 182 10.81 27.69 24.57
C VAL D 182 10.24 27.29 25.94
N ALA D 183 10.06 28.24 26.84
CA ALA D 183 9.53 27.96 28.18
C ALA D 183 8.10 27.45 28.10
N TYR D 184 7.75 26.49 28.95
CA TYR D 184 6.38 25.99 29.03
C TYR D 184 5.52 27.17 29.45
N ASN D 185 4.29 27.25 28.90
CA ASN D 185 3.33 28.33 29.17
C ASN D 185 3.71 29.69 28.50
N ASP D 186 4.75 29.70 27.65
CA ASP D 186 5.17 30.94 26.97
C ASP D 186 4.65 30.99 25.52
N LEU D 187 3.38 31.38 25.37
CA LEU D 187 2.75 31.45 24.05
C LEU D 187 3.39 32.49 23.13
N GLU D 188 3.79 33.66 23.69
CA GLU D 188 4.44 34.68 22.85
C GLU D 188 5.76 34.20 22.25
N SER D 189 6.55 33.39 22.98
CA SER D 189 7.81 32.86 22.43
C SER D 189 7.56 31.82 21.32
N VAL D 190 6.44 31.09 21.42
CA VAL D 190 6.01 30.12 20.38
C VAL D 190 5.68 30.92 19.11
N LYS D 191 4.89 32.00 19.27
CA LYS D 191 4.52 32.89 18.15
C LYS D 191 5.78 33.47 17.51
N TYR D 192 6.78 33.88 18.32
CA TYR D 192 8.06 34.42 17.80
C TYR D 192 8.84 33.35 17.05
N ALA D 193 8.88 32.10 17.57
CA ALA D 193 9.56 30.97 16.92
C ALA D 193 8.92 30.72 15.55
N PHE D 194 7.57 30.80 15.46
CA PHE D 194 6.86 30.64 14.19
C PHE D 194 7.09 31.81 13.21
N GLU D 195 7.29 33.01 13.74
CA GLU D 195 7.57 34.18 12.89
C GLU D 195 8.93 34.00 12.22
N GLN D 196 9.91 33.48 12.96
CA GLN D 196 11.27 33.30 12.46
C GLN D 196 11.52 32.04 11.66
N PHE D 197 10.92 30.89 12.07
CA PHE D 197 11.18 29.57 11.47
C PHE D 197 9.95 28.79 11.01
N GLY D 198 8.76 29.38 11.19
CA GLY D 198 7.45 28.80 10.91
C GLY D 198 7.34 27.85 9.73
N ASP D 199 7.91 28.24 8.58
CA ASP D 199 7.85 27.43 7.35
C ASP D 199 8.61 26.11 7.47
N ASP D 200 9.60 26.00 8.39
CA ASP D 200 10.34 24.75 8.57
C ASP D 200 9.96 24.01 9.87
N ILE D 201 8.89 24.44 10.58
CA ILE D 201 8.46 23.74 11.81
C ILE D 201 7.44 22.63 11.47
N ALA D 202 7.83 21.35 11.66
CA ALA D 202 6.94 20.23 11.38
C ALA D 202 5.83 20.09 12.42
N CYS D 203 6.17 20.36 13.69
CA CYS D 203 5.26 20.15 14.82
C CYS D 203 5.72 20.85 16.07
N VAL D 204 4.76 21.02 16.99
CA VAL D 204 4.95 21.43 18.36
C VAL D 204 4.53 20.16 19.12
N ILE D 205 5.39 19.67 20.01
CA ILE D 205 5.07 18.53 20.87
C ILE D 205 4.89 19.12 22.27
N VAL D 206 3.79 18.77 22.94
CA VAL D 206 3.53 19.35 24.26
C VAL D 206 2.83 18.35 25.20
N GLU D 207 3.14 18.43 26.50
CA GLU D 207 2.42 17.66 27.52
C GLU D 207 1.19 18.54 27.90
N PRO D 208 -0.07 18.05 27.73
CA PRO D 208 -1.26 18.89 28.08
C PRO D 208 -1.21 19.44 29.52
N VAL D 209 -0.58 18.68 30.41
CA VAL D 209 -0.25 19.06 31.79
C VAL D 209 1.19 18.58 31.93
N ALA D 210 2.14 19.48 32.28
CA ALA D 210 3.55 19.12 32.44
C ALA D 210 3.65 18.27 33.71
N GLY D 211 4.31 17.13 33.61
CA GLY D 211 4.44 16.21 34.75
C GLY D 211 5.86 15.87 35.15
N ASN D 212 6.85 16.28 34.33
CA ASN D 212 8.26 15.96 34.55
C ASN D 212 9.09 17.11 35.13
N GLY D 214 7.67 18.51 37.82
CA GLY D 214 6.61 18.49 38.82
C GLY D 214 5.34 18.71 38.01
N VAL D 215 4.20 18.83 38.70
CA VAL D 215 2.91 19.05 38.02
C VAL D 215 2.76 20.53 37.72
N VAL D 216 2.71 20.87 36.43
CA VAL D 216 2.55 22.25 35.95
C VAL D 216 1.42 22.31 34.92
N PRO D 217 0.24 22.80 35.36
CA PRO D 217 -0.90 22.91 34.42
C PRO D 217 -0.70 24.00 33.39
N PRO D 218 -1.37 23.88 32.23
CA PRO D 218 -1.27 24.93 31.22
C PRO D 218 -1.98 26.18 31.73
N GLN D 219 -1.46 27.34 31.38
CA GLN D 219 -2.11 28.60 31.71
C GLN D 219 -3.33 28.79 30.79
N PRO D 220 -4.39 29.53 31.22
CA PRO D 220 -5.53 29.77 30.32
C PRO D 220 -5.13 30.27 28.94
N GLY D 221 -5.69 29.64 27.90
CA GLY D 221 -5.38 29.97 26.52
C GLY D 221 -4.09 29.39 25.94
N PHE D 222 -3.25 28.72 26.74
CA PHE D 222 -1.97 28.17 26.23
C PHE D 222 -2.16 27.06 25.18
N LEU D 223 -2.86 25.97 25.54
CA LEU D 223 -3.09 24.87 24.58
C LEU D 223 -3.91 25.31 23.35
N GLU D 224 -4.95 26.17 23.57
CA GLU D 224 -5.76 26.73 22.47
C GLU D 224 -4.85 27.54 21.51
N GLY D 225 -3.96 28.36 22.09
CA GLY D 225 -2.98 29.14 21.35
C GLY D 225 -2.03 28.29 20.53
N LEU D 226 -1.60 27.13 21.07
CA LEU D 226 -0.73 26.19 20.33
C LEU D 226 -1.49 25.57 19.18
N ARG D 227 -2.77 25.24 19.40
CA ARG D 227 -3.61 24.69 18.33
C ARG D 227 -3.78 25.75 17.21
N GLU D 228 -3.98 27.02 17.58
CA GLU D 228 -4.14 28.09 16.59
C GLU D 228 -2.86 28.36 15.80
N VAL D 229 -1.69 28.53 16.48
N VAL D 229 -1.70 28.52 16.47
CA VAL D 229 -0.40 28.80 15.78
CA VAL D 229 -0.42 28.79 15.77
C VAL D 229 0.00 27.68 14.81
C VAL D 229 0.01 27.68 14.82
N THR D 230 -0.13 26.41 15.24
CA THR D 230 0.24 25.25 14.40
C THR D 230 -0.63 25.20 13.15
N GLU D 231 -1.96 25.27 13.32
CA GLU D 231 -2.97 25.25 12.26
C GLU D 231 -2.73 26.33 11.21
N GLN D 232 -2.49 27.56 11.68
CA GLN D 232 -2.29 28.73 10.81
C GLN D 232 -0.95 28.68 10.05
N ASN D 233 0.06 27.96 10.58
CA ASN D 233 1.38 27.88 9.96
C ASN D 233 1.72 26.53 9.30
N GLY D 234 0.74 25.62 9.24
CA GLY D 234 0.87 24.31 8.63
C GLY D 234 1.69 23.30 9.40
N ALA D 235 1.86 23.50 10.71
CA ALA D 235 2.56 22.56 11.57
C ALA D 235 1.55 21.64 12.26
N LEU D 236 1.96 20.45 12.65
CA LEU D 236 1.09 19.53 13.40
C LEU D 236 1.20 19.83 14.87
N LEU D 237 0.14 19.55 15.62
CA LEU D 237 0.18 19.70 17.08
C LEU D 237 0.17 18.27 17.61
N ILE D 238 1.19 17.89 18.34
CA ILE D 238 1.28 16.55 18.93
C ILE D 238 1.13 16.71 20.42
N PHE D 239 0.18 15.98 21.03
CA PHE D 239 0.07 15.97 22.48
C PHE D 239 0.82 14.78 22.98
N ASP D 240 1.81 15.00 23.83
CA ASP D 240 2.47 13.85 24.45
C ASP D 240 1.60 13.55 25.69
N GLU D 241 0.76 12.53 25.59
CA GLU D 241 -0.11 12.09 26.69
C GLU D 241 0.40 10.78 27.31
N VAL D 242 1.72 10.53 27.25
CA VAL D 242 2.30 9.31 27.85
C VAL D 242 1.97 9.25 29.35
N THR D 244 -0.24 11.91 30.97
CA THR D 244 -1.61 12.39 31.17
C THR D 244 -2.69 11.42 30.65
N GLY D 245 -2.33 10.59 29.65
CA GLY D 245 -3.26 9.69 29.00
C GLY D 245 -3.95 8.76 29.96
N PHE D 246 -5.30 8.79 29.97
CA PHE D 246 -6.18 7.93 30.81
C PHE D 246 -5.97 8.19 32.28
N ARG D 247 -5.27 9.27 32.63
CA ARG D 247 -4.92 9.57 34.03
C ARG D 247 -5.51 10.89 34.49
N VAL D 248 -5.29 11.97 33.73
CA VAL D 248 -5.80 13.29 34.08
C VAL D 248 -7.34 13.39 34.02
N ALA D 249 -7.95 12.71 33.03
CA ALA D 249 -9.39 12.67 32.78
C ALA D 249 -9.76 11.49 31.93
N TYR D 250 -11.06 11.21 31.86
CA TYR D 250 -11.58 10.07 31.11
C TYR D 250 -11.18 10.09 29.63
N ASN D 251 -11.35 11.24 28.97
CA ASN D 251 -10.96 11.39 27.55
C ASN D 251 -9.61 12.14 27.44
N CYS D 252 -8.72 11.90 28.43
CA CYS D 252 -7.34 12.40 28.46
C CYS D 252 -7.27 13.96 28.61
N GLY D 253 -6.08 14.54 28.49
CA GLY D 253 -5.91 15.99 28.63
C GLY D 253 -6.61 16.77 27.53
N GLN D 254 -6.60 16.19 26.33
CA GLN D 254 -7.26 16.79 25.17
C GLN D 254 -8.79 16.90 25.39
N GLY D 255 -9.40 15.87 26.00
CA GLY D 255 -10.82 15.87 26.33
C GLY D 255 -11.09 16.84 27.45
N TYR D 256 -10.22 16.80 28.47
CA TYR D 256 -10.29 17.67 29.66
C TYR D 256 -10.24 19.16 29.31
N TYR D 257 -9.34 19.57 28.41
CA TYR D 257 -9.21 20.97 28.03
C TYR D 257 -9.98 21.34 26.77
N GLY D 258 -10.53 20.35 26.09
CA GLY D 258 -11.28 20.53 24.85
C GLY D 258 -10.41 21.09 23.73
N VAL D 259 -9.15 20.63 23.65
CA VAL D 259 -8.21 21.03 22.58
C VAL D 259 -7.84 19.73 21.87
N THR D 260 -8.09 19.65 20.56
CA THR D 260 -7.82 18.46 19.77
C THR D 260 -6.50 18.56 18.94
N PRO D 261 -5.50 17.72 19.27
CA PRO D 261 -4.26 17.74 18.49
C PRO D 261 -4.39 16.88 17.23
N ASP D 262 -3.38 16.92 16.38
CA ASP D 262 -3.32 16.14 15.14
C ASP D 262 -2.87 14.72 15.44
N LEU D 263 -1.94 14.59 16.41
CA LEU D 263 -1.37 13.32 16.84
C LEU D 263 -1.32 13.26 18.35
N THR D 264 -1.45 12.07 18.90
CA THR D 264 -1.33 11.83 20.33
C THR D 264 -0.36 10.66 20.55
N CYS D 265 0.54 10.82 21.55
CA CYS D 265 1.47 9.78 22.00
C CYS D 265 0.95 9.27 23.33
N LEU D 266 0.96 7.98 23.50
CA LEU D 266 0.46 7.33 24.72
C LEU D 266 1.45 6.32 25.23
N GLY D 267 1.29 5.95 26.50
CA GLY D 267 2.16 5.04 27.19
C GLY D 267 1.72 4.83 28.63
N LYS D 268 2.62 4.28 29.44
CA LYS D 268 2.36 4.24 30.85
C LYS D 268 1.04 3.49 31.13
N VAL D 269 -0.02 4.21 31.44
CA VAL D 269 -1.31 3.58 31.81
C VAL D 269 -1.80 2.64 30.70
N ILE D 270 -1.60 2.99 29.43
CA ILE D 270 -2.03 2.14 28.31
C ILE D 270 -1.55 0.67 28.45
N GLY D 271 -0.42 0.48 29.13
CA GLY D 271 0.16 -0.82 29.35
C GLY D 271 -0.23 -1.52 30.63
N GLY D 272 -0.81 -0.75 31.57
CA GLY D 272 -1.23 -1.24 32.89
C GLY D 272 -0.14 -1.97 33.66
N GLY D 273 1.11 -1.60 33.44
CA GLY D 273 2.23 -2.26 34.13
C GLY D 273 3.09 -3.15 33.25
N LEU D 274 2.76 -3.24 31.94
CA LEU D 274 3.56 -3.95 30.91
C LEU D 274 4.12 -2.91 29.93
N PRO D 275 5.23 -3.19 29.20
CA PRO D 275 5.79 -2.18 28.29
C PRO D 275 4.91 -2.01 27.07
N VAL D 276 4.14 -0.91 27.04
CA VAL D 276 3.25 -0.59 25.92
C VAL D 276 3.34 0.90 25.72
N GLY D 277 3.32 1.31 24.47
CA GLY D 277 3.20 2.69 24.06
C GLY D 277 2.30 2.71 22.84
N ALA D 278 1.89 3.90 22.41
CA ALA D 278 1.12 4.03 21.16
C ALA D 278 1.19 5.45 20.63
N TYR D 279 1.01 5.59 19.33
CA TYR D 279 0.84 6.89 18.71
C TYR D 279 -0.33 6.77 17.78
N GLY D 280 -1.14 7.81 17.71
CA GLY D 280 -2.32 7.82 16.88
C GLY D 280 -2.77 9.23 16.58
N GLY D 281 -3.74 9.34 15.70
CA GLY D 281 -4.26 10.66 15.34
C GLY D 281 -5.12 10.59 14.10
N LYS D 282 -5.15 11.69 13.34
CA LYS D 282 -5.94 11.80 12.11
C LYS D 282 -5.59 10.65 11.16
N ALA D 283 -6.64 9.98 10.60
CA ALA D 283 -6.47 8.86 9.68
C ALA D 283 -5.53 9.17 8.52
N GLU D 284 -5.67 10.35 7.87
CA GLU D 284 -4.85 10.69 6.71
C GLU D 284 -3.35 10.83 7.06
N ILE D 285 -3.03 11.21 8.32
CA ILE D 285 -1.63 11.32 8.73
C ILE D 285 -1.09 9.91 8.99
N ARG D 287 -2.00 7.11 7.86
CA ARG D 287 -1.91 6.31 6.63
C ARG D 287 -0.50 6.38 5.99
N GLN D 288 0.31 7.39 6.33
CA GLN D 288 1.68 7.51 5.80
C GLN D 288 2.67 6.56 6.51
N VAL D 289 2.24 5.89 7.59
CA VAL D 289 3.09 4.95 8.35
C VAL D 289 3.12 3.58 7.66
N ALA D 290 4.32 2.96 7.58
CA ALA D 290 4.48 1.62 6.98
C ALA D 290 3.57 0.60 7.68
N PRO D 291 2.92 -0.32 6.93
CA PRO D 291 3.09 -0.61 5.50
C PRO D 291 2.15 0.13 4.55
N SER D 292 1.24 0.99 5.05
CA SER D 292 0.36 1.71 4.13
C SER D 292 1.09 2.86 3.44
N GLY D 293 2.06 3.44 4.13
CA GLY D 293 2.84 4.54 3.61
C GLY D 293 4.34 4.34 3.74
N PRO D 294 5.12 5.36 3.36
CA PRO D 294 6.58 5.24 3.35
C PRO D 294 7.36 5.54 4.64
N ILE D 295 6.66 6.02 5.70
N ILE D 295 6.68 6.05 5.68
CA ILE D 295 7.31 6.36 6.98
CA ILE D 295 7.40 6.37 6.92
C ILE D 295 7.49 5.06 7.74
C ILE D 295 7.51 5.11 7.74
N TYR D 296 8.74 4.60 7.85
CA TYR D 296 9.05 3.34 8.51
C TYR D 296 9.04 3.37 10.03
N GLN D 297 8.39 2.34 10.59
CA GLN D 297 8.33 2.10 12.03
C GLN D 297 7.85 0.67 12.19
N ALA D 298 8.54 -0.10 12.99
CA ALA D 298 8.26 -1.49 13.24
C ALA D 298 8.56 -1.82 14.69
N GLY D 299 8.02 -2.88 15.22
CA GLY D 299 8.42 -3.34 16.52
C GLY D 299 8.12 -4.81 16.64
N THR D 300 9.09 -5.57 17.05
CA THR D 300 8.92 -6.99 17.12
C THR D 300 7.91 -7.42 18.15
N LEU D 301 7.96 -6.83 19.34
CA LEU D 301 7.02 -7.13 20.43
C LEU D 301 5.79 -6.21 20.45
N SER D 302 5.72 -5.26 19.53
CA SER D 302 4.56 -4.35 19.46
C SER D 302 3.28 -5.12 19.26
N GLY D 303 2.27 -4.73 20.03
CA GLY D 303 0.96 -5.37 19.96
C GLY D 303 0.94 -6.82 20.43
N ASN D 304 1.95 -7.22 21.21
CA ASN D 304 1.93 -8.60 21.69
C ASN D 304 0.67 -8.82 22.57
N PRO D 305 0.02 -10.00 22.45
CA PRO D 305 -1.23 -10.24 23.19
C PRO D 305 -1.20 -10.07 24.70
N LEU D 306 -0.06 -10.30 25.35
CA LEU D 306 0.04 -10.14 26.79
C LEU D 306 -0.11 -8.67 27.21
N ALA D 307 0.62 -7.78 26.52
CA ALA D 307 0.58 -6.34 26.73
C ALA D 307 -0.80 -5.81 26.34
N ALA D 309 -3.66 -7.47 26.46
CA ALA D 309 -4.57 -7.94 27.53
C ALA D 309 -4.46 -7.04 28.76
N ALA D 310 -3.23 -6.74 29.23
CA ALA D 310 -3.02 -5.87 30.40
C ALA D 310 -3.60 -4.50 30.13
N GLY D 311 -3.34 -3.94 28.92
CA GLY D 311 -3.89 -2.64 28.54
C GLY D 311 -5.41 -2.59 28.47
N TYR D 312 -6.02 -3.63 27.87
CA TYR D 312 -7.48 -3.65 27.71
C TYR D 312 -8.17 -3.74 29.06
N GLU D 313 -7.74 -4.70 29.91
CA GLU D 313 -8.31 -4.87 31.26
C GLU D 313 -8.15 -3.62 32.11
N THR D 314 -7.05 -2.89 31.92
CA THR D 314 -6.80 -1.64 32.65
C THR D 314 -7.76 -0.55 32.17
N LEU D 315 -7.81 -0.29 30.84
CA LEU D 315 -8.66 0.79 30.31
C LEU D 315 -10.14 0.58 30.46
N VAL D 316 -10.60 -0.67 30.32
CA VAL D 316 -12.01 -1.03 30.42
C VAL D 316 -12.59 -0.76 31.82
N GLN D 317 -11.75 -0.86 32.88
CA GLN D 317 -12.13 -0.65 34.28
C GLN D 317 -12.18 0.83 34.66
N LEU D 318 -11.79 1.71 33.74
CA LEU D 318 -11.82 3.14 34.00
C LEU D 318 -13.11 3.63 33.44
N THR D 319 -13.86 4.38 34.26
CA THR D 319 -15.13 4.96 33.89
C THR D 319 -15.09 6.45 34.24
N PRO D 320 -16.06 7.28 33.79
CA PRO D 320 -16.05 8.69 34.22
C PRO D 320 -16.04 8.85 35.76
N GLU D 321 -16.65 7.88 36.50
CA GLU D 321 -16.72 7.89 37.98
C GLU D 321 -15.33 7.76 38.61
N SER D 322 -14.43 7.01 37.94
CA SER D 322 -13.04 6.82 38.41
C SER D 322 -12.37 8.19 38.65
N TYR D 323 -12.60 9.13 37.73
CA TYR D 323 -11.99 10.47 37.74
C TYR D 323 -12.64 11.40 38.73
N VAL D 324 -13.96 11.25 38.94
CA VAL D 324 -14.67 12.07 39.94
C VAL D 324 -14.02 11.73 41.30
N GLU D 325 -13.74 10.44 41.54
CA GLU D 325 -13.12 9.95 42.74
C GLU D 325 -11.66 10.40 42.85
N PHE D 326 -10.91 10.42 41.72
CA PHE D 326 -9.53 10.89 41.74
C PHE D 326 -9.50 12.35 42.18
N GLU D 327 -10.39 13.17 41.61
CA GLU D 327 -10.47 14.59 41.95
C GLU D 327 -10.83 14.83 43.42
N ARG D 328 -11.75 13.99 43.97
CA ARG D 328 -12.12 14.07 45.41
C ARG D 328 -10.89 13.78 46.27
N LYS D 329 -10.12 12.72 45.93
CA LYS D 329 -8.93 12.36 46.70
C LYS D 329 -7.78 13.38 46.54
N ALA D 330 -7.58 13.92 45.31
CA ALA D 330 -6.53 14.92 45.06
C ALA D 330 -6.83 16.21 45.84
N GLU D 331 -8.10 16.63 45.92
CA GLU D 331 -8.51 17.82 46.69
C GLU D 331 -8.29 17.57 48.18
N LEU D 333 -5.94 15.56 49.46
CA LEU D 333 -4.48 15.62 49.63
C LEU D 333 -3.97 17.04 49.66
N GLU D 334 -4.45 17.87 48.74
CA GLU D 334 -4.09 19.28 48.66
C GLU D 334 -4.40 20.00 49.98
N ALA D 335 -5.65 19.81 50.54
CA ALA D 335 -6.06 20.47 51.79
C ALA D 335 -5.19 20.05 52.97
N GLY D 336 -4.88 18.75 53.05
CA GLY D 336 -4.05 18.18 54.11
C GLY D 336 -2.59 18.62 54.04
N LEU D 337 -2.00 18.60 52.82
CA LEU D 337 -0.62 19.04 52.57
C LEU D 337 -0.49 20.54 52.84
N ARG D 338 -1.48 21.33 52.37
CA ARG D 338 -1.53 22.78 52.57
C ARG D 338 -1.62 23.12 54.06
N LYS D 339 -2.49 22.43 54.81
CA LYS D 339 -2.65 22.64 56.26
C LYS D 339 -1.35 22.30 57.00
N ALA D 340 -0.67 21.18 56.63
CA ALA D 340 0.59 20.78 57.26
C ALA D 340 1.71 21.83 57.01
N ALA D 341 1.79 22.37 55.78
CA ALA D 341 2.80 23.36 55.41
C ALA D 341 2.58 24.68 56.15
N GLU D 342 1.32 25.14 56.19
CA GLU D 342 0.90 26.40 56.83
C GLU D 342 1.16 26.35 58.33
N LYS D 343 0.83 25.23 58.98
CA LYS D 343 1.02 25.02 60.42
C LYS D 343 2.50 25.10 60.80
N HIS D 344 3.38 24.59 59.93
CA HIS D 344 4.83 24.58 60.20
C HIS D 344 5.63 25.68 59.46
N GLY D 345 4.95 26.63 58.83
CA GLY D 345 5.58 27.72 58.11
C GLY D 345 6.54 27.30 57.02
N ILE D 346 6.18 26.24 56.27
CA ILE D 346 7.02 25.74 55.19
C ILE D 346 6.64 26.43 53.89
N PRO D 347 7.64 26.94 53.12
CA PRO D 347 7.33 27.54 51.82
C PRO D 347 6.74 26.42 50.95
N HIS D 348 5.59 26.70 50.30
CA HIS D 348 4.90 25.68 49.53
C HIS D 348 3.99 26.25 48.44
N HIS D 349 3.82 25.48 47.37
CA HIS D 349 2.90 25.79 46.28
C HIS D 349 2.44 24.45 45.75
N ILE D 350 1.10 24.28 45.68
CA ILE D 350 0.49 23.04 45.22
C ILE D 350 -0.18 23.30 43.88
N ASN D 351 0.12 22.45 42.90
CA ASN D 351 -0.53 22.55 41.60
C ASN D 351 -1.50 21.40 41.44
N ARG D 352 -2.63 21.65 40.76
CA ARG D 352 -3.66 20.64 40.53
C ARG D 352 -4.25 20.78 39.13
N ALA D 353 -4.49 19.64 38.47
CA ALA D 353 -5.10 19.58 37.15
C ALA D 353 -5.71 18.20 37.04
N GLY D 354 -7.04 18.15 36.98
CA GLY D 354 -7.75 16.87 36.97
C GLY D 354 -7.39 16.03 38.17
N SER D 355 -6.95 14.79 37.94
CA SER D 355 -6.53 13.86 38.99
C SER D 355 -5.11 14.14 39.51
N ILE D 357 -1.75 16.02 41.00
CA ILE D 357 -1.40 16.92 42.09
C ILE D 357 0.09 16.84 42.40
N GLY D 358 0.69 17.98 42.70
CA GLY D 358 2.09 18.05 43.13
C GLY D 358 2.31 19.22 44.07
N ILE D 359 3.20 19.04 45.07
CA ILE D 359 3.55 20.10 46.02
C ILE D 359 5.04 20.46 45.78
N PHE D 360 5.33 21.75 45.62
CA PHE D 360 6.70 22.26 45.44
C PHE D 360 7.07 22.98 46.74
N PHE D 361 8.31 22.82 47.21
CA PHE D 361 8.79 23.52 48.41
C PHE D 361 9.30 24.94 48.10
N THR D 362 8.43 25.75 47.53
CA THR D 362 8.67 27.16 47.19
C THR D 362 7.35 27.89 47.31
N ASP D 363 7.36 29.18 47.70
CA ASP D 363 6.14 29.99 47.78
C ASP D 363 5.80 30.58 46.41
N GLU D 364 6.74 30.51 45.46
CA GLU D 364 6.53 31.03 44.12
C GLU D 364 5.43 30.27 43.38
N PRO D 365 4.54 30.97 42.64
CA PRO D 365 3.56 30.26 41.78
C PRO D 365 4.36 29.52 40.70
N VAL D 366 4.16 28.20 40.58
CA VAL D 366 4.91 27.38 39.63
C VAL D 366 4.14 27.22 38.29
N ILE D 367 4.53 28.05 37.30
CA ILE D 367 3.90 28.08 35.96
C ILE D 367 4.85 27.62 34.86
N ASN D 368 6.13 27.42 35.17
CA ASN D 368 7.16 26.96 34.23
C ASN D 368 8.35 26.36 34.96
N TYR D 369 9.33 25.81 34.22
CA TYR D 369 10.53 25.19 34.78
C TYR D 369 11.33 26.15 35.66
N ASP D 370 11.44 27.41 35.24
CA ASP D 370 12.18 28.41 35.99
C ASP D 370 11.64 28.58 37.42
N ALA D 371 10.30 28.61 37.59
CA ALA D 371 9.69 28.73 38.91
C ALA D 371 9.78 27.43 39.73
N ALA D 372 9.71 26.24 39.08
CA ALA D 372 9.82 24.96 39.77
C ALA D 372 11.22 24.80 40.37
N LYS D 373 12.27 25.34 39.67
CA LYS D 373 13.67 25.29 40.11
C LYS D 373 13.93 26.15 41.37
N SER D 374 12.97 26.99 41.78
CA SER D 374 13.09 27.76 43.02
C SER D 374 12.77 26.86 44.24
N SER D 375 12.33 25.60 44.01
CA SER D 375 12.00 24.68 45.12
C SER D 375 13.25 24.37 45.94
N ASN D 376 13.08 24.36 47.28
CA ASN D 376 14.16 24.02 48.20
C ASN D 376 14.31 22.49 48.22
N LEU D 377 15.34 22.01 47.50
CA LEU D 377 15.64 20.58 47.36
C LEU D 377 16.14 19.91 48.63
N GLN D 378 16.73 20.68 49.55
CA GLN D 378 17.17 20.17 50.85
C GLN D 378 15.91 19.89 51.72
N PHE D 379 14.92 20.80 51.71
CA PHE D 379 13.65 20.58 52.40
C PHE D 379 12.92 19.38 51.77
N PHE D 380 12.89 19.28 50.42
CA PHE D 380 12.24 18.14 49.78
C PHE D 380 12.88 16.85 50.24
N ALA D 381 14.24 16.77 50.19
CA ALA D 381 14.94 15.54 50.60
C ALA D 381 14.68 15.14 52.07
N ALA D 382 14.64 16.13 53.01
CA ALA D 382 14.39 15.83 54.43
C ALA D 382 12.94 15.35 54.61
N TYR D 383 11.99 16.01 53.95
CA TYR D 383 10.57 15.63 53.93
C TYR D 383 10.44 14.18 53.44
N TYR D 384 11.09 13.85 52.33
CA TYR D 384 11.03 12.55 51.70
C TYR D 384 11.47 11.41 52.59
N ARG D 385 12.63 11.55 53.22
CA ARG D 385 13.17 10.55 54.14
C ARG D 385 12.24 10.32 55.33
N GLU D 386 11.54 11.38 55.79
CA GLU D 386 10.61 11.22 56.90
C GLU D 386 9.30 10.52 56.42
N VAL D 388 9.18 8.22 54.13
CA VAL D 388 9.62 6.82 54.07
C VAL D 388 9.51 6.17 55.47
N GLU D 389 9.99 6.88 56.50
CA GLU D 389 9.95 6.41 57.88
C GLU D 389 8.50 6.20 58.35
N GLN D 390 7.58 7.05 57.86
CA GLN D 390 6.15 6.99 58.17
C GLN D 390 5.37 5.97 57.30
N GLY D 391 6.05 5.31 56.36
CA GLY D 391 5.46 4.31 55.48
C GLY D 391 4.71 4.86 54.30
N VAL D 392 5.24 5.93 53.71
CA VAL D 392 4.68 6.52 52.49
C VAL D 392 5.79 6.51 51.43
N PHE D 393 5.50 5.94 50.23
CA PHE D 393 6.45 5.86 49.14
C PHE D 393 6.04 6.86 48.08
N LEU D 394 6.66 8.05 48.13
CA LEU D 394 6.40 9.11 47.16
C LEU D 394 7.44 9.04 46.05
N PRO D 395 7.25 9.72 44.90
CA PRO D 395 8.33 9.73 43.89
C PRO D 395 9.60 10.40 44.47
N PRO D 396 10.75 9.73 44.41
CA PRO D 396 11.98 10.34 44.99
C PRO D 396 12.58 11.47 44.14
N SER D 397 11.78 12.52 43.89
CA SER D 397 12.20 13.68 43.13
C SER D 397 11.21 14.79 43.36
N GLN D 398 11.70 16.01 43.57
CA GLN D 398 10.82 17.18 43.72
C GLN D 398 10.07 17.45 42.41
N PHE D 399 10.64 17.01 41.29
CA PHE D 399 10.05 17.29 39.99
C PHE D 399 9.11 16.19 39.51
N GLU D 400 8.12 15.86 40.36
CA GLU D 400 7.10 14.85 40.11
C GLU D 400 5.89 15.12 40.99
N GLY D 401 4.72 14.72 40.53
CA GLY D 401 3.50 14.82 41.32
C GLY D 401 3.26 13.52 42.07
N LEU D 402 2.14 13.43 42.82
CA LEU D 402 1.76 12.20 43.54
C LEU D 402 0.83 11.45 42.60
N PHE D 403 1.05 10.15 42.41
CA PHE D 403 0.19 9.36 41.54
C PHE D 403 -0.92 8.65 42.34
N LEU D 404 -2.18 8.88 41.97
CA LEU D 404 -3.33 8.19 42.58
C LEU D 404 -3.75 6.98 41.74
N SER D 405 -4.40 6.03 42.42
CA SER D 405 -4.97 4.86 41.77
C SER D 405 -6.45 4.76 42.15
N THR D 406 -7.19 3.91 41.43
CA THR D 406 -8.61 3.67 41.71
C THR D 406 -8.75 2.91 43.04
N VAL D 407 -7.65 2.37 43.59
CA VAL D 407 -7.67 1.63 44.85
C VAL D 407 -7.03 2.31 46.05
N HIS D 408 -6.71 3.61 45.92
CA HIS D 408 -6.20 4.34 47.11
C HIS D 408 -7.44 4.53 48.00
N SER D 409 -7.35 4.15 49.26
CA SER D 409 -8.54 4.23 50.13
C SER D 409 -8.62 5.56 50.88
N ASP D 410 -9.76 5.87 51.52
CA ASP D 410 -9.85 7.05 52.38
C ASP D 410 -8.91 6.87 53.58
N ALA D 411 -8.67 5.62 54.00
CA ALA D 411 -7.73 5.36 55.10
C ALA D 411 -6.29 5.70 54.67
N ASP D 412 -5.91 5.35 53.43
CA ASP D 412 -4.57 5.70 52.88
C ASP D 412 -4.39 7.23 52.88
N ILE D 413 -5.38 7.99 52.39
CA ILE D 413 -5.34 9.45 52.30
C ILE D 413 -5.14 10.05 53.70
N GLU D 414 -5.94 9.57 54.68
CA GLU D 414 -5.82 10.01 56.07
C GLU D 414 -4.40 9.79 56.61
N ALA D 415 -3.89 8.57 56.48
CA ALA D 415 -2.54 8.19 56.96
C ALA D 415 -1.44 9.00 56.25
N THR D 416 -1.62 9.33 54.95
CA THR D 416 -0.66 10.13 54.16
C THR D 416 -0.64 11.56 54.71
N ILE D 417 -1.80 12.15 54.98
CA ILE D 417 -1.88 13.52 55.51
C ILE D 417 -1.23 13.58 56.93
N ALA D 418 -1.51 12.55 57.76
CA ALA D 418 -0.95 12.42 59.11
C ALA D 418 0.60 12.28 59.03
N ALA D 419 1.09 11.51 58.04
CA ALA D 419 2.52 11.32 57.80
C ALA D 419 3.17 12.64 57.32
N ALA D 420 2.47 13.41 56.47
CA ALA D 420 2.97 14.70 55.96
C ALA D 420 3.09 15.73 57.08
N GLU D 421 2.12 15.74 58.01
CA GLU D 421 2.16 16.65 59.15
C GLU D 421 3.44 16.44 60.01
N ILE D 422 3.79 15.17 60.32
CA ILE D 422 5.00 14.80 61.06
C ILE D 422 6.26 15.12 60.22
N ALA D 423 6.24 14.81 58.91
CA ALA D 423 7.39 15.11 58.04
C ALA D 423 7.68 16.62 57.93
N SER D 425 6.90 18.88 60.29
CA SER D 425 7.24 19.31 61.66
C SER D 425 8.73 19.28 61.94
N LYS D 426 9.47 18.45 61.20
CA LYS D 426 10.90 18.21 61.37
C LYS D 426 11.80 18.99 60.42
N LEU D 427 11.23 19.73 59.45
CA LEU D 427 11.98 20.50 58.47
C LEU D 427 12.74 21.71 59.05
N LYS D 428 12.10 22.45 59.96
CA LYS D 428 12.71 23.64 60.58
C LYS D 428 13.08 23.36 62.04
#